data_6QCV
#
_entry.id   6QCV
#
_cell.length_a   200.191
_cell.length_b   200.191
_cell.length_c   256.208
_cell.angle_alpha   90.00
_cell.angle_beta   90.00
_cell.angle_gamma   120.00
#
_symmetry.space_group_name_H-M   'P 32 2 1'
#
loop_
_entity.id
_entity.type
_entity.pdbx_description
1 polymer 'Polymerase acidic protein'
2 polymer 'RNA-directed RNA polymerase catalytic subunit'
3 polymer 'Polymerase basic protein 2'
4 polymer "RNA (5'-D(*(GDM))-R(P*GP*AP*AP*UP*GP*CP*UP*AP*UP*AP*AP*UP*AP*G)-3')"
5 polymer "RNA (5'-R(*UP*AP*UP*AP*CP*CP*UP*CP*UP*GP*CP*UP*UP*CP*UP*GP*CP*UP*AP*UP*U)-3')"
6 polymer "RNA (5'-R(P*AP*GP*UP*AP*GP*UP*AP*AP*CP*AP*AP*GP*AP*G)-3')"
7 non-polymer 'PHOSPHATE ION'
8 non-polymer "CYTIDINE-5'-TRIPHOSPHATE"
9 non-polymer 'MAGNESIUM ION'
#
loop_
_entity_poly.entity_id
_entity_poly.type
_entity_poly.pdbx_seq_one_letter_code
_entity_poly.pdbx_strand_id
1 'polypeptide(L)'
;GSHHHHHHHHGSGSMDTFITRNFQTTIIQKAKNTMAEFSEDPELQPAMLFNICVHLEVCYVISDMNFLDEEGKAYTALEG
QGKEQNLRPQYEVIEGMPRTIAWMVQRSLAQEHGIETPKYLADLFDYKTKRFIEVGITKGLADDYFWKKKEKLGNSMELM
IFSYNQDYSLSNESSLDEEGKGRVLSRLTELQAELSLKNLWQVLIGEEDVEKGIDFKLGQTISRLRDISVPAGFSNFEGM
RSYIDNIDPKGAIERNLARMSPLVSVTPKKLTWEDLRPIGPHIYNHELPEVPYNAFLLMSDELGLANMTEGKSKKPKTLA
KECLEKYSTLRDQTDPILIMKSEKANENFLWKLWRDCVNTISNEEMSNELQKTNYAKWATGDGLTYQKIMKEVAIDDETM
CQEEPKIPNKCRVAAWVQTEMNLLSTLTSKRALDLPEIGPDVAPVEHVGSERRKYFVNEINYCKASTVMMKYVLFHTSLL
NESNASMGKYKVIPITNRVVNEKGESFDMLYGLAVKGQSHLRGDTDVVTVVTFEFSSTDPRVDSGKWPKYTVFRIGSLFV
SGREKSVYLYCRVNGTNKIQMKWGMEARRCLLQSMQQMEAIVEQESSIQGYDMTKACFKGDRVNSPKTFSIGTQEGKLVK
GSFGKALRVIFTKCLMHYVFGNAQLEGFSAESRRLLLLIQALKDRKGPWVFDLEGMYSGIEECISNNPWVIQSAYWFNEW
LGFEKEGSKVLESVDEIMDEGSGSGENLYFQ
;
A
2 'polypeptide(L)'
;GSGSGSGSGMNINPYFLFIDVPIQAAISTTFPYTGVPPYSHGTGTGYTIDTVIRTHEYSNKGKQYISDVTGCTMVDPTNG
PLPEDNEPSAYAQLDCVLEALDRMDEEHPGLFQAASQNAMETLMVTTVDKLTQGRQTFDWTVCRNQPAATALNTTITSFR
LNDLNGADKGGLIPFCQDIIDSLDRPEMTFFSVKNIKKKLPAKNRKGFLIKRIPMKVKDKITKVEYIKRALSLNTMTKDA
ERGKLKRRAIATAGIQIRGFVLVVENLAKNICENLEQSGLPVGGNEKKAKLSNAVAKMLSNCPPGGISMTVTGDNTKWNE
CLNPRIFLAMTERITRDSPIWFRDFCSIAPVLFSNKIARLGKGFMITSKTKRLKAQIPCPDLFSIPLERYNEETRAKLKK
LKPFFNEEGTASLSPGMMMGMFNMLSTVLGVAALGIKNIGNKEYLWDGLQSSDDFALFVNAKDEETCMEGINDFYRTCKL
LGINMSKKKSYCNETGMFEFTSMFYRDGFVSNFAMELPSFGVAGVNESADMAIGMTIIKNNMINNGMGPATAQTAIQLFI
ADYRYTYKCHRGDSKVEGKRMKIIKELWENTKGRDGLLVADGGPNIYNLRNLHIPEIVLKYNLMDPEYKGRLLHPQNPFV
GHLSIEGIKEADITPAHGPVKKMDYDAVSGTHSWRTKRNRSILNTDQRNMILEEQCYAKCCNLFEACFNSASYRKPVGQH
SMLEAMAHRLRMDARLDYESGRMSKDDFEKAMAHLGEIGYIGSGSGENLYFQ
;
B
3 'polypeptide(L)'
;GSGSGSGSGMTLAKIELLKQLLRDNEAKTVLKQTTVDQYNIIRKFNTSRIEKNPSLRMKWAMCSNFPLALTKGDMANRIP
LEYKGIQLKTNAEDIGTKGQMCSIAAVTWWNTYGPIGDTEGFERVYESFFLRKMRLDNATWGRITFGPVERVRKRVLLNP
LTKEMPPDEASNVIMEILFPKEAGIPRESTWIHRELIKEKREKLKGTMITPIVLAYMLERELVARRRFLPVAGATSAEFI
EMLHCLQGENWRQIYHPGGNKLTESRSQSMIVACRKIIRRSIVASNPLELAVEIANKTVIDTEPLKSCLAAIDGGDVACD
IIRAALGLKIRQRQRFGRLELKRISGRGFKNDEEILIGNGTIQKIGIWDGEEEFHVRCGECRGILKKSKMKLEKLLINSA
KKEDMRDLIILCMVFSQDTRMFQGVRGEINFLNRAGQLLSPMYQLQRYFLNRSNDLFDQWGYEESPKASELHGINESMNA
SDYTLKGVVVTRNVIDDFSSTETEKVSITKNLSLIKRTGEVIMGANDVSELESQAQLMITYDTPKMWEMGTTKELVQNTY
QWVLKNLVTLKAQFLLGKEDMFQWDAFEAFESIIPQKMAGQYSGFARAVLKQMRDQEVMKTDQFIKLLPFCFSPPKLRSN
GEPYQFLKLVLKGGGENFIEVRKGSPLFSYNPQTEVLTICGRMMSLKGKIEDEERNRSMGNAVLAGFLVSGKYDPDLGDF
KTIEELEKLKPGEKANILLYQGKPVKVVKRKRYSALSNDISQGIKRQRMTVESMGWALSGWSHPQFEKGSGSENLYFQ
;
C
4 'polyribonucleotide' (M7G)GAAUGCUAUAAUAG M
5 'polyribonucleotide' UAUACCUCUGCUUCUGCUAUU R
6 'polyribonucleotide' AGUAGUAACAAGAG V
#
loop_
_chem_comp.id
_chem_comp.type
_chem_comp.name
_chem_comp.formula
A RNA linking ADENOSINE-5'-MONOPHOSPHATE 'C10 H14 N5 O7 P'
C RNA linking CYTIDINE-5'-MONOPHOSPHATE 'C9 H14 N3 O8 P'
CTP non-polymer CYTIDINE-5'-TRIPHOSPHATE 'C9 H16 N3 O14 P3'
G RNA linking GUANOSINE-5'-MONOPHOSPHATE 'C10 H14 N5 O8 P'
M7G non-polymer 7N-METHYL-8-HYDROGUANOSINE-5'-DIPHOSPHATE 'C11 H19 N5 O11 P2'
MG non-polymer 'MAGNESIUM ION' 'Mg 2'
PO4 non-polymer 'PHOSPHATE ION' 'O4 P -3'
U RNA linking URIDINE-5'-MONOPHOSPHATE 'C9 H13 N2 O9 P'
#
# COMPACT_ATOMS: atom_id res chain seq x y z
N SER A 14 -49.27 -28.31 17.39
CA SER A 14 -47.84 -27.90 17.44
C SER A 14 -47.34 -27.91 18.89
N MET A 15 -46.06 -27.58 19.09
CA MET A 15 -45.37 -27.61 20.42
C MET A 15 -45.38 -26.21 21.06
N ASP A 16 -45.85 -25.19 20.32
CA ASP A 16 -45.75 -23.76 20.67
C ASP A 16 -46.37 -23.51 22.06
N THR A 17 -47.64 -23.88 22.24
CA THR A 17 -48.44 -23.64 23.48
C THR A 17 -48.03 -24.63 24.57
N PHE A 18 -47.47 -25.79 24.21
CA PHE A 18 -47.14 -26.91 25.13
C PHE A 18 -46.01 -26.50 26.07
N ILE A 19 -44.87 -26.06 25.52
CA ILE A 19 -43.59 -25.80 26.25
C ILE A 19 -43.80 -24.66 27.26
N THR A 20 -44.73 -23.74 26.98
CA THR A 20 -45.11 -22.60 27.88
C THR A 20 -45.62 -23.16 29.23
N ARG A 21 -46.44 -24.21 29.20
CA ARG A 21 -47.05 -24.83 30.41
C ARG A 21 -46.00 -25.66 31.17
N ASN A 22 -45.30 -26.55 30.45
CA ASN A 22 -44.40 -27.59 31.03
C ASN A 22 -43.15 -26.93 31.62
N PHE A 23 -42.36 -26.25 30.80
CA PHE A 23 -41.02 -25.68 31.15
C PHE A 23 -41.16 -24.20 31.52
N GLN A 24 -40.29 -23.72 32.43
CA GLN A 24 -40.23 -22.31 32.88
C GLN A 24 -39.53 -21.46 31.82
N THR A 25 -39.62 -20.13 31.94
CA THR A 25 -39.07 -19.14 30.98
C THR A 25 -37.54 -19.29 30.93
N THR A 26 -36.91 -19.63 32.08
CA THR A 26 -35.46 -19.92 32.20
C THR A 26 -35.06 -20.95 31.14
N ILE A 27 -35.73 -22.11 31.15
CA ILE A 27 -35.46 -23.27 30.25
C ILE A 27 -35.87 -22.89 28.82
N ILE A 28 -37.01 -22.23 28.64
CA ILE A 28 -37.55 -21.78 27.32
C ILE A 28 -36.49 -20.90 26.63
N GLN A 29 -36.09 -19.80 27.28
CA GLN A 29 -35.18 -18.76 26.72
C GLN A 29 -33.78 -19.35 26.53
N LYS A 30 -33.20 -19.92 27.59
CA LYS A 30 -31.79 -20.40 27.64
C LYS A 30 -31.57 -21.47 26.55
N ALA A 31 -32.61 -22.23 26.19
CA ALA A 31 -32.62 -23.19 25.06
C ALA A 31 -32.66 -22.43 23.73
N LYS A 32 -33.54 -21.43 23.62
CA LYS A 32 -33.73 -20.59 22.41
C LYS A 32 -32.43 -19.84 22.09
N ASN A 33 -31.63 -19.53 23.11
CA ASN A 33 -30.26 -18.96 22.97
C ASN A 33 -29.34 -20.02 22.34
N THR A 34 -29.38 -21.25 22.87
CA THR A 34 -28.60 -22.41 22.35
C THR A 34 -28.95 -22.65 20.88
N MET A 35 -30.25 -22.59 20.55
CA MET A 35 -30.77 -22.73 19.16
C MET A 35 -30.32 -21.54 18.32
N ALA A 36 -30.44 -20.32 18.85
CA ALA A 36 -30.04 -19.06 18.18
C ALA A 36 -28.56 -19.13 17.81
N GLU A 37 -27.70 -19.56 18.73
CA GLU A 37 -26.23 -19.68 18.53
C GLU A 37 -25.93 -20.68 17.41
N PHE A 38 -26.70 -21.78 17.32
CA PHE A 38 -26.64 -22.78 16.22
C PHE A 38 -27.35 -22.24 14.98
N SER A 39 -28.10 -21.13 15.12
CA SER A 39 -28.79 -20.40 14.03
C SER A 39 -29.86 -21.29 13.39
N GLU A 40 -30.85 -21.72 14.18
CA GLU A 40 -32.03 -22.49 13.74
C GLU A 40 -33.27 -21.96 14.47
N ASP A 41 -34.37 -21.75 13.74
CA ASP A 41 -35.60 -21.07 14.23
C ASP A 41 -36.28 -21.95 15.28
N PRO A 42 -36.51 -21.43 16.51
CA PRO A 42 -37.25 -22.18 17.55
C PRO A 42 -38.65 -22.65 17.15
N GLU A 43 -39.35 -21.89 16.30
CA GLU A 43 -40.76 -22.16 15.90
C GLU A 43 -40.79 -23.17 14.74
N LEU A 44 -39.84 -23.11 13.81
CA LEU A 44 -39.78 -23.97 12.59
C LEU A 44 -39.23 -25.36 12.94
N GLN A 45 -38.62 -25.54 14.12
CA GLN A 45 -38.15 -26.86 14.61
C GLN A 45 -38.38 -26.96 16.13
N PRO A 46 -39.64 -27.15 16.59
CA PRO A 46 -39.93 -27.29 18.02
C PRO A 46 -39.47 -28.64 18.61
N ALA A 47 -39.38 -29.67 17.77
CA ALA A 47 -38.85 -31.02 18.12
C ALA A 47 -37.42 -30.87 18.65
N MET A 48 -36.60 -30.06 17.96
CA MET A 48 -35.19 -29.75 18.33
C MET A 48 -35.18 -28.93 19.62
N LEU A 49 -36.14 -28.01 19.79
CA LEU A 49 -36.31 -27.15 20.99
C LEU A 49 -36.62 -28.03 22.22
N PHE A 50 -37.65 -28.88 22.11
CA PHE A 50 -38.10 -29.78 23.21
C PHE A 50 -36.94 -30.65 23.69
N ASN A 51 -36.20 -31.26 22.74
CA ASN A 51 -35.03 -32.12 23.02
C ASN A 51 -34.05 -31.39 23.93
N ILE A 52 -33.63 -30.18 23.55
CA ILE A 52 -32.65 -29.33 24.29
C ILE A 52 -33.28 -28.85 25.60
N CYS A 53 -34.60 -28.58 25.61
CA CYS A 53 -35.38 -28.18 26.82
C CYS A 53 -35.29 -29.29 27.87
N VAL A 54 -35.63 -30.53 27.48
CA VAL A 54 -35.53 -31.76 28.34
C VAL A 54 -34.06 -31.95 28.73
N HIS A 55 -33.15 -31.88 27.74
CA HIS A 55 -31.67 -32.00 27.93
C HIS A 55 -31.20 -31.06 29.04
N LEU A 56 -31.72 -29.82 29.05
CA LEU A 56 -31.35 -28.75 30.01
C LEU A 56 -32.06 -29.01 31.36
N GLU A 57 -33.36 -29.34 31.34
CA GLU A 57 -34.16 -29.56 32.57
C GLU A 57 -33.60 -30.76 33.34
N VAL A 58 -33.19 -31.83 32.64
CA VAL A 58 -32.55 -33.04 33.23
C VAL A 58 -31.27 -32.64 33.97
N CYS A 59 -30.45 -31.78 33.35
CA CYS A 59 -29.12 -31.35 33.86
C CYS A 59 -29.29 -30.53 35.15
N TYR A 60 -30.25 -29.60 35.19
CA TYR A 60 -30.53 -28.73 36.36
C TYR A 60 -30.94 -29.57 37.57
N VAL A 61 -31.73 -30.63 37.34
CA VAL A 61 -32.24 -31.55 38.41
C VAL A 61 -31.07 -32.31 39.04
N ILE A 62 -30.03 -32.62 38.26
CA ILE A 62 -28.82 -33.37 38.72
C ILE A 62 -27.94 -32.47 39.61
N SER A 63 -28.10 -31.14 39.50
CA SER A 63 -27.29 -30.13 40.23
C SER A 63 -28.18 -29.12 40.96
N ASP A 64 -29.43 -29.47 41.27
CA ASP A 64 -30.40 -28.56 41.92
C ASP A 64 -30.01 -28.35 43.38
N MET A 65 -30.07 -29.41 44.20
CA MET A 65 -29.86 -29.34 45.68
C MET A 65 -28.48 -29.90 46.06
N ASN A 66 -27.66 -30.28 45.07
CA ASN A 66 -26.30 -30.85 45.30
C ASN A 66 -25.36 -29.72 45.75
N PHE A 67 -24.99 -29.69 47.04
CA PHE A 67 -24.11 -28.66 47.65
C PHE A 67 -22.88 -29.31 48.28
N LEU A 68 -21.78 -28.56 48.35
CA LEU A 68 -20.49 -28.97 48.98
C LEU A 68 -20.21 -28.06 50.18
N ASP A 69 -19.78 -28.65 51.30
CA ASP A 69 -19.35 -27.92 52.54
C ASP A 69 -17.85 -27.60 52.43
N GLU A 70 -17.32 -26.84 53.38
CA GLU A 70 -15.92 -26.34 53.38
C GLU A 70 -14.95 -27.49 53.67
N GLU A 71 -15.42 -28.57 54.31
CA GLU A 71 -14.64 -29.80 54.57
C GLU A 71 -14.40 -30.54 53.24
N GLY A 72 -15.43 -30.64 52.40
CA GLY A 72 -15.37 -31.20 51.03
C GLY A 72 -16.14 -32.51 50.91
N LYS A 73 -17.44 -32.48 51.23
CA LYS A 73 -18.36 -33.65 51.13
C LYS A 73 -19.73 -33.17 50.61
N ALA A 74 -20.41 -34.03 49.85
CA ALA A 74 -21.72 -33.75 49.21
C ALA A 74 -22.82 -33.68 50.28
N TYR A 75 -23.79 -32.77 50.11
CA TYR A 75 -24.99 -32.65 50.98
C TYR A 75 -26.14 -31.96 50.21
N THR A 76 -27.36 -32.19 50.70
CA THR A 76 -28.65 -31.70 50.14
C THR A 76 -29.11 -30.47 50.93
N ALA A 77 -29.64 -29.46 50.23
CA ALA A 77 -30.20 -28.21 50.82
C ALA A 77 -31.73 -28.31 50.87
N GLN A 85 -27.99 -18.76 51.75
CA GLN A 85 -27.02 -19.00 52.87
C GLN A 85 -25.70 -19.52 52.30
N ASN A 86 -25.70 -20.74 51.75
CA ASN A 86 -24.51 -21.42 51.17
C ASN A 86 -24.59 -21.34 49.64
N LEU A 87 -23.54 -20.82 48.99
CA LEU A 87 -23.47 -20.57 47.52
C LEU A 87 -22.23 -21.26 46.94
N ARG A 88 -22.26 -22.59 46.81
CA ARG A 88 -21.18 -23.39 46.15
C ARG A 88 -21.69 -24.81 45.90
N PRO A 89 -22.16 -25.11 44.66
CA PRO A 89 -22.74 -26.43 44.35
C PRO A 89 -21.69 -27.53 44.12
N GLN A 90 -22.15 -28.75 43.88
CA GLN A 90 -21.30 -29.96 43.69
C GLN A 90 -21.01 -30.17 42.20
N TYR A 91 -21.97 -29.83 41.32
CA TYR A 91 -21.87 -29.98 39.85
C TYR A 91 -21.75 -28.59 39.21
N GLU A 92 -21.40 -28.54 37.92
CA GLU A 92 -21.25 -27.30 37.11
C GLU A 92 -22.04 -27.44 35.80
N VAL A 93 -23.20 -26.79 35.70
CA VAL A 93 -24.12 -26.83 34.53
C VAL A 93 -23.48 -26.08 33.36
N ILE A 94 -23.02 -26.81 32.34
CA ILE A 94 -22.37 -26.22 31.13
C ILE A 94 -23.43 -26.02 30.03
N GLU A 95 -24.28 -27.03 29.81
CA GLU A 95 -25.45 -26.94 28.88
C GLU A 95 -26.34 -25.78 29.33
N GLY A 96 -26.73 -24.91 28.40
CA GLY A 96 -27.49 -23.67 28.66
C GLY A 96 -26.63 -22.44 28.46
N MET A 97 -25.41 -22.43 29.03
CA MET A 97 -24.47 -21.29 28.97
C MET A 97 -23.96 -21.12 27.54
N PRO A 98 -24.01 -19.90 26.96
CA PRO A 98 -23.45 -19.64 25.63
C PRO A 98 -22.04 -20.19 25.39
N ARG A 99 -21.81 -20.63 24.15
CA ARG A 99 -20.60 -21.36 23.66
C ARG A 99 -19.33 -20.83 24.33
N THR A 100 -19.05 -19.53 24.16
CA THR A 100 -17.78 -18.87 24.56
C THR A 100 -17.67 -18.74 26.08
N ILE A 101 -18.79 -18.81 26.80
CA ILE A 101 -18.81 -18.88 28.30
C ILE A 101 -18.58 -20.34 28.69
N ALA A 102 -19.37 -21.25 28.11
CA ALA A 102 -19.31 -22.71 28.34
C ALA A 102 -17.87 -23.21 28.19
N TRP A 103 -17.21 -22.86 27.08
CA TRP A 103 -15.84 -23.30 26.74
C TRP A 103 -14.82 -22.70 27.72
N MET A 104 -14.98 -21.41 28.06
CA MET A 104 -14.17 -20.72 29.10
C MET A 104 -14.28 -21.50 30.41
N VAL A 105 -15.51 -21.79 30.85
CA VAL A 105 -15.79 -22.59 32.09
C VAL A 105 -15.09 -23.95 31.96
N GLN A 106 -15.34 -24.67 30.87
CA GLN A 106 -14.81 -26.03 30.60
C GLN A 106 -13.28 -26.03 30.68
N ARG A 107 -12.62 -25.09 29.99
CA ARG A 107 -11.14 -24.95 29.96
C ARG A 107 -10.63 -24.59 31.36
N SER A 108 -11.22 -23.56 31.98
CA SER A 108 -10.88 -23.07 33.34
C SER A 108 -10.81 -24.25 34.32
N LEU A 109 -11.83 -25.13 34.30
CA LEU A 109 -11.95 -26.32 35.20
C LEU A 109 -10.81 -27.30 34.94
N ALA A 110 -10.63 -27.70 33.67
CA ALA A 110 -9.63 -28.70 33.22
C ALA A 110 -8.23 -28.26 33.64
N GLN A 111 -7.86 -27.01 33.32
CA GLN A 111 -6.50 -26.45 33.56
C GLN A 111 -6.23 -26.30 35.06
N GLU A 112 -7.26 -25.97 35.85
CA GLU A 112 -7.17 -25.76 37.32
C GLU A 112 -6.89 -27.09 38.02
N HIS A 113 -7.80 -28.05 37.90
CA HIS A 113 -7.71 -29.41 38.52
C HIS A 113 -6.56 -30.20 37.86
N GLY A 114 -6.21 -29.86 36.62
CA GLY A 114 -5.03 -30.40 35.93
C GLY A 114 -5.34 -31.68 35.18
N ILE A 115 -6.22 -31.57 34.17
CA ILE A 115 -6.53 -32.67 33.21
C ILE A 115 -6.70 -32.05 31.81
N GLU A 116 -6.56 -32.87 30.75
CA GLU A 116 -6.71 -32.44 29.34
C GLU A 116 -8.18 -32.11 29.08
N THR A 117 -8.44 -31.06 28.30
CA THR A 117 -9.80 -30.57 27.94
C THR A 117 -10.38 -31.48 26.86
N PRO A 118 -11.64 -31.96 27.00
CA PRO A 118 -12.26 -32.77 25.96
C PRO A 118 -12.53 -31.92 24.70
N LYS A 119 -12.29 -32.51 23.52
CA LYS A 119 -12.38 -31.83 22.20
C LYS A 119 -13.83 -31.41 21.92
N TYR A 120 -14.79 -32.15 22.48
CA TYR A 120 -16.25 -31.86 22.41
C TYR A 120 -16.68 -31.14 23.69
N LEU A 121 -17.74 -30.32 23.59
CA LEU A 121 -18.31 -29.53 24.71
C LEU A 121 -19.10 -30.47 25.63
N ALA A 122 -18.78 -30.46 26.93
CA ALA A 122 -19.41 -31.32 27.97
C ALA A 122 -20.74 -30.69 28.43
N ASP A 123 -21.53 -31.43 29.21
CA ASP A 123 -22.86 -31.00 29.74
C ASP A 123 -22.72 -30.61 31.22
N LEU A 124 -22.12 -31.51 32.03
CA LEU A 124 -21.93 -31.30 33.48
C LEU A 124 -20.48 -31.60 33.87
N PHE A 125 -20.11 -31.25 35.10
CA PHE A 125 -18.78 -31.50 35.71
C PHE A 125 -18.94 -31.55 37.24
N ASP A 126 -18.50 -32.65 37.86
CA ASP A 126 -18.62 -32.91 39.33
C ASP A 126 -17.32 -32.47 40.01
N TYR A 127 -17.41 -31.49 40.91
CA TYR A 127 -16.27 -30.85 41.61
C TYR A 127 -15.58 -31.85 42.56
N LYS A 128 -16.32 -32.82 43.10
CA LYS A 128 -15.81 -33.85 44.04
C LYS A 128 -15.12 -34.97 43.26
N THR A 129 -15.72 -35.41 42.14
CA THR A 129 -15.19 -36.47 41.24
C THR A 129 -13.99 -35.93 40.45
N LYS A 130 -13.98 -34.64 40.13
CA LYS A 130 -12.98 -33.97 39.27
C LYS A 130 -12.98 -34.65 37.88
N ARG A 131 -14.16 -34.82 37.29
CA ARG A 131 -14.37 -35.46 35.97
C ARG A 131 -15.53 -34.77 35.25
N PHE A 132 -15.47 -34.69 33.91
CA PHE A 132 -16.54 -34.16 33.03
C PHE A 132 -17.63 -35.22 32.87
N ILE A 133 -18.88 -34.77 32.73
CA ILE A 133 -20.09 -35.63 32.60
C ILE A 133 -20.85 -35.23 31.33
N GLU A 134 -21.05 -36.19 30.43
CA GLU A 134 -21.86 -36.04 29.18
C GLU A 134 -23.24 -36.67 29.43
N VAL A 135 -24.31 -35.89 29.25
CA VAL A 135 -25.72 -36.32 29.41
C VAL A 135 -26.34 -36.45 28.01
N GLY A 136 -27.18 -37.47 27.82
CA GLY A 136 -27.84 -37.77 26.53
C GLY A 136 -29.20 -38.39 26.72
N ILE A 137 -30.24 -37.81 26.11
CA ILE A 137 -31.63 -38.34 26.08
C ILE A 137 -31.86 -39.01 24.73
N THR A 138 -32.45 -40.21 24.73
CA THR A 138 -32.68 -41.05 23.52
C THR A 138 -34.14 -41.54 23.52
N LYS A 139 -34.62 -41.98 22.35
CA LYS A 139 -36.02 -42.38 22.08
C LYS A 139 -36.16 -43.90 22.27
N GLY A 140 -35.22 -44.68 21.71
CA GLY A 140 -35.21 -46.16 21.78
C GLY A 140 -34.59 -46.67 23.06
N LEU A 141 -33.40 -47.28 22.96
CA LEU A 141 -32.70 -48.00 24.08
C LEU A 141 -31.55 -47.13 24.60
N ALA A 142 -31.48 -46.94 25.92
CA ALA A 142 -30.44 -46.15 26.61
C ALA A 142 -29.11 -46.91 26.63
N ASP A 143 -29.17 -48.25 26.65
CA ASP A 143 -27.98 -49.14 26.66
C ASP A 143 -27.26 -49.05 25.31
N ASP A 144 -28.01 -49.03 24.21
CA ASP A 144 -27.50 -48.88 22.82
C ASP A 144 -26.79 -47.53 22.68
N TYR A 145 -27.44 -46.46 23.16
CA TYR A 145 -27.00 -45.04 22.98
C TYR A 145 -25.75 -44.74 23.81
N PHE A 146 -25.46 -45.56 24.82
CA PHE A 146 -24.23 -45.49 25.66
C PHE A 146 -23.01 -45.86 24.81
N TRP A 147 -23.11 -46.98 24.07
CA TRP A 147 -22.01 -47.54 23.24
C TRP A 147 -21.86 -46.73 21.95
N LYS A 148 -22.91 -46.01 21.53
CA LYS A 148 -22.90 -45.10 20.35
C LYS A 148 -21.99 -43.90 20.64
N LYS A 149 -22.11 -43.30 21.83
CA LYS A 149 -21.39 -42.06 22.24
C LYS A 149 -20.01 -42.42 22.84
N LYS A 150 -19.71 -43.71 23.00
CA LYS A 150 -18.41 -44.22 23.50
C LYS A 150 -17.35 -44.13 22.39
N GLU A 151 -17.77 -44.01 21.13
CA GLU A 151 -16.88 -43.91 19.94
C GLU A 151 -16.18 -42.55 19.93
N LYS A 152 -16.92 -41.47 20.24
CA LYS A 152 -16.43 -40.06 20.20
C LYS A 152 -15.55 -39.78 21.42
N LEU A 153 -16.12 -39.92 22.62
CA LEU A 153 -15.46 -39.59 23.91
C LEU A 153 -14.43 -40.66 24.26
N GLY A 154 -14.86 -41.93 24.33
CA GLY A 154 -14.03 -43.06 24.79
C GLY A 154 -13.99 -43.14 26.30
N ASN A 155 -13.21 -42.26 26.93
CA ASN A 155 -13.15 -42.06 28.41
C ASN A 155 -12.63 -40.65 28.70
N SER A 156 -13.19 -39.64 28.04
CA SER A 156 -12.92 -38.19 28.26
C SER A 156 -13.93 -37.62 29.27
N MET A 157 -15.19 -38.07 29.18
CA MET A 157 -16.30 -37.71 30.11
C MET A 157 -16.99 -38.99 30.59
N GLU A 158 -17.40 -39.03 31.86
CA GLU A 158 -18.18 -40.15 32.46
C GLU A 158 -19.64 -40.01 32.02
N LEU A 159 -20.03 -40.72 30.96
CA LEU A 159 -21.39 -40.66 30.33
C LEU A 159 -22.47 -40.89 31.39
N MET A 160 -23.65 -40.27 31.19
CA MET A 160 -24.88 -40.54 32.00
C MET A 160 -26.11 -40.47 31.08
N ILE A 161 -26.47 -41.60 30.48
CA ILE A 161 -27.55 -41.72 29.45
C ILE A 161 -28.88 -42.08 30.14
N PHE A 162 -29.99 -41.53 29.64
CA PHE A 162 -31.38 -41.81 30.10
C PHE A 162 -32.31 -41.91 28.87
N SER A 163 -33.49 -42.51 29.07
CA SER A 163 -34.57 -42.62 28.04
C SER A 163 -35.94 -42.65 28.73
N TYR A 164 -37.02 -42.54 27.94
CA TYR A 164 -38.41 -42.31 28.40
C TYR A 164 -39.07 -43.63 28.84
N ASN A 165 -38.49 -44.78 28.49
CA ASN A 165 -39.04 -46.13 28.79
C ASN A 165 -38.41 -46.67 30.09
N GLN A 166 -38.03 -45.79 31.02
CA GLN A 166 -37.47 -46.14 32.35
C GLN A 166 -36.26 -47.06 32.17
N ASP A 167 -35.19 -46.52 31.56
CA ASP A 167 -33.95 -47.26 31.18
C ASP A 167 -32.76 -46.32 31.37
N TYR A 168 -31.90 -46.60 32.37
CA TYR A 168 -30.73 -45.77 32.76
C TYR A 168 -29.44 -46.56 32.51
N SER A 169 -28.44 -45.90 31.94
CA SER A 169 -27.09 -46.46 31.63
C SER A 169 -26.02 -45.42 31.99
N LEU A 170 -25.52 -45.46 33.23
CA LEU A 170 -24.47 -44.55 33.76
C LEU A 170 -23.10 -45.24 33.64
N SER A 171 -22.03 -44.53 33.98
CA SER A 171 -20.63 -45.03 33.98
C SER A 171 -20.39 -45.89 35.24
N ASN A 172 -19.36 -46.74 35.21
CA ASN A 172 -18.98 -47.67 36.32
C ASN A 172 -18.90 -46.89 37.63
N GLU A 173 -18.35 -45.67 37.59
CA GLU A 173 -18.29 -44.72 38.74
C GLU A 173 -19.37 -43.65 38.54
N SER A 174 -20.57 -43.91 39.08
CA SER A 174 -21.74 -42.99 39.06
C SER A 174 -21.99 -42.46 40.47
N SER A 175 -21.94 -41.13 40.64
CA SER A 175 -22.13 -40.41 41.93
C SER A 175 -23.62 -40.24 42.23
N LEU A 176 -24.48 -40.39 41.21
CA LEU A 176 -25.96 -40.21 41.30
C LEU A 176 -26.55 -41.22 42.30
N ASP A 177 -27.13 -40.73 43.40
CA ASP A 177 -27.70 -41.55 44.50
C ASP A 177 -29.11 -42.03 44.11
N GLU A 178 -29.66 -42.98 44.88
CA GLU A 178 -30.96 -43.65 44.64
C GLU A 178 -32.10 -42.64 44.67
N GLU A 179 -32.10 -41.73 45.66
CA GLU A 179 -33.13 -40.67 45.83
C GLU A 179 -33.05 -39.66 44.69
N GLY A 180 -31.86 -39.45 44.12
CA GLY A 180 -31.61 -38.55 42.99
C GLY A 180 -32.01 -39.17 41.66
N LYS A 181 -31.66 -40.44 41.46
CA LYS A 181 -31.87 -41.21 40.19
C LYS A 181 -33.37 -41.28 39.85
N GLY A 182 -34.24 -41.30 40.86
CA GLY A 182 -35.70 -41.39 40.71
C GLY A 182 -36.27 -40.14 40.03
N ARG A 183 -36.03 -38.96 40.63
CA ARG A 183 -36.59 -37.65 40.18
C ARG A 183 -36.47 -37.49 38.67
N VAL A 184 -35.35 -37.94 38.09
CA VAL A 184 -35.07 -37.89 36.62
C VAL A 184 -36.11 -38.76 35.90
N LEU A 185 -36.19 -40.04 36.28
CA LEU A 185 -37.04 -41.07 35.63
C LEU A 185 -38.51 -40.73 35.84
N SER A 186 -38.85 -40.10 36.96
CA SER A 186 -40.21 -39.57 37.29
C SER A 186 -40.62 -38.51 36.26
N ARG A 187 -39.79 -37.46 36.14
CA ARG A 187 -40.02 -36.29 35.25
C ARG A 187 -39.94 -36.73 33.78
N LEU A 188 -39.11 -37.74 33.48
CA LEU A 188 -38.97 -38.32 32.10
C LEU A 188 -40.33 -38.88 31.64
N THR A 189 -40.99 -39.67 32.49
CA THR A 189 -42.29 -40.33 32.20
C THR A 189 -43.45 -39.33 32.40
N GLU A 190 -43.34 -38.43 33.37
CA GLU A 190 -44.38 -37.41 33.71
C GLU A 190 -44.66 -36.54 32.47
N LEU A 191 -43.60 -36.08 31.79
CA LEU A 191 -43.68 -35.25 30.55
C LEU A 191 -44.12 -36.14 29.38
N GLN A 192 -43.47 -37.29 29.19
CA GLN A 192 -43.77 -38.28 28.13
C GLN A 192 -45.27 -38.62 28.14
N ALA A 193 -45.87 -38.69 29.34
CA ALA A 193 -47.33 -38.90 29.56
C ALA A 193 -48.10 -37.65 29.13
N GLU A 194 -47.63 -36.46 29.53
CA GLU A 194 -48.27 -35.15 29.25
C GLU A 194 -48.29 -34.88 27.74
N LEU A 195 -47.28 -35.34 26.99
CA LEU A 195 -47.20 -35.22 25.52
C LEU A 195 -48.22 -36.16 24.87
N SER A 196 -48.42 -37.35 25.44
CA SER A 196 -49.43 -38.35 24.99
C SER A 196 -50.85 -37.87 25.35
N LEU A 197 -51.00 -37.13 26.46
CA LEU A 197 -52.30 -36.62 26.96
C LEU A 197 -52.80 -35.48 26.06
N LYS A 198 -51.89 -34.76 25.40
CA LYS A 198 -52.20 -33.61 24.49
C LYS A 198 -52.15 -34.03 23.02
N ASN A 199 -51.83 -35.30 22.74
CA ASN A 199 -51.68 -35.87 21.38
C ASN A 199 -50.56 -35.12 20.63
N LEU A 200 -49.52 -34.69 21.35
CA LEU A 200 -48.33 -33.98 20.80
C LEU A 200 -47.09 -34.90 20.86
N TRP A 201 -47.20 -36.07 21.51
CA TRP A 201 -46.15 -37.12 21.52
C TRP A 201 -45.85 -37.56 20.07
N GLN A 202 -46.88 -37.60 19.22
CA GLN A 202 -46.80 -37.98 17.78
C GLN A 202 -45.97 -36.95 17.00
N VAL A 203 -45.95 -35.68 17.44
CA VAL A 203 -45.25 -34.55 16.74
C VAL A 203 -43.73 -34.77 16.82
N LEU A 204 -43.23 -35.33 17.93
CA LEU A 204 -41.79 -35.57 18.18
C LEU A 204 -41.33 -36.88 17.50
N ILE A 205 -42.25 -37.83 17.30
CA ILE A 205 -41.99 -39.16 16.68
C ILE A 205 -41.58 -38.96 15.22
N GLY A 206 -42.42 -38.31 14.42
CA GLY A 206 -42.21 -38.05 12.98
C GLY A 206 -40.94 -37.24 12.74
N GLU A 207 -40.25 -37.52 11.63
CA GLU A 207 -38.96 -36.89 11.24
C GLU A 207 -39.22 -35.43 10.81
N GLU A 208 -38.29 -34.53 11.14
CA GLU A 208 -38.37 -33.08 10.80
C GLU A 208 -37.00 -32.59 10.31
N ASP A 209 -36.93 -32.17 9.04
CA ASP A 209 -35.70 -31.64 8.38
C ASP A 209 -36.07 -30.36 7.62
N VAL A 210 -35.21 -29.34 7.69
CA VAL A 210 -35.38 -28.05 6.95
C VAL A 210 -34.05 -27.29 6.97
N GLU A 211 -33.51 -26.97 5.79
CA GLU A 211 -32.28 -26.15 5.61
C GLU A 211 -32.67 -24.66 5.71
N LYS A 212 -32.08 -23.94 6.66
CA LYS A 212 -32.43 -22.54 7.00
C LYS A 212 -31.93 -21.61 5.90
N GLY A 213 -32.75 -21.37 4.87
CA GLY A 213 -32.48 -20.41 3.79
C GLY A 213 -32.17 -19.04 4.34
N ILE A 214 -31.12 -18.39 3.81
CA ILE A 214 -30.65 -17.05 4.25
C ILE A 214 -31.52 -15.99 3.57
N ASP A 215 -32.79 -15.90 3.98
CA ASP A 215 -33.82 -15.04 3.36
C ASP A 215 -33.57 -13.57 3.77
N PHE A 216 -33.47 -12.68 2.77
CA PHE A 216 -33.29 -11.21 2.95
C PHE A 216 -34.36 -10.49 2.12
N LYS A 217 -35.53 -10.28 2.71
CA LYS A 217 -36.71 -9.69 2.02
C LYS A 217 -36.62 -8.17 2.09
N LEU A 218 -37.03 -7.48 1.02
CA LEU A 218 -37.04 -6.00 0.91
C LEU A 218 -38.36 -5.46 1.47
N GLY A 219 -38.31 -4.26 2.07
CA GLY A 219 -39.50 -3.54 2.59
C GLY A 219 -40.32 -2.93 1.46
N GLN A 220 -41.25 -2.05 1.81
CA GLN A 220 -42.16 -1.35 0.86
C GLN A 220 -41.41 -0.16 0.24
N THR A 221 -40.77 0.66 1.07
CA THR A 221 -40.05 1.91 0.66
C THR A 221 -38.95 1.55 -0.35
N ILE A 222 -37.96 0.77 0.10
CA ILE A 222 -36.75 0.40 -0.69
C ILE A 222 -37.19 -0.23 -2.02
N SER A 223 -38.27 -1.02 -2.00
CA SER A 223 -38.87 -1.66 -3.20
C SER A 223 -39.32 -0.58 -4.19
N ARG A 224 -39.97 0.48 -3.68
CA ARG A 224 -40.45 1.63 -4.51
C ARG A 224 -39.23 2.35 -5.08
N LEU A 225 -38.25 2.67 -4.22
CA LEU A 225 -36.98 3.34 -4.64
C LEU A 225 -36.36 2.58 -5.81
N ARG A 226 -36.30 1.25 -5.72
CA ARG A 226 -35.72 0.38 -6.78
C ARG A 226 -36.48 0.58 -8.09
N ASP A 227 -37.81 0.61 -8.04
CA ASP A 227 -38.69 0.70 -9.23
C ASP A 227 -38.45 2.04 -9.97
N ILE A 228 -38.21 3.13 -9.24
CA ILE A 228 -37.94 4.48 -9.82
C ILE A 228 -36.46 4.58 -10.22
N SER A 229 -35.61 3.69 -9.70
CA SER A 229 -34.16 3.61 -10.02
C SER A 229 -33.93 2.61 -11.16
N VAL A 230 -34.57 2.84 -12.31
CA VAL A 230 -34.52 1.93 -13.51
C VAL A 230 -34.24 2.76 -14.76
N PRO A 231 -33.53 2.20 -15.76
CA PRO A 231 -33.34 2.88 -17.04
C PRO A 231 -34.68 3.21 -17.72
N ALA A 232 -34.67 4.14 -18.68
CA ALA A 232 -35.85 4.57 -19.46
C ALA A 232 -36.33 3.42 -20.36
N GLY A 233 -37.64 3.18 -20.41
CA GLY A 233 -38.27 2.07 -21.15
C GLY A 233 -38.47 0.85 -20.29
N PHE A 234 -38.88 1.05 -19.03
CA PHE A 234 -39.17 -0.02 -18.04
C PHE A 234 -40.26 0.45 -17.08
N SER A 235 -41.31 -0.35 -16.90
CA SER A 235 -42.46 -0.07 -15.99
C SER A 235 -41.99 -0.13 -14.53
N ASN A 236 -41.30 -1.22 -14.17
CA ASN A 236 -40.76 -1.47 -12.80
C ASN A 236 -39.46 -2.27 -12.90
N PHE A 237 -38.85 -2.58 -11.76
CA PHE A 237 -37.56 -3.31 -11.64
C PHE A 237 -37.70 -4.72 -12.22
N GLU A 238 -38.79 -5.40 -11.89
CA GLU A 238 -39.13 -6.77 -12.40
C GLU A 238 -38.83 -6.83 -13.90
N GLY A 239 -39.21 -5.79 -14.65
CA GLY A 239 -38.94 -5.63 -16.09
C GLY A 239 -37.44 -5.67 -16.37
N MET A 240 -36.68 -4.80 -15.72
CA MET A 240 -35.20 -4.67 -15.91
C MET A 240 -34.53 -6.01 -15.57
N ARG A 241 -34.91 -6.62 -14.45
CA ARG A 241 -34.38 -7.94 -13.99
C ARG A 241 -34.55 -8.98 -15.10
N SER A 242 -35.80 -9.21 -15.53
CA SER A 242 -36.20 -10.22 -16.55
C SER A 242 -35.56 -9.89 -17.90
N TYR A 243 -35.51 -8.61 -18.28
CA TYR A 243 -34.84 -8.13 -19.52
C TYR A 243 -33.37 -8.58 -19.50
N ILE A 244 -32.64 -8.20 -18.45
CA ILE A 244 -31.20 -8.55 -18.23
C ILE A 244 -31.04 -10.08 -18.23
N ASP A 245 -31.89 -10.77 -17.46
CA ASP A 245 -31.84 -12.25 -17.31
C ASP A 245 -32.04 -12.93 -18.67
N ASN A 246 -33.06 -12.52 -19.44
CA ASN A 246 -33.61 -13.27 -20.60
C ASN A 246 -32.94 -12.84 -21.91
N ILE A 247 -33.18 -11.59 -22.35
CA ILE A 247 -32.90 -11.14 -23.74
C ILE A 247 -31.39 -11.01 -23.96
N ASP A 248 -30.92 -11.31 -25.17
CA ASP A 248 -29.49 -11.29 -25.60
C ASP A 248 -29.28 -10.07 -26.50
N PRO A 249 -28.41 -9.11 -26.14
CA PRO A 249 -28.30 -7.85 -26.87
C PRO A 249 -27.17 -7.80 -27.92
N LYS A 250 -26.81 -8.93 -28.52
CA LYS A 250 -25.72 -9.02 -29.52
C LYS A 250 -26.05 -8.11 -30.71
N GLY A 251 -25.04 -7.40 -31.24
CA GLY A 251 -25.15 -6.48 -32.38
C GLY A 251 -25.48 -5.06 -31.96
N ALA A 252 -25.71 -4.82 -30.66
CA ALA A 252 -26.18 -3.53 -30.11
C ALA A 252 -25.12 -2.44 -30.29
N ILE A 253 -23.85 -2.78 -30.04
CA ILE A 253 -22.70 -1.82 -30.15
C ILE A 253 -22.57 -1.41 -31.63
N GLU A 254 -22.54 -2.39 -32.54
CA GLU A 254 -22.60 -2.16 -34.01
C GLU A 254 -23.79 -1.25 -34.34
N ARG A 255 -24.99 -1.63 -33.89
CA ARG A 255 -26.28 -0.95 -34.18
C ARG A 255 -26.20 0.51 -33.71
N ASN A 256 -25.61 0.75 -32.54
CA ASN A 256 -25.51 2.10 -31.90
C ASN A 256 -24.44 2.91 -32.65
N LEU A 257 -23.24 2.35 -32.86
CA LEU A 257 -22.13 3.03 -33.58
C LEU A 257 -22.59 3.38 -35.00
N ALA A 258 -23.39 2.51 -35.64
CA ALA A 258 -23.95 2.72 -36.99
C ALA A 258 -24.80 4.00 -37.02
N ARG A 259 -25.68 4.18 -36.03
CA ARG A 259 -26.70 5.26 -36.01
C ARG A 259 -26.18 6.49 -35.24
N MET A 260 -25.03 6.39 -34.56
CA MET A 260 -24.40 7.53 -33.84
C MET A 260 -23.83 8.52 -34.87
N SER A 261 -23.89 9.82 -34.56
CA SER A 261 -23.46 10.94 -35.45
C SER A 261 -21.96 10.83 -35.75
N PRO A 262 -21.54 10.96 -37.02
CA PRO A 262 -20.12 11.02 -37.36
C PRO A 262 -19.36 12.14 -36.64
N LEU A 263 -20.08 13.21 -36.26
CA LEU A 263 -19.55 14.39 -35.52
C LEU A 263 -18.87 13.95 -34.22
N VAL A 264 -19.25 12.80 -33.66
CA VAL A 264 -18.59 12.17 -32.49
C VAL A 264 -17.36 11.40 -32.98
N SER A 265 -16.15 11.85 -32.63
CA SER A 265 -14.86 11.19 -32.92
C SER A 265 -13.74 11.79 -32.06
N VAL A 266 -12.58 11.13 -32.00
CA VAL A 266 -11.37 11.61 -31.26
C VAL A 266 -10.66 12.67 -32.10
N THR A 267 -11.00 12.78 -33.39
CA THR A 267 -10.43 13.78 -34.32
C THR A 267 -8.91 13.77 -34.17
N PRO A 268 -8.24 12.65 -34.54
CA PRO A 268 -6.81 12.49 -34.29
C PRO A 268 -5.97 13.25 -35.33
N LYS A 269 -4.80 13.74 -34.91
CA LYS A 269 -3.77 14.33 -35.82
C LYS A 269 -2.39 13.83 -35.41
N LYS A 270 -1.55 13.52 -36.39
CA LYS A 270 -0.11 13.16 -36.20
C LYS A 270 0.65 14.42 -35.80
N LEU A 271 1.38 14.37 -34.68
CA LEU A 271 2.11 15.54 -34.14
C LEU A 271 3.31 15.82 -35.05
N THR A 272 3.43 17.06 -35.53
CA THR A 272 4.63 17.58 -36.25
C THR A 272 5.24 18.71 -35.40
N TRP A 273 6.56 18.82 -35.39
CA TRP A 273 7.33 19.81 -34.57
C TRP A 273 6.67 21.20 -34.63
N GLU A 274 6.29 21.64 -35.85
CA GLU A 274 5.72 22.98 -36.13
C GLU A 274 4.40 23.19 -35.36
N ASP A 275 3.67 22.10 -35.06
CA ASP A 275 2.41 22.15 -34.26
C ASP A 275 2.72 22.57 -32.82
N LEU A 276 3.90 22.21 -32.31
CA LEU A 276 4.36 22.62 -30.96
C LEU A 276 4.83 24.08 -31.00
N ARG A 277 3.88 25.02 -30.91
CA ARG A 277 4.13 26.47 -30.75
C ARG A 277 4.64 26.73 -29.35
N PRO A 278 5.27 27.89 -29.06
CA PRO A 278 5.66 28.24 -27.70
C PRO A 278 4.46 28.32 -26.75
N ILE A 279 4.62 27.85 -25.50
CA ILE A 279 3.56 27.89 -24.46
C ILE A 279 3.59 29.25 -23.76
N GLY A 280 2.42 29.75 -23.36
CA GLY A 280 2.24 30.98 -22.57
C GLY A 280 2.83 32.19 -23.28
N PRO A 281 2.30 32.57 -24.46
CA PRO A 281 2.87 33.68 -25.23
C PRO A 281 2.79 35.04 -24.52
N HIS A 282 1.88 35.18 -23.55
CA HIS A 282 1.65 36.44 -22.80
C HIS A 282 2.93 36.86 -22.05
N ILE A 283 3.74 35.90 -21.60
CA ILE A 283 4.98 36.15 -20.79
C ILE A 283 5.94 37.07 -21.56
N TYR A 284 5.85 37.06 -22.90
CA TYR A 284 6.70 37.84 -23.83
C TYR A 284 6.09 39.23 -24.10
N ASN A 285 4.80 39.43 -23.78
CA ASN A 285 4.12 40.75 -23.92
C ASN A 285 4.72 41.72 -22.90
N HIS A 286 5.42 42.76 -23.37
CA HIS A 286 6.12 43.76 -22.53
C HIS A 286 5.11 44.65 -21.80
N GLU A 287 3.88 44.77 -22.33
CA GLU A 287 2.80 45.64 -21.79
C GLU A 287 2.31 45.13 -20.43
N LEU A 288 2.45 43.83 -20.17
CA LEU A 288 2.17 43.23 -18.83
C LEU A 288 3.26 43.66 -17.86
N PRO A 289 3.01 43.65 -16.54
CA PRO A 289 4.04 44.00 -15.55
C PRO A 289 5.08 42.89 -15.38
N GLU A 290 6.33 43.28 -15.13
CA GLU A 290 7.44 42.38 -14.73
C GLU A 290 7.01 41.62 -13.48
N VAL A 291 7.03 40.28 -13.50
CA VAL A 291 6.72 39.45 -12.31
C VAL A 291 7.67 39.88 -11.18
N PRO A 292 7.15 40.22 -9.98
CA PRO A 292 7.99 40.67 -8.88
C PRO A 292 8.57 39.53 -8.05
N TYR A 293 9.68 39.80 -7.34
CA TYR A 293 10.25 38.91 -6.29
C TYR A 293 9.24 38.82 -5.15
N ASN A 294 8.65 37.63 -4.94
CA ASN A 294 7.52 37.40 -4.00
C ASN A 294 7.88 36.28 -3.01
N ALA A 295 9.16 35.90 -2.91
CA ALA A 295 9.66 34.85 -1.98
C ALA A 295 9.49 35.35 -0.54
N PHE A 296 9.69 34.46 0.45
CA PHE A 296 9.56 34.75 1.90
C PHE A 296 10.80 35.51 2.37
N LEU A 297 11.98 34.96 2.06
CA LEU A 297 13.31 35.57 2.36
C LEU A 297 14.04 35.87 1.05
N LEU A 298 15.05 36.74 1.11
CA LEU A 298 16.01 37.03 0.01
C LEU A 298 16.86 35.78 -0.27
N MET A 299 17.36 35.65 -1.49
CA MET A 299 18.18 34.48 -1.91
C MET A 299 19.56 34.95 -2.38
N SER A 300 19.73 35.25 -3.67
CA SER A 300 21.02 35.66 -4.27
C SER A 300 21.35 37.09 -3.82
N ASP A 301 20.33 37.88 -3.47
CA ASP A 301 20.46 39.30 -3.04
C ASP A 301 20.76 39.37 -1.53
N GLU A 302 20.85 38.23 -0.84
CA GLU A 302 21.09 38.14 0.62
C GLU A 302 22.45 38.76 0.95
N LEU A 303 22.69 39.04 2.24
CA LEU A 303 24.00 39.49 2.76
C LEU A 303 24.08 39.16 4.26
N GLY A 304 24.87 38.15 4.62
CA GLY A 304 25.09 37.73 6.02
C GLY A 304 26.27 38.47 6.62
N LEU A 305 26.10 39.00 7.83
CA LEU A 305 27.21 39.60 8.62
C LEU A 305 27.99 38.46 9.29
N ALA A 306 29.29 38.37 9.00
CA ALA A 306 30.18 37.28 9.45
C ALA A 306 30.59 37.50 10.91
N ASN A 307 30.20 36.58 11.80
CA ASN A 307 30.52 36.61 13.26
C ASN A 307 31.17 35.28 13.64
N MET A 308 32.51 35.21 13.59
CA MET A 308 33.30 33.98 13.90
C MET A 308 33.04 33.59 15.36
N THR A 309 32.48 32.40 15.59
CA THR A 309 32.13 31.89 16.94
C THR A 309 33.29 31.06 17.49
N GLU A 310 33.31 30.87 18.81
CA GLU A 310 34.19 29.93 19.54
C GLU A 310 34.07 28.52 18.94
N GLY A 311 32.91 28.22 18.33
CA GLY A 311 32.62 26.94 17.65
C GLY A 311 31.43 26.24 18.28
N LYS A 312 31.29 26.39 19.60
CA LYS A 312 30.12 25.90 20.39
C LYS A 312 29.10 27.04 20.50
N SER A 313 27.81 26.68 20.37
CA SER A 313 26.68 27.61 20.10
C SER A 313 26.35 28.47 21.33
N LYS A 314 25.36 29.35 21.16
CA LYS A 314 24.83 30.30 22.18
C LYS A 314 23.39 30.62 21.82
N LYS A 315 22.72 31.49 22.58
CA LYS A 315 21.29 31.85 22.39
C LYS A 315 21.14 32.74 21.15
N PRO A 316 19.97 32.69 20.47
CA PRO A 316 19.79 33.40 19.21
C PRO A 316 19.88 34.93 19.35
N LYS A 317 19.39 35.46 20.48
CA LYS A 317 19.53 36.90 20.86
C LYS A 317 21.02 37.23 21.02
N THR A 318 21.76 36.38 21.76
CA THR A 318 23.19 36.57 22.11
C THR A 318 24.03 36.68 20.83
N LEU A 319 23.83 35.78 19.87
CA LEU A 319 24.63 35.74 18.61
C LEU A 319 24.26 36.95 17.74
N ALA A 320 22.97 37.30 17.68
CA ALA A 320 22.43 38.44 16.90
C ALA A 320 22.97 39.75 17.47
N LYS A 321 23.04 39.86 18.80
CA LYS A 321 23.68 40.99 19.53
C LYS A 321 25.16 41.05 19.11
N GLU A 322 25.95 40.05 19.51
CA GLU A 322 27.42 39.99 19.28
C GLU A 322 27.74 40.20 17.81
N CYS A 323 26.85 39.77 16.89
CA CYS A 323 27.02 39.94 15.42
C CYS A 323 26.95 41.43 15.05
N LEU A 324 25.99 42.16 15.62
CA LEU A 324 25.81 43.62 15.40
C LEU A 324 26.92 44.39 16.14
N GLU A 325 27.25 43.96 17.36
CA GLU A 325 28.36 44.51 18.19
C GLU A 325 29.62 44.67 17.34
N LYS A 326 29.92 43.68 16.48
CA LYS A 326 31.04 43.72 15.52
C LYS A 326 30.77 44.81 14.47
N TYR A 327 29.59 44.75 13.83
CA TYR A 327 29.20 45.66 12.71
C TYR A 327 28.39 46.83 13.27
N SER A 328 28.88 47.46 14.35
CA SER A 328 28.21 48.52 15.14
C SER A 328 27.87 49.73 14.25
N THR A 329 28.70 50.03 13.23
CA THR A 329 28.50 51.14 12.26
C THR A 329 27.09 51.06 11.66
N LEU A 330 26.63 49.85 11.35
CA LEU A 330 25.27 49.59 10.78
C LEU A 330 24.23 49.67 11.91
N ARG A 331 24.49 48.95 13.02
CA ARG A 331 23.57 48.78 14.17
C ARG A 331 23.20 50.15 14.76
N ASP A 332 24.15 51.07 14.75
CA ASP A 332 24.03 52.43 15.36
C ASP A 332 23.33 53.39 14.39
N GLN A 333 23.24 53.05 13.10
CA GLN A 333 22.69 53.96 12.06
C GLN A 333 21.20 54.21 12.35
N THR A 334 20.89 55.37 12.94
CA THR A 334 19.53 55.76 13.43
C THR A 334 18.82 56.67 12.42
N ASP A 335 19.50 57.12 11.37
CA ASP A 335 18.96 58.10 10.38
C ASP A 335 18.41 57.34 9.17
N PRO A 336 17.08 57.38 8.92
CA PRO A 336 16.49 56.61 7.82
C PRO A 336 16.78 57.26 6.45
N ILE A 337 17.72 56.67 5.70
CA ILE A 337 18.03 57.08 4.29
C ILE A 337 17.23 56.15 3.37
N LEU A 338 15.95 56.48 3.19
CA LEU A 338 14.94 55.69 2.42
C LEU A 338 15.29 55.78 0.93
N ILE A 339 15.25 54.64 0.22
CA ILE A 339 15.60 54.51 -1.21
C ILE A 339 14.34 54.17 -2.00
N MET A 340 13.68 53.06 -1.64
CA MET A 340 12.45 52.53 -2.28
C MET A 340 11.37 52.38 -1.21
N LYS A 341 10.10 52.64 -1.56
CA LYS A 341 8.93 52.46 -0.67
C LYS A 341 7.92 51.53 -1.35
N SER A 342 7.37 50.57 -0.59
CA SER A 342 6.22 49.72 -1.01
C SER A 342 4.94 50.58 -1.01
N GLU A 343 4.19 50.55 -2.13
CA GLU A 343 3.02 51.44 -2.41
C GLU A 343 2.21 51.65 -1.13
N LYS A 344 1.76 50.56 -0.51
CA LYS A 344 0.93 50.56 0.73
C LYS A 344 1.81 50.12 1.90
N ALA A 345 2.74 50.98 2.31
CA ALA A 345 3.64 50.77 3.47
C ALA A 345 3.87 52.11 4.19
N ASN A 346 4.47 52.07 5.39
CA ASN A 346 4.75 53.27 6.21
C ASN A 346 6.25 53.28 6.57
N GLU A 347 7.02 54.12 5.86
CA GLU A 347 8.46 54.38 6.08
C GLU A 347 8.72 54.50 7.59
N ASN A 348 8.07 55.49 8.22
CA ASN A 348 8.23 55.83 9.66
C ASN A 348 8.05 54.57 10.50
N PHE A 349 6.85 53.97 10.47
CA PHE A 349 6.48 52.75 11.23
C PHE A 349 7.53 51.67 11.00
N LEU A 350 7.82 51.33 9.74
CA LEU A 350 8.77 50.24 9.39
C LEU A 350 10.14 50.54 10.02
N TRP A 351 10.67 51.74 9.80
CA TRP A 351 11.99 52.16 10.35
C TRP A 351 11.98 52.05 11.88
N LYS A 352 10.96 52.64 12.51
CA LYS A 352 10.73 52.55 13.98
C LYS A 352 10.80 51.08 14.40
N LEU A 353 10.15 50.20 13.64
CA LEU A 353 10.11 48.74 13.92
C LEU A 353 11.53 48.18 13.83
N TRP A 354 12.21 48.41 12.71
CA TRP A 354 13.64 48.02 12.51
C TRP A 354 14.43 48.42 13.75
N ARG A 355 14.33 49.70 14.14
CA ARG A 355 15.09 50.27 15.28
C ARG A 355 14.68 49.56 16.58
N ASP A 356 13.39 49.25 16.75
CA ASP A 356 12.86 48.48 17.93
C ASP A 356 13.54 47.11 17.94
N CYS A 357 13.58 46.42 16.79
CA CYS A 357 14.27 45.11 16.62
C CYS A 357 15.73 45.27 17.05
N VAL A 358 16.45 46.18 16.39
CA VAL A 358 17.92 46.40 16.61
C VAL A 358 18.15 46.66 18.10
N ASN A 359 17.43 47.62 18.69
CA ASN A 359 17.55 48.02 20.12
C ASN A 359 17.27 46.82 21.01
N THR A 360 16.11 46.16 20.81
CA THR A 360 15.62 45.03 21.64
C THR A 360 16.61 43.88 21.60
N ILE A 361 17.14 43.57 20.41
CA ILE A 361 18.09 42.44 20.19
C ILE A 361 19.49 42.86 20.70
N SER A 362 19.77 44.16 20.72
CA SER A 362 21.06 44.75 21.19
C SER A 362 21.11 44.86 22.72
N ASN A 363 19.97 45.02 23.38
CA ASN A 363 19.88 45.32 24.84
C ASN A 363 20.41 44.12 25.65
N GLU A 364 20.53 44.30 26.97
CA GLU A 364 21.16 43.35 27.93
C GLU A 364 20.10 42.41 28.55
N GLU A 365 18.83 42.52 28.12
CA GLU A 365 17.71 41.73 28.69
C GLU A 365 17.75 40.31 28.09
N MET A 366 16.95 39.40 28.66
CA MET A 366 16.82 37.99 28.20
C MET A 366 15.88 37.92 26.99
N SER A 367 14.77 38.68 27.05
CA SER A 367 13.60 38.59 26.13
C SER A 367 13.93 39.21 24.78
N ASN A 368 13.31 38.67 23.72
CA ASN A 368 13.31 39.21 22.33
C ASN A 368 11.88 39.66 21.97
N GLU A 369 11.04 39.85 23.00
CA GLU A 369 9.64 40.33 22.86
C GLU A 369 9.68 41.81 22.46
N LEU A 370 8.69 42.23 21.66
CA LEU A 370 8.53 43.63 21.19
C LEU A 370 7.23 44.21 21.75
N GLN A 371 7.32 45.39 22.37
CA GLN A 371 6.14 46.14 22.89
C GLN A 371 5.19 46.36 21.71
N LYS A 372 3.90 46.09 21.91
CA LYS A 372 2.86 46.14 20.85
C LYS A 372 2.55 47.62 20.56
N THR A 373 3.48 48.31 19.91
CA THR A 373 3.41 49.74 19.56
C THR A 373 2.44 49.93 18.39
N ASN A 374 2.06 51.18 18.11
CA ASN A 374 1.14 51.57 17.00
C ASN A 374 1.77 51.17 15.66
N TYR A 375 3.11 51.21 15.56
CA TYR A 375 3.86 50.85 14.33
C TYR A 375 3.87 49.32 14.15
N ALA A 376 4.27 48.59 15.20
CA ALA A 376 4.31 47.11 15.24
C ALA A 376 2.90 46.55 15.01
N LYS A 377 1.87 47.22 15.54
CA LYS A 377 0.44 46.85 15.34
C LYS A 377 0.08 46.97 13.85
N TRP A 378 0.43 48.07 13.20
CA TRP A 378 0.20 48.28 11.74
C TRP A 378 0.98 47.22 10.96
N ALA A 379 2.23 46.99 11.37
CA ALA A 379 3.19 46.09 10.70
C ALA A 379 2.70 44.64 10.75
N THR A 380 2.25 44.16 11.91
CA THR A 380 1.75 42.77 12.13
C THR A 380 0.26 42.67 11.77
N GLY A 381 -0.42 43.80 11.59
CA GLY A 381 -1.84 43.84 11.18
C GLY A 381 -2.77 43.51 12.32
N ASP A 382 -2.75 44.31 13.38
CA ASP A 382 -3.53 44.11 14.63
C ASP A 382 -5.03 44.23 14.31
N GLY A 383 -5.84 43.34 14.88
CA GLY A 383 -7.32 43.34 14.84
C GLY A 383 -7.88 43.65 13.46
N LEU A 384 -7.16 43.31 12.39
CA LEU A 384 -7.55 43.62 11.00
C LEU A 384 -8.60 42.62 10.50
N THR A 385 -8.83 41.52 11.24
CA THR A 385 -9.85 40.50 10.90
C THR A 385 -11.25 41.12 11.02
N TYR A 386 -12.17 40.71 10.15
CA TYR A 386 -13.58 41.17 10.14
C TYR A 386 -14.31 40.54 11.33
N GLN A 387 -15.36 41.18 11.82
CA GLN A 387 -16.16 40.70 12.98
C GLN A 387 -17.24 39.75 12.46
N LYS A 388 -17.37 38.57 13.08
CA LYS A 388 -18.45 37.59 12.79
C LYS A 388 -19.76 38.13 13.35
N ILE A 389 -20.85 38.03 12.57
CA ILE A 389 -22.23 38.44 12.99
C ILE A 389 -23.23 37.37 12.55
N MET A 390 -24.44 37.41 13.11
CA MET A 390 -25.52 36.43 12.84
C MET A 390 -25.99 36.56 11.39
N LYS A 391 -26.32 35.44 10.76
CA LYS A 391 -26.92 35.38 9.40
C LYS A 391 -28.24 36.17 9.39
N GLU A 392 -28.97 36.15 10.52
CA GLU A 392 -30.20 36.96 10.75
C GLU A 392 -29.90 38.42 10.39
N VAL A 393 -28.88 39.00 11.01
CA VAL A 393 -28.45 40.42 10.81
C VAL A 393 -27.83 40.56 9.41
N ALA A 394 -26.96 39.61 9.04
CA ALA A 394 -26.25 39.59 7.74
C ALA A 394 -27.27 39.77 6.60
N ILE A 395 -28.32 38.95 6.59
CA ILE A 395 -29.36 38.91 5.51
C ILE A 395 -30.04 40.27 5.40
N ASP A 396 -30.36 40.91 6.52
CA ASP A 396 -31.03 42.25 6.56
C ASP A 396 -30.16 43.29 5.83
N ASP A 397 -28.84 43.21 5.99
CA ASP A 397 -27.87 44.19 5.42
C ASP A 397 -27.68 43.90 3.92
N GLU A 398 -28.03 44.86 3.06
CA GLU A 398 -27.88 44.77 1.57
C GLU A 398 -26.44 45.07 1.17
N THR A 399 -25.74 45.92 1.92
CA THR A 399 -24.35 46.36 1.62
C THR A 399 -23.36 45.21 1.89
N MET A 400 -23.80 44.16 2.59
CA MET A 400 -23.02 42.90 2.82
C MET A 400 -23.26 41.96 1.63
N CYS A 401 -22.19 41.60 0.91
CA CYS A 401 -22.21 40.80 -0.34
C CYS A 401 -21.07 39.77 -0.32
N GLN A 402 -21.21 38.71 -1.11
CA GLN A 402 -20.14 37.71 -1.37
C GLN A 402 -19.08 38.36 -2.27
N GLU A 403 -17.86 38.52 -1.78
CA GLU A 403 -16.75 39.20 -2.48
C GLU A 403 -16.37 38.42 -3.74
N GLU A 404 -15.97 39.14 -4.80
CA GLU A 404 -15.39 38.57 -6.05
C GLU A 404 -14.06 37.92 -5.70
N PRO A 405 -13.81 36.65 -6.11
CA PRO A 405 -12.52 36.02 -5.87
C PRO A 405 -11.38 36.88 -6.43
N LYS A 406 -10.36 37.14 -5.62
CA LYS A 406 -9.10 37.79 -6.06
C LYS A 406 -8.31 36.75 -6.87
N ILE A 407 -7.87 37.13 -8.07
CA ILE A 407 -7.15 36.23 -9.04
C ILE A 407 -5.69 36.67 -9.12
N PRO A 408 -4.75 35.73 -9.33
CA PRO A 408 -3.38 36.08 -9.69
C PRO A 408 -3.34 36.78 -11.06
N ASN A 409 -2.88 38.04 -11.08
CA ASN A 409 -2.79 38.86 -12.32
C ASN A 409 -1.65 38.35 -13.20
N LYS A 410 -1.75 38.54 -14.51
CA LYS A 410 -0.74 38.10 -15.51
C LYS A 410 0.51 38.97 -15.38
N CYS A 411 1.70 38.38 -15.58
CA CYS A 411 3.02 39.05 -15.51
C CYS A 411 3.89 38.59 -16.69
N ARG A 412 4.94 39.35 -17.01
CA ARG A 412 5.88 39.04 -18.11
C ARG A 412 7.16 38.42 -17.53
N VAL A 413 8.01 37.84 -18.40
CA VAL A 413 9.32 37.22 -18.01
C VAL A 413 10.17 38.28 -17.31
N ALA A 414 10.90 37.88 -16.26
CA ALA A 414 11.78 38.77 -15.46
C ALA A 414 13.19 38.15 -15.37
N ALA A 415 14.21 38.95 -15.66
CA ALA A 415 15.64 38.56 -15.70
C ALA A 415 16.08 38.00 -14.34
N TRP A 416 15.71 38.70 -13.26
CA TRP A 416 16.13 38.38 -11.88
C TRP A 416 15.87 36.90 -11.56
N VAL A 417 14.84 36.28 -12.16
CA VAL A 417 14.52 34.84 -11.98
C VAL A 417 15.67 34.02 -12.56
N GLN A 418 16.00 34.27 -13.83
CA GLN A 418 17.17 33.68 -14.54
C GLN A 418 18.42 33.92 -13.70
N THR A 419 18.62 35.16 -13.23
CA THR A 419 19.81 35.59 -12.47
C THR A 419 19.91 34.81 -11.16
N GLU A 420 18.75 34.54 -10.52
CA GLU A 420 18.66 33.80 -9.24
C GLU A 420 19.20 32.38 -9.46
N MET A 421 18.61 31.65 -10.41
CA MET A 421 19.09 30.32 -10.86
C MET A 421 20.62 30.39 -10.99
N ASN A 422 21.09 31.26 -11.88
CA ASN A 422 22.53 31.38 -12.27
C ASN A 422 23.40 31.47 -11.01
N LEU A 423 23.07 32.39 -10.10
CA LEU A 423 23.91 32.72 -8.90
C LEU A 423 23.78 31.60 -7.85
N LEU A 424 22.55 31.14 -7.59
CA LEU A 424 22.26 30.06 -6.61
C LEU A 424 22.97 28.77 -7.03
N SER A 425 23.07 28.54 -8.35
CA SER A 425 23.72 27.34 -8.97
C SER A 425 25.24 27.35 -8.74
N THR A 426 25.86 28.53 -8.67
CA THR A 426 27.34 28.72 -8.73
C THR A 426 27.99 28.32 -7.40
N LEU A 427 29.32 28.15 -7.42
CA LEU A 427 30.17 27.69 -6.29
C LEU A 427 30.52 28.86 -5.36
N THR A 428 30.52 28.59 -4.04
CA THR A 428 30.98 29.50 -2.96
C THR A 428 32.18 28.86 -2.25
N SER A 429 32.78 29.58 -1.29
CA SER A 429 33.86 29.08 -0.40
C SER A 429 33.26 28.49 0.88
N LYS A 430 31.96 28.71 1.11
CA LYS A 430 31.27 28.50 2.41
C LYS A 430 30.42 27.23 2.37
N ARG A 431 30.55 26.38 3.39
CA ARG A 431 29.71 25.19 3.63
C ARG A 431 28.68 25.52 4.72
N ALA A 432 27.41 25.26 4.46
CA ALA A 432 26.27 25.54 5.38
C ALA A 432 25.78 24.24 6.02
N LEU A 433 25.46 23.23 5.19
CA LEU A 433 24.75 21.98 5.57
C LEU A 433 25.26 21.45 6.92
N ASP A 434 24.34 20.92 7.73
CA ASP A 434 24.57 20.47 9.14
C ASP A 434 24.43 18.94 9.23
N LEU A 435 24.74 18.22 8.15
CA LEU A 435 24.51 16.76 8.04
C LEU A 435 25.16 16.05 9.22
N PRO A 436 24.38 15.33 10.06
CA PRO A 436 24.91 14.69 11.26
C PRO A 436 25.71 13.42 10.96
N GLU A 437 26.17 12.74 12.02
CA GLU A 437 27.06 11.54 11.94
C GLU A 437 26.27 10.36 11.35
N ILE A 438 27.01 9.31 11.00
CA ILE A 438 26.49 8.03 10.42
C ILE A 438 27.20 6.87 11.13
N GLY A 439 26.70 5.65 10.98
CA GLY A 439 27.36 4.43 11.46
C GLY A 439 28.65 4.16 10.67
N PRO A 440 29.69 3.57 11.30
CA PRO A 440 30.92 3.24 10.58
C PRO A 440 30.56 2.25 9.45
N ASP A 441 31.26 2.40 8.30
CA ASP A 441 31.02 1.59 7.09
C ASP A 441 31.67 0.21 7.27
N VAL A 442 31.01 -0.84 6.77
CA VAL A 442 31.49 -2.25 6.80
C VAL A 442 31.35 -2.82 5.38
N ALA A 443 30.12 -2.89 4.86
CA ALA A 443 29.79 -3.43 3.53
C ALA A 443 30.40 -2.54 2.45
N PRO A 444 31.04 -3.12 1.41
CA PRO A 444 31.61 -2.33 0.31
C PRO A 444 30.60 -1.33 -0.29
N VAL A 445 29.31 -1.69 -0.30
CA VAL A 445 28.20 -0.80 -0.75
C VAL A 445 28.30 0.52 0.01
N GLU A 446 28.49 0.44 1.34
CA GLU A 446 28.56 1.61 2.27
C GLU A 446 29.84 2.41 2.00
N HIS A 447 30.96 1.73 1.75
CA HIS A 447 32.27 2.35 1.41
C HIS A 447 32.16 3.08 0.07
N VAL A 448 31.48 2.49 -0.91
CA VAL A 448 31.21 3.12 -2.24
C VAL A 448 30.28 4.32 -2.02
N GLY A 449 29.20 4.13 -1.25
CA GLY A 449 28.22 5.18 -0.92
C GLY A 449 28.88 6.38 -0.26
N SER A 450 29.69 6.15 0.77
CA SER A 450 30.41 7.18 1.55
C SER A 450 31.36 7.96 0.64
N GLU A 451 32.24 7.25 -0.08
CA GLU A 451 33.21 7.85 -1.03
C GLU A 451 32.44 8.64 -2.09
N ARG A 452 31.32 8.10 -2.56
CA ARG A 452 30.47 8.73 -3.61
C ARG A 452 29.82 10.00 -3.06
N ARG A 453 29.42 9.97 -1.78
CA ARG A 453 28.86 11.16 -1.06
C ARG A 453 29.87 12.30 -1.12
N LYS A 454 31.13 12.06 -0.74
CA LYS A 454 32.21 13.08 -0.68
C LYS A 454 32.15 13.98 -1.92
N TYR A 455 31.86 13.41 -3.10
CA TYR A 455 31.76 14.15 -4.38
C TYR A 455 30.42 14.91 -4.45
N PHE A 456 29.31 14.20 -4.25
CA PHE A 456 27.92 14.73 -4.43
C PHE A 456 27.61 15.81 -3.39
N VAL A 457 27.66 15.45 -2.10
CA VAL A 457 27.32 16.32 -0.93
C VAL A 457 28.10 17.64 -1.03
N ASN A 458 29.43 17.55 -1.11
CA ASN A 458 30.36 18.71 -1.14
C ASN A 458 29.98 19.63 -2.32
N GLU A 459 29.86 19.06 -3.52
CA GLU A 459 29.56 19.79 -4.79
C GLU A 459 28.36 20.73 -4.56
N ILE A 460 27.40 20.33 -3.72
CA ILE A 460 26.19 21.15 -3.39
C ILE A 460 26.49 22.04 -2.18
N ASN A 461 27.08 21.47 -1.12
CA ASN A 461 27.40 22.17 0.16
C ASN A 461 28.22 23.44 -0.12
N TYR A 462 29.10 23.38 -1.12
CA TYR A 462 29.99 24.48 -1.58
C TYR A 462 29.30 25.31 -2.67
N CYS A 463 27.96 25.36 -2.71
CA CYS A 463 27.18 26.14 -3.70
C CYS A 463 26.16 27.03 -2.98
N LYS A 464 25.79 28.15 -3.58
CA LYS A 464 25.00 29.24 -2.94
C LYS A 464 23.64 28.70 -2.49
N ALA A 465 22.94 28.00 -3.38
CA ALA A 465 21.60 27.39 -3.13
C ALA A 465 21.54 26.73 -1.74
N SER A 466 22.59 25.99 -1.38
CA SER A 466 22.68 25.19 -0.12
C SER A 466 22.51 26.11 1.10
N THR A 467 23.36 27.12 1.23
CA THR A 467 23.32 28.14 2.31
C THR A 467 21.90 28.69 2.42
N VAL A 468 21.34 29.16 1.30
CA VAL A 468 19.97 29.74 1.21
C VAL A 468 18.98 28.72 1.77
N MET A 469 18.98 27.49 1.24
CA MET A 469 18.12 26.37 1.72
C MET A 469 18.24 26.27 3.25
N MET A 470 19.47 26.10 3.76
CA MET A 470 19.73 25.93 5.22
C MET A 470 19.15 27.13 6.00
N LYS A 471 19.38 28.35 5.52
CA LYS A 471 18.81 29.60 6.11
C LYS A 471 17.27 29.45 6.18
N TYR A 472 16.65 29.20 5.02
CA TYR A 472 15.19 28.98 4.89
C TYR A 472 14.72 27.96 5.94
N VAL A 473 15.40 26.81 6.04
CA VAL A 473 15.06 25.74 7.04
C VAL A 473 15.15 26.36 8.45
N LEU A 474 16.38 26.70 8.86
CA LEU A 474 16.71 27.08 10.26
C LEU A 474 15.83 28.26 10.71
N PHE A 475 15.50 29.19 9.80
CA PHE A 475 14.54 30.28 10.10
C PHE A 475 13.16 29.66 10.39
N HIS A 476 12.64 28.93 9.39
CA HIS A 476 11.27 28.34 9.41
C HIS A 476 11.11 27.43 10.64
N THR A 477 12.21 26.87 11.17
CA THR A 477 12.21 26.11 12.46
C THR A 477 11.86 27.09 13.60
N SER A 478 12.79 28.00 13.92
CA SER A 478 12.69 28.96 15.05
C SER A 478 11.37 29.74 14.94
N LEU A 479 10.94 30.07 13.72
CA LEU A 479 9.63 30.75 13.47
C LEU A 479 8.47 29.86 13.94
N LEU A 480 8.48 28.57 13.58
CA LEU A 480 7.43 27.62 14.01
C LEU A 480 7.51 27.46 15.53
N ASN A 481 8.72 27.32 16.07
CA ASN A 481 8.92 27.16 17.54
C ASN A 481 8.36 28.38 18.27
N GLU A 482 8.65 29.59 17.78
CA GLU A 482 8.11 30.85 18.37
C GLU A 482 6.58 30.87 18.20
N SER A 483 6.08 30.58 17.00
CA SER A 483 4.65 30.66 16.63
C SER A 483 3.77 29.93 17.66
N ASN A 484 4.18 28.74 18.10
CA ASN A 484 3.42 27.91 19.09
C ASN A 484 3.67 28.43 20.51
N ALA A 485 4.93 28.65 20.87
CA ALA A 485 5.38 28.98 22.26
C ALA A 485 4.84 30.35 22.68
N SER A 486 5.19 31.39 21.90
CA SER A 486 4.87 32.81 22.18
C SER A 486 3.73 33.27 21.26
N MET A 487 2.54 32.71 21.43
CA MET A 487 1.36 32.93 20.56
C MET A 487 0.96 34.41 20.58
N GLY A 488 0.66 34.94 21.76
CA GLY A 488 0.12 36.30 21.94
C GLY A 488 1.21 37.32 22.18
N LYS A 489 2.40 37.14 21.57
CA LYS A 489 3.59 38.01 21.76
C LYS A 489 4.19 38.36 20.39
N TYR A 490 4.47 39.65 20.17
CA TYR A 490 5.34 40.15 19.06
C TYR A 490 6.78 39.82 19.43
N LYS A 491 7.53 39.16 18.54
CA LYS A 491 8.91 38.68 18.85
C LYS A 491 9.86 38.97 17.69
N VAL A 492 11.08 39.41 18.03
CA VAL A 492 12.21 39.67 17.08
C VAL A 492 13.00 38.37 16.93
N ILE A 493 12.77 37.65 15.84
CA ILE A 493 13.54 36.44 15.46
C ILE A 493 14.67 36.88 14.52
N PRO A 494 15.94 36.59 14.86
CA PRO A 494 17.07 36.90 13.99
C PRO A 494 17.21 35.84 12.87
N ILE A 495 17.40 36.30 11.63
CA ILE A 495 17.63 35.43 10.43
C ILE A 495 19.09 34.97 10.46
N THR A 496 19.32 33.84 11.14
CA THR A 496 20.65 33.27 11.49
C THR A 496 20.91 32.02 10.65
N ASN A 497 22.17 31.57 10.61
CA ASN A 497 22.68 30.51 9.72
C ASN A 497 24.19 30.33 9.99
N ARG A 498 24.62 29.10 10.29
CA ARG A 498 26.05 28.77 10.58
C ARG A 498 26.75 28.37 9.29
N VAL A 499 27.95 28.93 9.07
CA VAL A 499 28.77 28.70 7.84
C VAL A 499 30.20 28.33 8.26
N VAL A 500 30.83 27.42 7.51
CA VAL A 500 32.25 26.98 7.70
C VAL A 500 33.00 27.25 6.39
N ASN A 501 34.12 27.99 6.47
CA ASN A 501 34.98 28.36 5.32
C ASN A 501 35.96 27.22 5.04
N GLU A 502 36.66 27.28 3.90
CA GLU A 502 37.65 26.26 3.43
C GLU A 502 38.61 25.90 4.57
N LYS A 503 39.07 26.91 5.33
CA LYS A 503 40.10 26.75 6.40
C LYS A 503 39.50 26.05 7.63
N GLY A 504 38.18 25.89 7.69
CA GLY A 504 37.48 25.16 8.76
C GLY A 504 37.28 26.00 10.01
N GLU A 505 36.70 27.19 9.85
CA GLU A 505 36.35 28.14 10.94
C GLU A 505 34.83 28.37 10.94
N SER A 506 34.19 28.29 12.11
CA SER A 506 32.72 28.43 12.30
C SER A 506 32.34 29.92 12.42
N PHE A 507 31.66 30.43 11.39
CA PHE A 507 31.10 31.81 11.32
C PHE A 507 29.58 31.76 11.42
N ASP A 508 29.01 32.48 12.39
CA ASP A 508 27.56 32.77 12.47
C ASP A 508 27.25 33.90 11.46
N MET A 509 26.19 33.72 10.66
CA MET A 509 25.77 34.67 9.59
C MET A 509 24.37 35.21 9.90
N LEU A 510 24.29 36.44 10.40
CA LEU A 510 23.04 37.21 10.58
C LEU A 510 22.72 37.93 9.27
N TYR A 511 21.62 37.54 8.60
CA TYR A 511 21.19 38.09 7.29
C TYR A 511 20.20 39.25 7.49
N GLY A 512 19.66 39.37 8.71
CA GLY A 512 18.70 40.42 9.09
C GLY A 512 17.84 40.00 10.27
N LEU A 513 16.89 40.86 10.65
CA LEU A 513 15.95 40.64 11.78
C LEU A 513 14.53 40.55 11.21
N ALA A 514 13.74 39.59 11.72
CA ALA A 514 12.31 39.42 11.39
C ALA A 514 11.49 39.63 12.67
N VAL A 515 10.25 40.10 12.54
CA VAL A 515 9.31 40.23 13.69
C VAL A 515 8.06 39.39 13.39
N LYS A 516 7.63 38.62 14.39
CA LYS A 516 6.52 37.64 14.29
C LYS A 516 5.28 38.23 14.99
N GLY A 517 4.21 38.50 14.23
CA GLY A 517 2.93 38.97 14.78
C GLY A 517 2.25 37.91 15.61
N GLN A 518 1.17 38.25 16.32
CA GLN A 518 0.38 37.28 17.13
C GLN A 518 0.10 36.06 16.25
N SER A 519 0.36 34.86 16.78
CA SER A 519 0.30 33.56 16.06
C SER A 519 -0.66 32.60 16.78
N HIS A 520 -1.90 33.04 16.99
CA HIS A 520 -3.04 32.19 17.47
C HIS A 520 -3.50 31.32 16.28
N LEU A 521 -2.63 30.41 15.84
CA LEU A 521 -2.81 29.60 14.60
C LEU A 521 -3.65 28.36 14.91
N ARG A 522 -4.95 28.45 14.68
CA ARG A 522 -5.93 27.35 14.88
C ARG A 522 -5.81 26.39 13.69
N GLY A 523 -6.31 26.79 12.52
CA GLY A 523 -6.17 26.03 11.27
C GLY A 523 -4.71 25.94 10.83
N ASP A 524 -4.43 25.09 9.85
CA ASP A 524 -3.07 24.90 9.30
C ASP A 524 -2.76 26.03 8.32
N THR A 525 -3.78 26.49 7.59
CA THR A 525 -3.68 27.60 6.60
C THR A 525 -3.63 28.96 7.32
N ASP A 526 -4.18 29.05 8.53
CA ASP A 526 -4.28 30.29 9.34
C ASP A 526 -2.92 31.01 9.29
N VAL A 527 -2.94 32.30 8.95
CA VAL A 527 -1.74 33.11 8.61
C VAL A 527 -1.17 33.73 9.89
N VAL A 528 0.16 33.82 9.96
CA VAL A 528 0.89 34.66 10.96
C VAL A 528 1.75 35.65 10.19
N THR A 529 1.44 36.95 10.30
CA THR A 529 2.20 38.04 9.62
C THR A 529 3.61 38.10 10.23
N VAL A 530 4.62 37.99 9.38
CA VAL A 530 6.06 38.10 9.74
C VAL A 530 6.65 39.25 8.92
N VAL A 531 7.24 40.24 9.59
CA VAL A 531 7.84 41.43 8.91
C VAL A 531 9.36 41.22 8.86
N THR A 532 9.91 41.12 7.65
CA THR A 532 11.34 40.84 7.36
C THR A 532 12.09 42.16 7.16
N PHE A 533 13.18 42.34 7.90
CA PHE A 533 14.24 43.35 7.65
C PHE A 533 15.52 42.58 7.29
N GLU A 534 15.96 42.67 6.03
CA GLU A 534 17.09 41.86 5.49
C GLU A 534 18.21 42.75 4.94
N PHE A 535 19.46 42.47 5.32
CA PHE A 535 20.67 43.13 4.76
C PHE A 535 20.86 42.70 3.30
N SER A 536 21.35 43.60 2.44
CA SER A 536 21.62 43.35 1.01
C SER A 536 22.53 44.44 0.42
N SER A 537 23.48 44.02 -0.43
CA SER A 537 24.36 44.90 -1.25
C SER A 537 23.63 45.38 -2.50
N THR A 538 22.56 44.68 -2.91
CA THR A 538 21.84 44.89 -4.19
C THR A 538 21.13 46.25 -4.15
N ASP A 539 21.35 47.07 -5.17
CA ASP A 539 20.74 48.42 -5.35
C ASP A 539 19.36 48.23 -5.97
N PRO A 540 18.27 48.55 -5.23
CA PRO A 540 16.92 48.29 -5.72
C PRO A 540 16.53 49.20 -6.90
N ARG A 541 17.22 50.33 -7.07
CA ARG A 541 17.05 51.27 -8.21
C ARG A 541 17.30 50.52 -9.52
N VAL A 542 18.28 49.61 -9.52
CA VAL A 542 18.72 48.83 -10.73
C VAL A 542 17.50 48.12 -11.33
N ASP A 543 17.04 47.04 -10.69
CA ASP A 543 15.87 46.23 -11.13
C ASP A 543 14.67 46.65 -10.27
N SER A 544 14.07 47.81 -10.59
CA SER A 544 13.00 48.48 -9.81
C SER A 544 11.71 47.64 -9.82
N GLY A 545 11.39 47.00 -10.95
CA GLY A 545 10.19 46.17 -11.13
C GLY A 545 10.29 44.83 -10.40
N LYS A 546 11.42 44.56 -9.75
CA LYS A 546 11.66 43.36 -8.90
C LYS A 546 11.18 43.62 -7.47
N TRP A 547 11.17 44.88 -7.01
CA TRP A 547 11.02 45.24 -5.58
C TRP A 547 9.80 46.13 -5.34
N PRO A 548 8.62 45.90 -5.96
CA PRO A 548 7.44 46.70 -5.65
C PRO A 548 6.89 46.34 -4.25
N LYS A 549 7.15 45.11 -3.79
CA LYS A 549 6.65 44.53 -2.52
C LYS A 549 7.53 44.97 -1.34
N TYR A 550 8.69 45.59 -1.59
CA TYR A 550 9.73 45.88 -0.57
C TYR A 550 9.83 47.38 -0.30
N THR A 551 10.42 47.73 0.85
CA THR A 551 10.76 49.11 1.28
C THR A 551 12.21 49.11 1.76
N VAL A 552 13.10 49.89 1.11
CA VAL A 552 14.58 49.75 1.22
C VAL A 552 15.18 51.01 1.84
N PHE A 553 16.08 50.82 2.80
CA PHE A 553 16.83 51.90 3.52
C PHE A 553 18.34 51.68 3.37
N ARG A 554 19.06 52.66 2.81
CA ARG A 554 20.55 52.71 2.79
C ARG A 554 21.02 52.89 4.24
N ILE A 555 21.83 51.96 4.76
CA ILE A 555 22.20 51.94 6.22
C ILE A 555 23.72 51.89 6.39
N GLY A 556 24.47 52.51 5.47
CA GLY A 556 25.94 52.59 5.51
C GLY A 556 26.58 51.77 4.39
N SER A 557 27.81 51.31 4.59
CA SER A 557 28.63 50.59 3.59
C SER A 557 29.46 49.50 4.25
N LEU A 558 30.08 48.63 3.42
CA LEU A 558 31.05 47.58 3.86
C LEU A 558 32.08 47.36 2.75
N PHE A 559 33.30 46.97 3.13
CA PHE A 559 34.37 46.50 2.20
C PHE A 559 34.04 45.08 1.73
N VAL A 560 33.58 44.92 0.48
CA VAL A 560 33.26 43.59 -0.14
C VAL A 560 34.57 42.90 -0.50
N SER A 561 35.63 43.69 -0.75
CA SER A 561 37.02 43.23 -0.99
C SER A 561 37.93 44.46 -0.95
N GLY A 562 38.19 45.06 -2.11
CA GLY A 562 38.77 46.42 -2.24
C GLY A 562 37.68 47.46 -2.42
N ARG A 563 36.45 47.03 -2.75
CA ARG A 563 35.29 47.89 -3.06
C ARG A 563 34.48 48.16 -1.79
N GLU A 564 34.10 49.43 -1.57
CA GLU A 564 33.11 49.86 -0.56
C GLU A 564 31.70 49.72 -1.17
N LYS A 565 31.07 48.57 -0.96
CA LYS A 565 29.65 48.32 -1.37
C LYS A 565 28.72 48.89 -0.30
N SER A 566 27.79 49.76 -0.72
CA SER A 566 26.76 50.39 0.15
C SER A 566 25.74 49.31 0.58
N VAL A 567 25.47 49.24 1.89
CA VAL A 567 24.58 48.22 2.52
C VAL A 567 23.16 48.80 2.64
N TYR A 568 22.20 48.12 2.03
CA TYR A 568 20.75 48.45 2.07
C TYR A 568 20.06 47.54 3.08
N LEU A 569 18.81 47.86 3.40
CA LEU A 569 17.94 47.09 4.32
C LEU A 569 16.57 46.94 3.66
N TYR A 570 16.27 45.73 3.18
CA TYR A 570 15.01 45.34 2.52
C TYR A 570 13.99 44.97 3.59
N CYS A 571 12.99 45.83 3.77
CA CYS A 571 11.89 45.75 4.76
C CYS A 571 10.59 45.36 4.04
N ARG A 572 9.98 44.25 4.45
CA ARG A 572 8.73 43.74 3.82
C ARG A 572 7.80 43.16 4.90
N VAL A 573 6.52 43.54 4.85
CA VAL A 573 5.41 42.85 5.56
C VAL A 573 5.12 41.56 4.79
N ASN A 574 5.46 40.42 5.38
CA ASN A 574 5.27 39.06 4.77
C ASN A 574 4.33 38.26 5.67
N GLY A 575 3.96 37.06 5.22
CA GLY A 575 3.10 36.13 5.97
C GLY A 575 3.44 34.68 5.65
N THR A 576 3.21 33.79 6.59
CA THR A 576 3.35 32.32 6.43
C THR A 576 2.30 31.63 7.32
N ASN A 577 2.21 30.31 7.22
CA ASN A 577 1.23 29.47 7.95
C ASN A 577 1.92 28.20 8.45
N LYS A 578 1.24 27.42 9.29
CA LYS A 578 1.76 26.19 9.91
C LYS A 578 2.39 25.30 8.83
N ILE A 579 1.68 25.09 7.71
CA ILE A 579 2.07 24.15 6.62
C ILE A 579 3.42 24.60 6.05
N GLN A 580 3.45 25.78 5.43
CA GLN A 580 4.63 26.37 4.74
C GLN A 580 5.83 26.33 5.69
N MET A 581 5.62 26.66 6.97
CA MET A 581 6.67 26.66 8.03
C MET A 581 7.19 25.23 8.20
N LYS A 582 6.31 24.23 8.26
CA LYS A 582 6.68 22.80 8.40
C LYS A 582 7.47 22.37 7.17
N TRP A 583 6.89 22.56 5.98
CA TRP A 583 7.52 22.22 4.68
C TRP A 583 8.87 22.93 4.55
N GLY A 584 9.01 24.11 5.16
CA GLY A 584 10.29 24.84 5.28
C GLY A 584 11.35 24.02 5.99
N MET A 585 10.98 23.38 7.11
CA MET A 585 11.88 22.53 7.93
C MET A 585 12.20 21.23 7.17
N GLU A 586 11.31 20.82 6.26
CA GLU A 586 11.45 19.60 5.42
C GLU A 586 11.97 19.97 4.02
N ALA A 587 12.73 21.07 3.92
CA ALA A 587 13.32 21.58 2.65
C ALA A 587 14.70 20.95 2.42
N ARG A 588 15.29 20.34 3.45
CA ARG A 588 16.60 19.64 3.39
C ARG A 588 16.58 18.58 2.28
N ARG A 589 15.42 17.93 2.09
CA ARG A 589 15.20 16.78 1.18
C ARG A 589 15.41 17.20 -0.28
N CYS A 590 15.65 18.49 -0.56
CA CYS A 590 16.08 19.00 -1.89
C CYS A 590 17.37 18.29 -2.32
N LEU A 591 18.27 18.01 -1.38
CA LEU A 591 19.54 17.26 -1.61
C LEU A 591 19.22 15.93 -2.32
N LEU A 592 18.26 15.18 -1.80
CA LEU A 592 17.91 13.80 -2.24
C LEU A 592 17.44 13.83 -3.70
N GLN A 593 16.40 14.61 -4.00
CA GLN A 593 15.78 14.65 -5.36
C GLN A 593 16.86 14.86 -6.42
N SER A 594 17.83 15.74 -6.16
CA SER A 594 18.93 16.12 -7.09
C SER A 594 20.03 15.07 -7.08
N MET A 595 20.51 14.69 -5.89
CA MET A 595 21.60 13.69 -5.68
C MET A 595 21.22 12.37 -6.37
N GLN A 596 20.01 11.87 -6.09
CA GLN A 596 19.47 10.59 -6.63
C GLN A 596 19.59 10.58 -8.16
N GLN A 597 19.01 11.61 -8.81
CA GLN A 597 18.86 11.72 -10.28
C GLN A 597 20.23 11.56 -10.97
N MET A 598 21.31 12.07 -10.35
CA MET A 598 22.69 12.03 -10.90
C MET A 598 23.38 10.73 -10.47
N GLU A 599 23.21 10.32 -9.21
CA GLU A 599 23.70 9.00 -8.73
C GLU A 599 23.19 7.91 -9.68
N ALA A 600 21.96 8.06 -10.19
CA ALA A 600 21.34 7.17 -11.20
C ALA A 600 22.25 7.09 -12.44
N ILE A 601 22.70 8.25 -12.94
CA ILE A 601 23.61 8.35 -14.12
C ILE A 601 24.96 7.72 -13.75
N VAL A 602 25.53 8.07 -12.59
CA VAL A 602 26.81 7.46 -12.12
C VAL A 602 26.68 5.95 -12.17
N GLU A 603 25.64 5.40 -11.52
CA GLU A 603 25.39 3.94 -11.40
C GLU A 603 25.14 3.32 -12.79
N GLN A 604 24.38 4.02 -13.64
CA GLN A 604 24.12 3.64 -15.05
C GLN A 604 25.46 3.47 -15.78
N GLU A 605 26.27 4.53 -15.80
CA GLU A 605 27.58 4.59 -16.49
C GLU A 605 28.53 3.55 -15.88
N SER A 606 28.39 3.28 -14.57
CA SER A 606 29.20 2.28 -13.82
C SER A 606 28.96 0.87 -14.37
N SER A 607 27.73 0.55 -14.77
CA SER A 607 27.36 -0.77 -15.33
C SER A 607 28.05 -0.98 -16.68
N ILE A 608 28.21 0.09 -17.46
CA ILE A 608 28.79 0.05 -18.82
C ILE A 608 30.30 -0.19 -18.69
N GLN A 609 31.00 0.67 -17.93
CA GLN A 609 32.48 0.66 -17.80
C GLN A 609 32.93 -0.47 -16.87
N GLY A 610 32.09 -0.88 -15.93
CA GLY A 610 32.31 -2.07 -15.08
C GLY A 610 33.06 -1.75 -13.80
N TYR A 611 33.22 -0.47 -13.45
CA TYR A 611 33.80 -0.01 -12.16
C TYR A 611 33.01 1.20 -11.65
N ASP A 612 33.41 1.75 -10.50
CA ASP A 612 32.76 2.93 -9.86
C ASP A 612 33.11 4.19 -10.68
N MET A 613 32.18 4.67 -11.50
CA MET A 613 32.39 5.80 -12.45
C MET A 613 32.15 7.14 -11.75
N THR A 614 31.99 7.15 -10.42
CA THR A 614 31.86 8.37 -9.59
C THR A 614 33.01 9.33 -9.93
N LYS A 615 34.25 8.94 -9.61
CA LYS A 615 35.47 9.75 -9.77
C LYS A 615 35.65 10.14 -11.25
N ALA A 616 35.23 9.26 -12.15
CA ALA A 616 35.33 9.43 -13.63
C ALA A 616 34.38 10.55 -14.09
N CYS A 617 33.10 10.49 -13.71
CA CYS A 617 32.04 11.40 -14.21
C CYS A 617 32.38 12.86 -13.88
N PHE A 618 32.85 13.13 -12.66
CA PHE A 618 33.19 14.48 -12.17
C PHE A 618 34.48 14.97 -12.83
N LYS A 619 35.61 14.32 -12.51
CA LYS A 619 36.99 14.76 -12.84
C LYS A 619 37.48 14.07 -14.13
N GLY A 620 37.28 12.76 -14.22
CA GLY A 620 37.80 11.91 -15.31
C GLY A 620 39.04 11.15 -14.87
N ASP A 621 39.14 9.87 -15.22
CA ASP A 621 40.26 8.96 -14.83
C ASP A 621 41.13 8.72 -16.06
N ARG A 622 42.02 7.72 -16.02
CA ARG A 622 43.00 7.42 -17.09
C ARG A 622 42.24 6.90 -18.32
N VAL A 623 41.12 6.20 -18.09
CA VAL A 623 40.30 5.53 -19.15
C VAL A 623 39.31 6.54 -19.73
N ASN A 624 38.43 7.09 -18.88
CA ASN A 624 37.30 7.96 -19.28
C ASN A 624 37.61 9.42 -18.94
N SER A 625 37.33 10.33 -19.90
CA SER A 625 37.30 11.80 -19.73
C SER A 625 36.02 12.17 -18.98
N PRO A 626 35.94 13.38 -18.35
CA PRO A 626 34.79 13.75 -17.53
C PRO A 626 33.46 13.82 -18.29
N LYS A 627 32.35 13.59 -17.57
CA LYS A 627 30.96 13.68 -18.09
C LYS A 627 30.54 15.15 -18.13
N THR A 628 30.00 15.59 -19.27
CA THR A 628 29.48 16.97 -19.51
C THR A 628 27.98 16.90 -19.79
N PHE A 629 27.28 18.03 -19.66
CA PHE A 629 25.84 18.18 -20.00
C PHE A 629 25.62 19.51 -20.72
N SER A 630 24.80 19.53 -21.76
CA SER A 630 24.20 20.77 -22.34
C SER A 630 23.54 21.55 -21.19
N ILE A 631 24.13 22.68 -20.79
CA ILE A 631 23.82 23.37 -19.49
C ILE A 631 22.94 24.60 -19.72
N GLY A 632 23.21 25.40 -20.76
CA GLY A 632 22.49 26.65 -21.04
C GLY A 632 22.90 27.28 -22.36
N THR A 633 22.54 28.55 -22.57
CA THR A 633 22.76 29.32 -23.82
C THR A 633 23.67 30.51 -23.56
N GLN A 634 24.36 30.97 -24.62
CA GLN A 634 25.23 32.17 -24.62
C GLN A 634 25.14 32.85 -26.00
N GLU A 635 24.46 34.00 -26.05
CA GLU A 635 24.01 34.70 -27.29
C GLU A 635 23.54 33.66 -28.31
N GLY A 636 22.50 32.91 -27.94
CA GLY A 636 21.74 32.00 -28.82
C GLY A 636 22.51 30.76 -29.21
N LYS A 637 23.59 30.42 -28.51
CA LYS A 637 24.46 29.26 -28.80
C LYS A 637 24.58 28.37 -27.56
N LEU A 638 24.37 27.07 -27.73
CA LEU A 638 24.34 26.06 -26.63
C LEU A 638 25.72 25.97 -25.99
N VAL A 639 25.76 25.77 -24.66
CA VAL A 639 27.01 25.69 -23.85
C VAL A 639 26.97 24.40 -23.01
N LYS A 640 28.12 23.72 -22.90
CA LYS A 640 28.27 22.47 -22.11
C LYS A 640 28.89 22.80 -20.75
N GLY A 641 28.45 22.08 -19.71
CA GLY A 641 28.86 22.27 -18.31
C GLY A 641 29.18 20.94 -17.64
N SER A 642 29.84 21.02 -16.49
CA SER A 642 30.35 19.88 -15.68
C SER A 642 29.19 19.08 -15.08
N PHE A 643 29.49 17.82 -14.71
CA PHE A 643 28.59 16.91 -13.97
C PHE A 643 28.13 17.59 -12.68
N GLY A 644 29.08 18.17 -11.94
CA GLY A 644 28.83 18.94 -10.71
C GLY A 644 27.87 20.10 -10.95
N LYS A 645 28.15 20.90 -11.97
CA LYS A 645 27.27 22.02 -12.43
C LYS A 645 25.87 21.46 -12.69
N ALA A 646 25.77 20.47 -13.59
CA ALA A 646 24.49 19.81 -13.95
C ALA A 646 23.74 19.38 -12.68
N LEU A 647 24.45 18.76 -11.72
CA LEU A 647 23.89 18.37 -10.40
C LEU A 647 23.34 19.62 -9.70
N ARG A 648 24.21 20.61 -9.45
CA ARG A 648 23.86 21.86 -8.72
C ARG A 648 22.61 22.50 -9.34
N VAL A 649 22.57 22.59 -10.68
CA VAL A 649 21.43 23.19 -11.46
C VAL A 649 20.13 22.54 -11.02
N ILE A 650 20.12 21.21 -10.85
CA ILE A 650 18.90 20.45 -10.43
C ILE A 650 18.59 20.80 -8.96
N PHE A 651 19.57 20.64 -8.06
CA PHE A 651 19.44 20.95 -6.62
C PHE A 651 18.80 22.33 -6.44
N THR A 652 19.31 23.33 -7.17
CA THR A 652 18.73 24.70 -7.22
C THR A 652 17.26 24.61 -7.63
N LYS A 653 17.00 24.00 -8.79
CA LYS A 653 15.64 23.82 -9.36
C LYS A 653 14.70 23.30 -8.27
N CYS A 654 15.14 22.28 -7.51
CA CYS A 654 14.37 21.61 -6.42
C CYS A 654 14.13 22.59 -5.27
N LEU A 655 15.09 23.45 -4.97
CA LEU A 655 14.91 24.53 -3.95
C LEU A 655 13.83 25.49 -4.46
N MET A 656 13.98 25.95 -5.71
CA MET A 656 12.99 26.89 -6.34
C MET A 656 11.60 26.23 -6.37
N HIS A 657 11.55 24.90 -6.54
CA HIS A 657 10.30 24.09 -6.50
C HIS A 657 9.62 24.29 -5.14
N TYR A 658 10.39 24.46 -4.06
CA TYR A 658 9.86 24.81 -2.71
C TYR A 658 9.57 26.30 -2.64
N VAL A 659 10.60 27.13 -2.85
CA VAL A 659 10.55 28.61 -2.63
C VAL A 659 9.39 29.22 -3.42
N PHE A 660 9.12 28.74 -4.64
CA PHE A 660 7.99 29.20 -5.49
C PHE A 660 6.96 28.07 -5.64
N GLY A 661 6.81 27.23 -4.62
CA GLY A 661 5.90 26.07 -4.60
C GLY A 661 4.48 26.48 -4.22
N ASN A 662 3.53 26.31 -5.14
CA ASN A 662 2.09 26.65 -4.93
C ASN A 662 1.23 25.88 -5.94
N ALA A 663 -0.07 26.19 -5.98
CA ALA A 663 -1.08 25.57 -6.88
C ALA A 663 -0.70 25.82 -8.34
N GLN A 664 -0.22 27.02 -8.66
CA GLN A 664 0.20 27.43 -10.04
C GLN A 664 1.29 26.48 -10.55
N LEU A 665 2.31 26.21 -9.73
CA LEU A 665 3.47 25.36 -10.10
C LEU A 665 3.00 23.91 -10.27
N GLU A 666 2.35 23.35 -9.25
CA GLU A 666 1.82 21.97 -9.26
C GLU A 666 1.15 21.71 -10.63
N GLY A 667 0.18 22.55 -10.99
CA GLY A 667 -0.58 22.46 -12.24
C GLY A 667 0.33 22.48 -13.46
N PHE A 668 1.05 23.59 -13.67
CA PHE A 668 1.97 23.80 -14.82
C PHE A 668 2.90 22.59 -14.97
N SER A 669 3.56 22.20 -13.88
CA SER A 669 4.53 21.07 -13.81
C SER A 669 3.88 19.79 -14.34
N ALA A 670 2.68 19.46 -13.84
CA ALA A 670 1.93 18.23 -14.16
C ALA A 670 1.43 18.29 -15.61
N GLU A 671 0.85 19.41 -16.04
CA GLU A 671 0.24 19.54 -17.39
C GLU A 671 1.33 19.60 -18.46
N SER A 672 2.46 20.27 -18.19
CA SER A 672 3.59 20.45 -19.13
C SER A 672 4.34 19.12 -19.33
N ARG A 673 4.46 18.32 -18.26
CA ARG A 673 5.04 16.96 -18.29
C ARG A 673 4.42 16.16 -19.44
N ARG A 674 3.11 16.36 -19.67
CA ARG A 674 2.32 15.72 -20.73
C ARG A 674 2.88 16.08 -22.12
N LEU A 675 3.32 17.33 -22.29
CA LEU A 675 3.88 17.88 -23.56
C LEU A 675 5.36 17.46 -23.68
N LEU A 676 6.09 17.50 -22.56
CA LEU A 676 7.50 17.04 -22.46
C LEU A 676 7.63 15.63 -23.04
N LEU A 677 6.64 14.77 -22.77
CA LEU A 677 6.59 13.36 -23.25
C LEU A 677 6.30 13.35 -24.77
N LEU A 678 5.25 14.05 -25.19
CA LEU A 678 4.90 14.23 -26.64
C LEU A 678 6.14 14.68 -27.42
N ILE A 679 6.99 15.54 -26.82
CA ILE A 679 8.30 15.92 -27.42
C ILE A 679 9.20 14.68 -27.49
N GLN A 680 9.40 14.01 -26.35
CA GLN A 680 10.30 12.83 -26.22
C GLN A 680 9.91 11.76 -27.24
N ALA A 681 8.63 11.63 -27.58
CA ALA A 681 8.12 10.72 -28.63
C ALA A 681 8.65 11.15 -30.01
N LEU A 682 8.56 12.45 -30.32
CA LEU A 682 9.10 13.06 -31.57
C LEU A 682 10.61 12.83 -31.61
N LYS A 683 11.30 13.00 -30.47
CA LYS A 683 12.76 12.76 -30.34
C LYS A 683 13.06 11.28 -30.60
N ASP A 684 12.30 10.38 -29.97
CA ASP A 684 12.45 8.90 -30.09
C ASP A 684 12.05 8.43 -31.50
N ARG A 685 11.31 9.28 -32.23
CA ARG A 685 10.76 9.00 -33.58
C ARG A 685 9.70 7.89 -33.44
N LYS A 686 8.77 8.08 -32.50
CA LYS A 686 7.62 7.16 -32.25
C LYS A 686 6.34 7.82 -32.76
N GLY A 687 6.41 8.47 -33.92
CA GLY A 687 5.30 9.19 -34.58
C GLY A 687 4.11 9.40 -33.65
N PRO A 688 4.20 10.35 -32.69
CA PRO A 688 3.11 10.59 -31.75
C PRO A 688 1.90 11.27 -32.41
N TRP A 689 0.71 10.99 -31.86
CA TRP A 689 -0.60 11.55 -32.30
C TRP A 689 -1.27 12.27 -31.12
N VAL A 690 -2.00 13.35 -31.41
CA VAL A 690 -2.77 14.15 -30.41
C VAL A 690 -4.20 14.34 -30.96
N PHE A 691 -5.16 14.58 -30.08
CA PHE A 691 -6.62 14.60 -30.38
C PHE A 691 -7.16 16.03 -30.23
N ASP A 692 -6.76 16.74 -29.18
CA ASP A 692 -7.12 18.17 -28.93
C ASP A 692 -5.91 18.89 -28.33
N LEU A 693 -4.96 19.31 -29.18
CA LEU A 693 -3.68 19.94 -28.77
C LEU A 693 -3.95 21.28 -28.08
N GLU A 694 -4.85 22.08 -28.65
CA GLU A 694 -5.26 23.42 -28.11
C GLU A 694 -5.68 23.26 -26.65
N GLY A 695 -6.67 22.38 -26.40
CA GLY A 695 -7.18 22.05 -25.06
C GLY A 695 -6.07 21.62 -24.12
N MET A 696 -5.11 20.85 -24.63
CA MET A 696 -3.91 20.38 -23.89
C MET A 696 -3.03 21.57 -23.51
N TYR A 697 -2.84 22.51 -24.45
CA TYR A 697 -2.06 23.75 -24.26
C TYR A 697 -2.73 24.63 -23.20
N SER A 698 -4.02 24.93 -23.38
CA SER A 698 -4.81 25.84 -22.49
C SER A 698 -4.64 25.43 -21.02
N GLY A 699 -4.72 24.13 -20.74
CA GLY A 699 -4.52 23.55 -19.40
C GLY A 699 -3.17 23.92 -18.81
N ILE A 700 -2.13 23.97 -19.64
CA ILE A 700 -0.75 24.42 -19.26
C ILE A 700 -0.77 25.95 -19.09
N GLU A 701 -1.33 26.66 -20.08
CA GLU A 701 -1.20 28.13 -20.23
C GLU A 701 -2.02 28.87 -19.16
N GLU A 702 -3.09 28.24 -18.63
CA GLU A 702 -3.95 28.86 -17.57
C GLU A 702 -3.20 28.87 -16.23
N CYS A 703 -2.24 27.96 -16.04
CA CYS A 703 -1.41 27.85 -14.80
C CYS A 703 -0.39 29.00 -14.73
N ILE A 704 0.06 29.50 -15.88
CA ILE A 704 1.08 30.58 -16.01
C ILE A 704 0.41 31.92 -15.71
N SER A 705 0.62 32.47 -14.51
CA SER A 705 0.00 33.74 -14.05
C SER A 705 1.08 34.66 -13.46
N ASN A 706 1.36 34.57 -12.15
CA ASN A 706 2.30 35.47 -11.43
C ASN A 706 3.32 34.65 -10.62
N ASN A 707 3.54 33.38 -10.96
CA ASN A 707 4.61 32.56 -10.34
C ASN A 707 5.89 32.74 -11.16
N PRO A 708 6.95 33.33 -10.56
CA PRO A 708 8.19 33.62 -11.27
C PRO A 708 8.80 32.36 -11.90
N TRP A 709 8.88 31.28 -11.11
CA TRP A 709 9.50 30.01 -11.54
C TRP A 709 8.70 29.38 -12.67
N VAL A 710 7.37 29.46 -12.61
CA VAL A 710 6.44 29.04 -13.70
C VAL A 710 6.76 29.88 -14.94
N ILE A 711 6.69 31.22 -14.79
CA ILE A 711 6.89 32.18 -15.92
C ILE A 711 8.25 31.92 -16.57
N GLN A 712 9.30 31.72 -15.78
CA GLN A 712 10.68 31.49 -16.28
C GLN A 712 10.78 30.08 -16.88
N SER A 713 10.14 29.09 -16.24
CA SER A 713 10.09 27.68 -16.72
C SER A 713 9.43 27.62 -18.10
N ALA A 714 8.41 28.46 -18.34
CA ALA A 714 7.77 28.61 -19.67
C ALA A 714 8.79 29.13 -20.69
N TYR A 715 9.56 30.17 -20.33
CA TYR A 715 10.62 30.79 -21.17
C TYR A 715 11.68 29.73 -21.49
N TRP A 716 12.20 29.05 -20.46
CA TRP A 716 13.23 27.98 -20.58
C TRP A 716 12.70 26.83 -21.45
N PHE A 717 11.46 26.40 -21.19
CA PHE A 717 10.76 25.35 -21.98
C PHE A 717 10.71 25.79 -23.45
N ASN A 718 10.19 26.99 -23.71
CA ASN A 718 10.06 27.56 -25.07
C ASN A 718 11.44 27.63 -25.74
N GLU A 719 12.47 28.05 -24.99
CA GLU A 719 13.87 28.16 -25.49
C GLU A 719 14.40 26.78 -25.86
N TRP A 720 14.33 25.83 -24.94
CA TRP A 720 14.80 24.42 -25.12
C TRP A 720 14.05 23.79 -26.32
N LEU A 721 12.72 23.88 -26.34
CA LEU A 721 11.85 23.37 -27.44
C LEU A 721 12.41 23.84 -28.79
N GLY A 722 12.74 25.14 -28.90
CA GLY A 722 13.36 25.74 -30.08
C GLY A 722 14.66 25.04 -30.46
N PHE A 723 15.52 24.76 -29.47
CA PHE A 723 16.86 24.14 -29.67
C PHE A 723 16.69 22.67 -30.10
N GLU A 724 15.73 21.95 -29.49
CA GLU A 724 15.34 20.58 -29.90
C GLU A 724 14.87 20.63 -31.35
N LYS A 725 13.80 21.39 -31.61
CA LYS A 725 13.17 21.60 -32.94
C LYS A 725 14.24 21.75 -34.03
N GLU A 726 15.36 22.41 -33.71
CA GLU A 726 16.53 22.57 -34.62
C GLU A 726 17.22 21.21 -34.79
N GLY A 727 17.56 20.54 -33.67
CA GLY A 727 18.27 19.25 -33.65
C GLY A 727 17.60 18.21 -34.52
N SER A 728 16.26 18.21 -34.51
CA SER A 728 15.38 17.28 -35.27
C SER A 728 15.76 17.26 -36.75
N LYS A 729 16.10 18.43 -37.32
CA LYS A 729 16.43 18.60 -38.77
C LYS A 729 17.39 17.50 -39.22
N VAL A 730 18.45 17.24 -38.44
CA VAL A 730 19.49 16.20 -38.72
C VAL A 730 18.80 14.88 -39.16
N LEU A 731 17.68 14.53 -38.52
CA LEU A 731 16.97 13.24 -38.75
C LEU A 731 16.02 13.32 -39.97
N GLU A 732 15.59 14.52 -40.38
CA GLU A 732 14.65 14.68 -41.53
C GLU A 732 15.16 13.87 -42.71
N SER A 733 16.40 14.12 -43.13
CA SER A 733 17.12 13.40 -44.22
C SER A 733 18.01 12.32 -43.60
N VAL A 734 17.44 11.13 -43.34
CA VAL A 734 18.18 9.91 -42.90
C VAL A 734 17.48 8.69 -43.51
N ASP A 735 18.22 7.87 -44.25
CA ASP A 735 17.69 6.72 -45.03
C ASP A 735 16.71 7.23 -46.09
N GLU A 736 17.01 8.39 -46.69
CA GLU A 736 16.13 9.12 -47.64
C GLU A 736 16.60 8.91 -49.09
N ILE A 737 17.74 8.24 -49.29
CA ILE A 737 18.36 7.95 -50.62
C ILE A 737 18.75 9.29 -51.27
N GLY B 9 27.23 37.18 -20.13
CA GLY B 9 27.21 36.02 -19.19
C GLY B 9 26.73 34.74 -19.87
N MET B 10 26.63 33.65 -19.10
CA MET B 10 26.14 32.32 -19.56
C MET B 10 24.87 31.97 -18.78
N ASN B 11 23.73 31.90 -19.49
CA ASN B 11 22.38 31.72 -18.90
C ASN B 11 22.04 30.23 -18.83
N ILE B 12 21.92 29.69 -17.61
CA ILE B 12 21.57 28.26 -17.34
C ILE B 12 20.11 28.04 -17.74
N ASN B 13 19.83 26.86 -18.30
CA ASN B 13 18.48 26.36 -18.66
C ASN B 13 18.37 24.94 -18.13
N PRO B 14 17.51 24.66 -17.12
CA PRO B 14 17.42 23.33 -16.53
C PRO B 14 16.84 22.28 -17.48
N TYR B 15 15.96 22.70 -18.40
CA TYR B 15 15.33 21.86 -19.44
C TYR B 15 16.38 21.26 -20.39
N PHE B 16 17.59 21.85 -20.44
CA PHE B 16 18.71 21.41 -21.31
C PHE B 16 19.30 20.07 -20.82
N LEU B 17 18.92 19.61 -19.62
CA LEU B 17 19.26 18.24 -19.17
C LEU B 17 18.57 17.23 -20.10
N PHE B 18 17.31 17.50 -20.47
CA PHE B 18 16.46 16.63 -21.33
C PHE B 18 17.13 16.37 -22.68
N ILE B 19 18.00 17.29 -23.12
CA ILE B 19 18.86 17.09 -24.34
C ILE B 19 19.70 15.83 -24.11
N ASP B 20 20.41 15.77 -22.98
CA ASP B 20 21.35 14.67 -22.62
C ASP B 20 20.54 13.44 -22.22
N VAL B 21 19.69 13.58 -21.20
CA VAL B 21 18.92 12.45 -20.58
C VAL B 21 17.47 12.56 -21.05
N PRO B 22 16.85 11.46 -21.54
CA PRO B 22 15.45 11.50 -21.99
C PRO B 22 14.46 11.69 -20.84
N ILE B 23 13.32 12.33 -21.13
CA ILE B 23 12.31 12.79 -20.14
C ILE B 23 12.04 11.67 -19.14
N GLN B 24 11.59 10.51 -19.63
CA GLN B 24 11.21 9.34 -18.79
C GLN B 24 12.33 9.01 -17.81
N ALA B 25 13.58 8.95 -18.29
CA ALA B 25 14.76 8.54 -17.49
C ALA B 25 14.92 9.48 -16.29
N ALA B 26 14.65 10.77 -16.48
CA ALA B 26 14.81 11.83 -15.45
C ALA B 26 13.47 12.51 -15.18
N ILE B 27 12.38 11.73 -15.12
CA ILE B 27 11.00 12.23 -14.87
C ILE B 27 10.94 12.84 -13.46
N SER B 28 11.72 12.29 -12.52
CA SER B 28 11.85 12.75 -11.10
C SER B 28 11.95 14.29 -11.03
N THR B 29 12.67 14.90 -11.97
CA THR B 29 12.98 16.36 -12.00
C THR B 29 11.74 17.18 -12.41
N THR B 30 10.64 16.53 -12.82
CA THR B 30 9.39 17.18 -13.27
C THR B 30 8.33 17.15 -12.16
N PHE B 31 8.63 16.54 -11.01
CA PHE B 31 7.74 16.45 -9.83
C PHE B 31 8.27 17.39 -8.74
N PRO B 32 7.57 18.50 -8.42
CA PRO B 32 8.08 19.49 -7.46
C PRO B 32 7.65 19.20 -6.02
N TYR B 33 8.04 18.05 -5.48
CA TYR B 33 7.46 17.45 -4.24
C TYR B 33 8.36 17.76 -3.02
N THR B 34 9.24 18.75 -3.16
CA THR B 34 9.89 19.48 -2.04
C THR B 34 9.06 20.74 -1.76
N GLY B 35 8.14 21.07 -2.67
CA GLY B 35 7.25 22.24 -2.59
C GLY B 35 5.91 21.88 -1.97
N VAL B 36 5.17 22.89 -1.52
CA VAL B 36 3.95 22.76 -0.66
C VAL B 36 2.79 22.27 -1.52
N PRO B 37 1.96 21.34 -0.99
CA PRO B 37 0.76 20.90 -1.70
C PRO B 37 -0.35 21.96 -1.58
N PRO B 38 -1.29 22.03 -2.55
CA PRO B 38 -2.43 22.94 -2.43
C PRO B 38 -3.42 22.49 -1.34
N TYR B 39 -3.74 23.41 -0.41
CA TYR B 39 -4.80 23.24 0.61
C TYR B 39 -5.97 24.17 0.26
N SER B 40 -7.17 23.81 0.71
CA SER B 40 -8.43 24.57 0.49
C SER B 40 -8.57 25.65 1.57
N HIS B 41 -9.51 26.56 1.37
CA HIS B 41 -9.83 27.69 2.28
C HIS B 41 -11.34 27.86 2.36
N GLY B 42 -11.89 28.03 3.57
CA GLY B 42 -13.31 28.32 3.82
C GLY B 42 -14.23 27.20 3.36
N THR B 43 -15.09 27.49 2.39
CA THR B 43 -16.27 26.66 2.02
C THR B 43 -15.95 25.75 0.82
N GLY B 44 -16.58 24.57 0.79
CA GLY B 44 -16.56 23.63 -0.34
C GLY B 44 -17.88 23.64 -1.10
N THR B 45 -18.80 24.51 -0.71
CA THR B 45 -20.16 24.64 -1.30
C THR B 45 -20.04 24.93 -2.80
N GLY B 46 -19.21 25.91 -3.17
CA GLY B 46 -18.95 26.26 -4.58
C GLY B 46 -18.53 25.04 -5.37
N TYR B 47 -17.51 24.34 -4.90
CA TYR B 47 -16.89 23.15 -5.54
C TYR B 47 -17.89 22.00 -5.61
N THR B 48 -18.72 21.85 -4.57
CA THR B 48 -19.81 20.84 -4.50
C THR B 48 -20.87 21.15 -5.57
N ILE B 49 -21.37 22.38 -5.56
CA ILE B 49 -22.41 22.89 -6.49
C ILE B 49 -21.98 22.63 -7.94
N ASP B 50 -20.69 22.85 -8.24
CA ASP B 50 -20.11 22.64 -9.60
C ASP B 50 -20.40 21.20 -10.06
N THR B 51 -20.00 20.21 -9.26
CA THR B 51 -20.22 18.76 -9.52
C THR B 51 -21.73 18.54 -9.76
N VAL B 52 -22.56 19.02 -8.82
CA VAL B 52 -24.05 18.87 -8.85
C VAL B 52 -24.57 19.40 -10.20
N ILE B 53 -24.13 20.58 -10.62
CA ILE B 53 -24.52 21.22 -11.92
C ILE B 53 -24.03 20.33 -13.06
N ARG B 54 -22.73 20.03 -13.10
CA ARG B 54 -22.07 19.34 -14.23
C ARG B 54 -22.68 17.93 -14.43
N THR B 55 -22.93 17.20 -13.34
CA THR B 55 -23.58 15.86 -13.38
C THR B 55 -24.87 15.94 -14.20
N HIS B 56 -25.72 16.92 -13.90
CA HIS B 56 -27.04 17.15 -14.57
C HIS B 56 -26.85 17.79 -15.95
N GLU B 57 -25.75 18.52 -16.15
CA GLU B 57 -25.39 19.20 -17.43
C GLU B 57 -25.17 18.14 -18.52
N TYR B 58 -24.65 16.96 -18.14
CA TYR B 58 -24.34 15.84 -19.07
C TYR B 58 -25.52 14.86 -19.15
N SER B 59 -26.59 15.10 -18.38
CA SER B 59 -27.78 14.23 -18.28
C SER B 59 -29.06 14.98 -18.69
N ASN B 60 -28.97 16.29 -18.96
CA ASN B 60 -30.12 17.22 -19.10
C ASN B 60 -31.03 16.78 -20.26
N LYS B 61 -30.46 16.16 -21.31
CA LYS B 61 -31.21 15.68 -22.51
C LYS B 61 -31.90 14.34 -22.22
N GLY B 62 -31.68 13.77 -21.03
CA GLY B 62 -32.30 12.49 -20.60
C GLY B 62 -33.73 12.67 -20.14
N LYS B 63 -34.26 11.70 -19.40
CA LYS B 63 -35.66 11.65 -18.89
C LYS B 63 -35.69 12.26 -17.49
N GLN B 64 -36.24 13.48 -17.35
CA GLN B 64 -36.39 14.20 -16.05
C GLN B 64 -37.78 13.89 -15.48
N TYR B 65 -37.85 13.59 -14.17
CA TYR B 65 -39.11 13.28 -13.43
C TYR B 65 -38.96 13.64 -11.95
N ILE B 66 -40.09 13.64 -11.23
CA ILE B 66 -40.18 13.98 -9.78
C ILE B 66 -40.35 12.67 -8.99
N SER B 67 -39.42 12.39 -8.06
CA SER B 67 -39.44 11.18 -7.20
C SER B 67 -40.64 11.25 -6.25
N ASP B 68 -41.58 10.31 -6.36
CA ASP B 68 -42.79 10.23 -5.51
C ASP B 68 -42.44 9.53 -4.19
N VAL B 69 -41.15 9.39 -3.87
CA VAL B 69 -40.63 8.88 -2.57
C VAL B 69 -40.04 10.05 -1.77
N THR B 70 -38.92 10.60 -2.25
CA THR B 70 -38.17 11.71 -1.61
C THR B 70 -38.90 13.04 -1.89
N GLY B 71 -39.57 13.15 -3.03
CA GLY B 71 -40.19 14.41 -3.52
C GLY B 71 -39.18 15.23 -4.32
N CYS B 72 -38.05 14.63 -4.68
CA CYS B 72 -36.87 15.31 -5.29
C CYS B 72 -36.99 15.33 -6.82
N THR B 73 -36.16 16.17 -7.46
CA THR B 73 -36.02 16.29 -8.94
C THR B 73 -34.98 15.26 -9.41
N MET B 74 -35.44 14.18 -10.07
CA MET B 74 -34.58 13.08 -10.57
C MET B 74 -34.43 13.21 -12.09
N VAL B 75 -33.22 12.95 -12.60
CA VAL B 75 -32.89 12.95 -14.06
C VAL B 75 -32.25 11.61 -14.42
N ASP B 76 -32.69 11.00 -15.52
CA ASP B 76 -32.30 9.63 -15.97
C ASP B 76 -31.77 9.69 -17.40
N PRO B 77 -30.43 9.69 -17.58
CA PRO B 77 -29.84 9.76 -18.93
C PRO B 77 -29.87 8.41 -19.67
N THR B 78 -29.75 7.30 -18.94
CA THR B 78 -29.58 5.92 -19.47
C THR B 78 -30.60 5.66 -20.59
N ASN B 79 -30.15 4.99 -21.66
CA ASN B 79 -30.94 4.70 -22.88
C ASN B 79 -31.41 6.02 -23.53
N GLY B 80 -30.70 7.12 -23.27
CA GLY B 80 -31.06 8.46 -23.76
C GLY B 80 -30.62 8.66 -25.21
N PRO B 81 -30.85 9.86 -25.79
CA PRO B 81 -30.41 10.16 -27.15
C PRO B 81 -28.87 10.22 -27.23
N LEU B 82 -28.29 9.56 -28.24
CA LEU B 82 -26.83 9.48 -28.44
C LEU B 82 -26.28 10.87 -28.75
N PRO B 83 -25.04 11.18 -28.33
CA PRO B 83 -24.50 12.54 -28.44
C PRO B 83 -24.35 13.03 -29.90
N GLU B 84 -24.44 14.35 -30.09
CA GLU B 84 -24.28 15.04 -31.39
C GLU B 84 -22.87 15.61 -31.50
N ASP B 85 -22.08 15.58 -30.41
CA ASP B 85 -20.72 16.18 -30.33
C ASP B 85 -19.88 15.39 -29.32
N ASN B 86 -18.75 15.97 -28.87
CA ASN B 86 -17.75 15.31 -28.00
C ASN B 86 -17.76 15.93 -26.59
N GLU B 87 -18.82 16.66 -26.25
CA GLU B 87 -19.09 17.13 -24.86
C GLU B 87 -19.42 15.91 -24.01
N PRO B 88 -18.90 15.81 -22.76
CA PRO B 88 -19.13 14.64 -21.92
C PRO B 88 -20.59 14.15 -21.94
N SER B 89 -20.80 12.90 -22.37
CA SER B 89 -22.12 12.22 -22.49
C SER B 89 -22.24 11.16 -21.38
N ALA B 90 -23.33 11.23 -20.59
CA ALA B 90 -23.71 10.23 -19.57
C ALA B 90 -24.73 9.26 -20.15
N TYR B 91 -25.15 9.48 -21.40
CA TYR B 91 -26.23 8.74 -22.10
C TYR B 91 -25.68 7.40 -22.59
N ALA B 92 -25.48 6.48 -21.64
CA ALA B 92 -25.04 5.08 -21.87
C ALA B 92 -26.26 4.26 -22.33
N GLN B 93 -26.02 3.22 -23.13
CA GLN B 93 -27.08 2.35 -23.71
C GLN B 93 -26.98 0.95 -23.10
N LEU B 94 -27.94 0.61 -22.23
CA LEU B 94 -28.02 -0.69 -21.51
C LEU B 94 -27.57 -1.82 -22.43
N ASP B 95 -28.25 -2.00 -23.57
CA ASP B 95 -27.94 -3.04 -24.59
C ASP B 95 -26.43 -3.20 -24.73
N CYS B 96 -25.72 -2.10 -24.98
CA CYS B 96 -24.26 -2.07 -25.27
C CYS B 96 -23.46 -2.42 -24.02
N VAL B 97 -23.94 -2.00 -22.85
CA VAL B 97 -23.30 -2.32 -21.53
C VAL B 97 -23.41 -3.84 -21.30
N LEU B 98 -24.59 -4.41 -21.57
CA LEU B 98 -24.87 -5.86 -21.44
C LEU B 98 -24.01 -6.63 -22.45
N GLU B 99 -24.11 -6.28 -23.75
CA GLU B 99 -23.32 -6.92 -24.84
C GLU B 99 -21.84 -6.99 -24.44
N ALA B 100 -21.29 -5.86 -23.97
CA ALA B 100 -19.89 -5.76 -23.48
C ALA B 100 -19.63 -6.79 -22.38
N LEU B 101 -20.55 -6.93 -21.43
CA LEU B 101 -20.42 -7.83 -20.26
C LEU B 101 -20.53 -9.30 -20.72
N ASP B 102 -21.40 -9.58 -21.71
CA ASP B 102 -21.60 -10.93 -22.31
C ASP B 102 -20.27 -11.40 -22.90
N ARG B 103 -19.61 -10.54 -23.71
CA ARG B 103 -18.28 -10.81 -24.30
C ARG B 103 -17.28 -11.10 -23.18
N MET B 104 -17.26 -10.27 -22.12
CA MET B 104 -16.40 -10.43 -20.93
C MET B 104 -16.65 -11.82 -20.31
N ASP B 105 -17.92 -12.18 -20.14
CA ASP B 105 -18.38 -13.48 -19.57
C ASP B 105 -17.90 -14.63 -20.47
N GLU B 106 -17.97 -14.46 -21.79
CA GLU B 106 -17.49 -15.46 -22.78
C GLU B 106 -15.96 -15.59 -22.65
N GLU B 107 -15.25 -14.47 -22.58
CA GLU B 107 -13.75 -14.42 -22.50
C GLU B 107 -13.28 -14.98 -21.16
N HIS B 108 -14.07 -14.84 -20.09
CA HIS B 108 -13.74 -15.33 -18.72
C HIS B 108 -14.89 -16.19 -18.19
N PRO B 109 -14.99 -17.47 -18.60
CA PRO B 109 -16.16 -18.29 -18.29
C PRO B 109 -16.26 -18.68 -16.80
N GLY B 110 -17.45 -18.52 -16.21
CA GLY B 110 -17.77 -18.90 -14.82
C GLY B 110 -17.36 -17.85 -13.81
N LEU B 111 -16.59 -16.83 -14.24
CA LEU B 111 -15.94 -15.83 -13.34
C LEU B 111 -17.01 -15.08 -12.52
N PHE B 112 -18.13 -14.72 -13.14
CA PHE B 112 -19.22 -13.92 -12.52
C PHE B 112 -19.79 -14.67 -11.31
N GLN B 113 -20.25 -15.90 -11.53
CA GLN B 113 -20.83 -16.76 -10.46
C GLN B 113 -19.71 -17.14 -9.49
N ALA B 114 -18.49 -17.38 -9.99
CA ALA B 114 -17.30 -17.74 -9.18
C ALA B 114 -17.01 -16.62 -8.17
N ALA B 115 -17.10 -15.37 -8.60
CA ALA B 115 -16.92 -14.15 -7.76
C ALA B 115 -18.14 -14.02 -6.83
N SER B 116 -19.34 -13.99 -7.42
CA SER B 116 -20.64 -13.86 -6.69
C SER B 116 -20.66 -14.82 -5.50
N GLN B 117 -20.29 -16.09 -5.71
CA GLN B 117 -20.13 -17.13 -4.67
C GLN B 117 -19.27 -16.57 -3.52
N ASN B 118 -18.05 -16.14 -3.83
CA ASN B 118 -17.04 -15.65 -2.86
C ASN B 118 -17.62 -14.45 -2.11
N ALA B 119 -18.08 -13.44 -2.86
CA ALA B 119 -18.66 -12.17 -2.34
C ALA B 119 -19.84 -12.47 -1.40
N MET B 120 -20.67 -13.45 -1.76
CA MET B 120 -21.86 -13.89 -0.97
C MET B 120 -21.38 -14.59 0.30
N GLU B 121 -20.52 -15.61 0.16
CA GLU B 121 -20.00 -16.42 1.30
C GLU B 121 -19.21 -15.52 2.26
N THR B 122 -18.62 -14.43 1.76
CA THR B 122 -17.97 -13.38 2.58
C THR B 122 -19.02 -12.71 3.47
N LEU B 123 -20.05 -12.13 2.84
CA LEU B 123 -21.12 -11.32 3.50
C LEU B 123 -21.69 -12.10 4.70
N MET B 124 -21.92 -13.40 4.53
CA MET B 124 -22.48 -14.31 5.56
C MET B 124 -21.56 -14.33 6.79
N VAL B 125 -20.25 -14.36 6.58
CA VAL B 125 -19.21 -14.37 7.66
C VAL B 125 -19.06 -12.94 8.22
N THR B 126 -19.18 -11.92 7.36
CA THR B 126 -18.95 -10.48 7.69
C THR B 126 -19.82 -10.06 8.88
N THR B 127 -19.18 -9.56 9.95
CA THR B 127 -19.83 -9.02 11.18
C THR B 127 -20.25 -7.56 10.92
N VAL B 128 -20.82 -6.89 11.93
CA VAL B 128 -21.24 -5.46 11.83
C VAL B 128 -19.99 -4.58 11.98
N ASP B 129 -19.14 -4.90 12.96
CA ASP B 129 -17.90 -4.13 13.32
C ASP B 129 -17.07 -3.83 12.07
N LYS B 130 -17.25 -4.59 10.99
CA LYS B 130 -16.65 -4.33 9.65
C LYS B 130 -16.83 -2.86 9.26
N LEU B 131 -17.94 -2.23 9.65
CA LEU B 131 -18.25 -0.82 9.29
C LEU B 131 -17.33 0.16 10.06
N THR B 132 -16.73 -0.27 11.17
CA THR B 132 -15.90 0.57 12.07
C THR B 132 -14.45 0.56 11.58
N GLN B 133 -14.22 0.92 10.32
CA GLN B 133 -12.87 1.04 9.71
C GLN B 133 -13.02 1.83 8.41
N GLY B 134 -13.60 3.03 8.52
CA GLY B 134 -13.90 3.92 7.39
C GLY B 134 -13.85 5.38 7.77
N ARG B 135 -12.81 5.79 8.51
CA ARG B 135 -12.50 7.21 8.79
C ARG B 135 -13.78 7.94 9.25
N GLN B 136 -14.06 9.12 8.68
CA GLN B 136 -15.22 9.98 9.01
C GLN B 136 -16.40 9.63 8.10
N THR B 137 -17.42 8.97 8.67
CA THR B 137 -18.70 8.62 8.00
C THR B 137 -19.77 9.63 8.44
N PHE B 138 -20.74 9.93 7.56
CA PHE B 138 -21.86 10.86 7.84
C PHE B 138 -22.83 10.21 8.82
N ASP B 139 -23.09 10.87 9.95
CA ASP B 139 -24.06 10.41 10.99
C ASP B 139 -25.37 11.19 10.82
N TRP B 140 -26.45 10.47 10.51
CA TRP B 140 -27.80 11.02 10.21
C TRP B 140 -28.47 11.57 11.48
N THR B 141 -28.09 11.05 12.65
CA THR B 141 -28.67 11.41 13.97
C THR B 141 -28.32 12.85 14.32
N VAL B 142 -27.15 13.34 13.88
CA VAL B 142 -26.63 14.70 14.23
C VAL B 142 -26.38 15.51 12.95
N CYS B 143 -26.44 14.89 11.76
CA CYS B 143 -26.26 15.55 10.44
C CYS B 143 -24.88 16.22 10.36
N ARG B 144 -23.86 15.53 10.88
CA ARG B 144 -22.43 15.89 10.77
C ARG B 144 -21.63 14.62 10.51
N ASN B 145 -20.41 14.74 9.99
CA ASN B 145 -19.47 13.60 9.85
C ASN B 145 -19.00 13.21 11.25
N GLN B 146 -18.65 11.94 11.45
CA GLN B 146 -18.14 11.40 12.75
C GLN B 146 -17.32 10.14 12.48
N PRO B 147 -16.49 9.70 13.45
CA PRO B 147 -15.77 8.43 13.34
C PRO B 147 -16.68 7.24 13.03
N ALA B 148 -16.28 6.42 12.04
CA ALA B 148 -17.02 5.22 11.56
C ALA B 148 -17.61 4.45 12.75
N ALA B 149 -16.78 4.18 13.77
CA ALA B 149 -17.12 3.39 14.97
C ALA B 149 -18.26 4.06 15.77
N THR B 150 -18.25 5.38 15.86
CA THR B 150 -19.28 6.18 16.58
C THR B 150 -20.54 6.25 15.71
N ALA B 151 -20.39 6.68 14.44
CA ALA B 151 -21.47 6.82 13.45
C ALA B 151 -22.34 5.57 13.42
N LEU B 152 -21.71 4.39 13.56
CA LEU B 152 -22.39 3.07 13.69
C LEU B 152 -23.12 3.01 15.03
N ASN B 153 -22.38 3.19 16.13
CA ASN B 153 -22.90 3.08 17.52
C ASN B 153 -24.19 3.90 17.65
N THR B 154 -24.15 5.16 17.20
CA THR B 154 -25.32 6.09 17.19
C THR B 154 -26.50 5.43 16.48
N THR B 155 -26.25 4.85 15.31
CA THR B 155 -27.27 4.19 14.44
C THR B 155 -27.82 2.95 15.15
N ILE B 156 -26.96 2.15 15.78
CA ILE B 156 -27.37 0.92 16.53
C ILE B 156 -28.24 1.35 17.73
N THR B 157 -27.77 2.31 18.53
CA THR B 157 -28.52 2.85 19.71
C THR B 157 -29.86 3.42 19.24
N SER B 158 -29.86 4.18 18.13
CA SER B 158 -31.07 4.78 17.52
C SER B 158 -32.06 3.69 17.08
N PHE B 159 -31.57 2.69 16.35
CA PHE B 159 -32.35 1.56 15.78
C PHE B 159 -33.10 0.83 16.90
N ARG B 160 -32.42 0.51 18.00
CA ARG B 160 -32.99 -0.21 19.18
C ARG B 160 -34.29 0.47 19.62
N LEU B 161 -34.32 1.81 19.63
CA LEU B 161 -35.49 2.62 20.07
C LEU B 161 -36.67 2.45 19.11
N ASN B 162 -36.39 2.11 17.84
CA ASN B 162 -37.43 1.88 16.79
C ASN B 162 -37.74 0.39 16.68
N ASP B 163 -37.26 -0.43 17.63
CA ASP B 163 -37.50 -1.90 17.71
C ASP B 163 -36.73 -2.59 16.59
N LEU B 164 -35.43 -2.28 16.44
CA LEU B 164 -34.53 -2.87 15.42
C LEU B 164 -33.24 -3.37 16.11
N ASN B 165 -33.23 -4.66 16.46
CA ASN B 165 -32.14 -5.32 17.24
C ASN B 165 -31.31 -6.23 16.32
N GLY B 166 -31.54 -6.16 15.00
CA GLY B 166 -30.83 -6.96 13.98
C GLY B 166 -29.32 -6.92 14.19
N ALA B 167 -28.78 -5.74 14.55
CA ALA B 167 -27.36 -5.53 14.90
C ALA B 167 -26.89 -6.59 15.89
N ASP B 168 -27.65 -6.78 16.98
CA ASP B 168 -27.29 -7.63 18.15
C ASP B 168 -26.94 -9.05 17.69
N LYS B 169 -27.54 -9.53 16.58
CA LYS B 169 -27.31 -10.88 16.03
C LYS B 169 -25.85 -11.04 15.57
N GLY B 170 -25.18 -9.94 15.19
CA GLY B 170 -23.72 -9.91 14.98
C GLY B 170 -23.30 -9.92 13.52
N GLY B 171 -23.99 -10.68 12.67
CA GLY B 171 -23.77 -10.71 11.21
C GLY B 171 -24.14 -9.38 10.57
N LEU B 172 -23.53 -9.03 9.43
CA LEU B 172 -23.80 -7.76 8.72
C LEU B 172 -25.20 -7.80 8.08
N ILE B 173 -25.60 -8.96 7.58
CA ILE B 173 -26.85 -9.17 6.80
C ILE B 173 -28.05 -8.70 7.64
N PRO B 174 -28.28 -9.26 8.86
CA PRO B 174 -29.43 -8.87 9.68
C PRO B 174 -29.42 -7.38 10.06
N PHE B 175 -28.25 -6.77 10.25
CA PHE B 175 -28.08 -5.31 10.47
C PHE B 175 -28.52 -4.56 9.22
N CYS B 176 -28.07 -5.02 8.04
CA CYS B 176 -28.45 -4.45 6.72
C CYS B 176 -29.97 -4.53 6.56
N GLN B 177 -30.57 -5.68 6.87
CA GLN B 177 -32.05 -5.88 6.85
C GLN B 177 -32.72 -4.73 7.63
N ASP B 178 -32.19 -4.38 8.80
CA ASP B 178 -32.74 -3.30 9.68
C ASP B 178 -32.67 -1.95 8.96
N ILE B 179 -31.67 -1.74 8.10
CA ILE B 179 -31.46 -0.43 7.40
C ILE B 179 -32.58 -0.23 6.37
N ILE B 180 -32.79 -1.22 5.48
CA ILE B 180 -33.85 -1.18 4.42
C ILE B 180 -35.23 -1.27 5.07
N ASP B 181 -35.33 -1.86 6.26
CA ASP B 181 -36.57 -1.89 7.09
C ASP B 181 -36.84 -0.48 7.65
N SER B 182 -35.80 0.19 8.17
CA SER B 182 -35.89 1.52 8.84
C SER B 182 -36.60 2.54 7.95
N LEU B 183 -36.54 2.36 6.63
CA LEU B 183 -37.18 3.25 5.61
C LEU B 183 -38.70 3.19 5.75
N ASP B 184 -39.24 2.04 6.17
CA ASP B 184 -40.70 1.74 6.22
C ASP B 184 -41.31 2.24 7.53
N ARG B 185 -40.47 2.59 8.52
CA ARG B 185 -40.90 3.17 9.80
C ARG B 185 -41.57 4.52 9.53
N PRO B 186 -42.78 4.79 10.09
CA PRO B 186 -43.48 6.06 9.85
C PRO B 186 -42.67 7.24 10.39
N GLU B 187 -42.21 7.15 11.64
CA GLU B 187 -41.26 8.10 12.27
C GLU B 187 -40.03 7.31 12.73
N MET B 188 -38.86 7.99 12.77
CA MET B 188 -37.61 7.43 13.34
C MET B 188 -37.20 8.27 14.55
N THR B 189 -37.00 7.60 15.68
CA THR B 189 -36.66 8.20 17.00
C THR B 189 -35.19 7.87 17.32
N PHE B 190 -34.48 8.85 17.87
CA PHE B 190 -33.03 8.76 18.19
C PHE B 190 -32.72 9.64 19.41
N PHE B 191 -31.72 9.26 20.20
CA PHE B 191 -31.17 10.06 21.32
C PHE B 191 -30.44 11.27 20.75
N SER B 192 -30.62 12.44 21.37
CA SER B 192 -29.73 13.63 21.21
C SER B 192 -29.65 14.38 22.55
N VAL B 193 -28.44 14.61 23.04
CA VAL B 193 -28.15 14.99 24.46
C VAL B 193 -28.61 16.44 24.70
N LYS B 194 -29.06 16.72 25.94
CA LYS B 194 -29.40 18.07 26.45
C LYS B 194 -28.74 18.25 27.82
N ASN B 195 -28.20 19.44 28.08
CA ASN B 195 -27.56 19.81 29.38
C ASN B 195 -28.64 20.00 30.45
N ILE B 196 -28.34 19.65 31.69
CA ILE B 196 -29.22 19.89 32.87
C ILE B 196 -28.36 20.38 34.04
N LYS B 197 -28.73 21.50 34.67
CA LYS B 197 -28.07 22.03 35.89
C LYS B 197 -28.48 21.16 37.09
N LYS B 198 -27.62 21.08 38.10
CA LYS B 198 -27.87 20.28 39.33
C LYS B 198 -26.90 20.74 40.44
N LYS B 199 -27.45 21.18 41.57
CA LYS B 199 -26.70 21.49 42.82
C LYS B 199 -25.87 20.27 43.21
N LEU B 200 -24.58 20.47 43.53
CA LEU B 200 -23.69 19.41 44.08
C LEU B 200 -22.93 19.97 45.28
N PRO B 201 -23.04 19.36 46.47
CA PRO B 201 -22.41 19.90 47.67
C PRO B 201 -20.88 19.88 47.53
N ALA B 202 -20.23 21.00 47.89
CA ALA B 202 -18.77 21.20 47.77
C ALA B 202 -18.28 22.14 48.89
N LYS B 203 -17.05 21.95 49.35
CA LYS B 203 -16.35 22.83 50.33
C LYS B 203 -16.33 24.25 49.75
N ASN B 204 -17.44 24.96 49.88
CA ASN B 204 -17.76 26.23 49.17
C ASN B 204 -18.35 27.21 50.18
N ARG B 205 -18.16 28.51 49.98
CA ARG B 205 -18.78 29.58 50.81
C ARG B 205 -20.29 29.34 50.86
N LYS B 206 -20.96 29.40 49.71
CA LYS B 206 -22.43 29.22 49.57
C LYS B 206 -22.81 27.77 49.91
N GLY B 207 -21.85 26.84 49.82
CA GLY B 207 -21.95 25.47 50.36
C GLY B 207 -22.41 24.45 49.33
N PHE B 208 -22.21 24.76 48.04
CA PHE B 208 -22.59 23.87 46.90
C PHE B 208 -21.89 24.36 45.63
N LEU B 209 -22.18 23.70 44.51
CA LEU B 209 -21.62 24.02 43.17
C LEU B 209 -22.57 23.47 42.10
N ILE B 210 -22.98 24.33 41.16
CA ILE B 210 -23.84 23.96 40.01
C ILE B 210 -22.93 23.34 38.94
N LYS B 211 -23.37 22.24 38.33
CA LYS B 211 -22.65 21.54 37.22
C LYS B 211 -23.66 21.05 36.20
N ARG B 212 -23.31 21.17 34.91
CA ARG B 212 -24.17 20.77 33.77
C ARG B 212 -23.92 19.28 33.47
N ILE B 213 -24.99 18.47 33.53
CA ILE B 213 -24.98 17.01 33.29
C ILE B 213 -25.66 16.74 31.94
N PRO B 214 -25.16 15.78 31.14
CA PRO B 214 -25.82 15.39 29.90
C PRO B 214 -27.07 14.54 30.18
N MET B 215 -28.10 14.66 29.33
CA MET B 215 -29.36 13.88 29.43
C MET B 215 -29.82 13.52 28.01
N LYS B 216 -29.92 12.23 27.72
CA LYS B 216 -30.33 11.70 26.39
C LYS B 216 -31.83 11.89 26.23
N VAL B 217 -32.23 12.84 25.36
CA VAL B 217 -33.65 13.12 25.00
C VAL B 217 -33.94 12.43 23.66
N LYS B 218 -35.17 11.92 23.52
CA LYS B 218 -35.64 11.16 22.33
C LYS B 218 -36.21 12.14 21.30
N ASP B 219 -35.39 12.50 20.32
CA ASP B 219 -35.82 13.28 19.11
C ASP B 219 -36.47 12.32 18.12
N LYS B 220 -37.43 12.82 17.35
CA LYS B 220 -38.15 12.06 16.29
C LYS B 220 -38.02 12.82 14.96
N ILE B 221 -38.03 12.09 13.85
CA ILE B 221 -38.12 12.69 12.48
C ILE B 221 -39.08 11.83 11.64
N THR B 222 -39.65 12.44 10.60
CA THR B 222 -40.69 11.85 9.71
C THR B 222 -40.06 10.80 8.79
N LYS B 223 -40.89 9.96 8.17
CA LYS B 223 -40.47 8.90 7.22
C LYS B 223 -39.51 9.48 6.16
N VAL B 224 -39.87 10.66 5.62
CA VAL B 224 -39.15 11.33 4.49
C VAL B 224 -37.82 11.90 5.00
N GLU B 225 -37.90 12.81 5.99
CA GLU B 225 -36.74 13.49 6.63
C GLU B 225 -35.65 12.45 6.93
N TYR B 226 -36.04 11.24 7.35
CA TYR B 226 -35.12 10.10 7.62
C TYR B 226 -34.56 9.56 6.30
N ILE B 227 -35.44 9.20 5.35
CA ILE B 227 -35.08 8.63 4.01
C ILE B 227 -34.01 9.53 3.38
N LYS B 228 -34.28 10.84 3.32
CA LYS B 228 -33.36 11.84 2.70
C LYS B 228 -31.99 11.73 3.37
N ARG B 229 -31.95 11.73 4.71
CA ARG B 229 -30.71 11.61 5.52
C ARG B 229 -30.01 10.27 5.25
N ALA B 230 -30.78 9.20 5.05
CA ALA B 230 -30.24 7.86 4.70
C ALA B 230 -29.58 7.95 3.32
N LEU B 231 -30.25 8.57 2.35
CA LEU B 231 -29.75 8.75 0.96
C LEU B 231 -28.75 9.90 0.88
N SER B 232 -28.46 10.60 1.99
CA SER B 232 -27.59 11.80 2.03
C SER B 232 -26.11 11.40 1.90
N LEU B 233 -25.33 12.24 1.22
CA LEU B 233 -23.85 12.21 1.17
C LEU B 233 -23.33 13.61 1.54
N ASN B 234 -22.48 13.70 2.56
CA ASN B 234 -21.86 14.99 2.99
C ASN B 234 -20.67 15.26 2.06
N THR B 235 -20.38 16.54 1.79
CA THR B 235 -19.36 16.98 0.80
C THR B 235 -18.32 17.89 1.46
N MET B 236 -17.06 17.73 1.06
CA MET B 236 -15.90 18.54 1.49
C MET B 236 -15.18 19.09 0.25
N THR B 237 -13.96 19.59 0.42
CA THR B 237 -12.98 19.85 -0.66
C THR B 237 -11.76 18.95 -0.45
N LYS B 238 -11.15 18.47 -1.53
CA LYS B 238 -9.97 17.57 -1.45
C LYS B 238 -8.72 18.43 -1.20
N ASP B 239 -8.06 18.21 -0.06
CA ASP B 239 -6.86 18.97 0.38
C ASP B 239 -5.61 18.15 0.06
N ALA B 240 -4.52 18.83 -0.32
CA ALA B 240 -3.22 18.25 -0.74
C ALA B 240 -3.38 17.55 -2.10
N GLU B 241 -4.31 18.04 -2.93
CA GLU B 241 -4.55 17.54 -4.32
C GLU B 241 -3.33 17.95 -5.17
N ARG B 242 -2.37 17.04 -5.32
CA ARG B 242 -1.06 17.30 -5.95
C ARG B 242 -1.25 17.51 -7.46
N GLY B 243 -0.31 18.21 -8.10
CA GLY B 243 -0.26 18.40 -9.57
C GLY B 243 -1.58 18.84 -10.15
N LYS B 244 -2.21 19.86 -9.56
CA LYS B 244 -3.48 20.47 -10.07
C LYS B 244 -3.57 21.93 -9.60
N LEU B 245 -4.20 22.79 -10.40
CA LEU B 245 -4.36 24.25 -10.13
C LEU B 245 -5.53 24.47 -9.16
N LYS B 246 -6.75 24.14 -9.59
CA LYS B 246 -8.02 24.45 -8.88
C LYS B 246 -8.51 23.22 -8.11
N ARG B 247 -9.13 23.45 -6.95
CA ARG B 247 -9.55 22.39 -6.00
C ARG B 247 -10.76 21.63 -6.56
N ARG B 248 -11.16 20.57 -5.89
CA ARG B 248 -12.26 19.66 -6.30
C ARG B 248 -12.98 19.15 -5.05
N ALA B 249 -14.24 18.71 -5.23
CA ALA B 249 -15.15 18.26 -4.16
C ALA B 249 -15.03 16.74 -3.96
N ILE B 250 -15.06 16.30 -2.70
CA ILE B 250 -15.10 14.86 -2.29
C ILE B 250 -16.34 14.65 -1.42
N ALA B 251 -16.86 13.42 -1.41
CA ALA B 251 -18.12 13.04 -0.73
C ALA B 251 -17.86 11.89 0.25
N THR B 252 -18.42 12.01 1.47
CA THR B 252 -18.52 10.93 2.50
C THR B 252 -19.99 10.52 2.62
N ALA B 253 -20.23 9.22 2.84
CA ALA B 253 -21.54 8.54 2.69
C ALA B 253 -22.09 8.12 4.06
N GLY B 254 -23.38 7.76 4.08
CA GLY B 254 -24.12 7.39 5.29
C GLY B 254 -23.84 5.96 5.71
N ILE B 255 -23.72 5.74 7.03
CA ILE B 255 -23.58 4.39 7.69
C ILE B 255 -24.62 3.42 7.15
N GLN B 256 -25.80 3.91 6.75
CA GLN B 256 -26.88 3.12 6.11
C GLN B 256 -26.39 2.54 4.78
N ILE B 257 -25.80 3.37 3.91
CA ILE B 257 -25.49 3.02 2.49
C ILE B 257 -24.06 2.46 2.40
N ARG B 258 -23.21 2.72 3.40
CA ARG B 258 -21.81 2.20 3.45
C ARG B 258 -21.82 0.67 3.51
N GLY B 259 -22.80 0.08 4.19
CA GLY B 259 -22.97 -1.38 4.29
C GLY B 259 -23.02 -2.03 2.92
N PHE B 260 -23.96 -1.60 2.08
CA PHE B 260 -24.32 -2.26 0.79
C PHE B 260 -23.24 -2.01 -0.28
N VAL B 261 -22.49 -0.90 -0.18
CA VAL B 261 -21.40 -0.55 -1.14
C VAL B 261 -20.24 -1.55 -0.99
N LEU B 262 -19.92 -1.91 0.26
CA LEU B 262 -18.83 -2.87 0.61
C LEU B 262 -18.96 -4.13 -0.25
N VAL B 263 -20.17 -4.70 -0.30
CA VAL B 263 -20.47 -6.01 -0.94
C VAL B 263 -20.39 -5.87 -2.47
N VAL B 264 -20.99 -4.81 -3.02
CA VAL B 264 -20.98 -4.52 -4.49
C VAL B 264 -19.54 -4.27 -4.94
N GLU B 265 -18.73 -3.55 -4.14
CA GLU B 265 -17.28 -3.35 -4.45
C GLU B 265 -16.57 -4.71 -4.34
N ASN B 266 -16.72 -5.40 -3.20
CA ASN B 266 -16.15 -6.74 -2.93
C ASN B 266 -16.42 -7.68 -4.11
N LEU B 267 -17.63 -7.61 -4.68
CA LEU B 267 -18.05 -8.42 -5.86
C LEU B 267 -17.15 -8.07 -7.06
N ALA B 268 -16.98 -6.77 -7.33
CA ALA B 268 -16.22 -6.24 -8.48
C ALA B 268 -14.73 -6.52 -8.31
N LYS B 269 -14.24 -6.52 -7.06
CA LYS B 269 -12.83 -6.84 -6.70
C LYS B 269 -12.54 -8.29 -7.13
N ASN B 270 -13.38 -9.23 -6.69
CA ASN B 270 -13.29 -10.68 -7.04
C ASN B 270 -13.20 -10.81 -8.56
N ILE B 271 -14.03 -10.07 -9.30
CA ILE B 271 -14.05 -10.05 -10.80
C ILE B 271 -12.71 -9.49 -11.30
N CYS B 272 -12.27 -8.35 -10.76
CA CYS B 272 -11.05 -7.61 -11.20
C CYS B 272 -9.79 -8.48 -11.01
N GLU B 273 -9.62 -9.06 -9.82
CA GLU B 273 -8.45 -9.90 -9.45
C GLU B 273 -8.15 -10.93 -10.55
N ASN B 274 -9.19 -11.44 -11.22
CA ASN B 274 -9.08 -12.53 -12.24
C ASN B 274 -9.23 -11.96 -13.65
N LEU B 275 -8.90 -10.68 -13.87
CA LEU B 275 -8.92 -10.03 -15.21
C LEU B 275 -7.48 -9.73 -15.66
N GLU B 276 -7.22 -9.84 -16.96
CA GLU B 276 -5.89 -9.65 -17.58
C GLU B 276 -5.51 -8.16 -17.58
N GLN B 277 -6.50 -7.28 -17.76
CA GLN B 277 -6.29 -5.84 -18.09
C GLN B 277 -6.58 -4.95 -16.87
N SER B 278 -6.94 -5.54 -15.73
CA SER B 278 -7.30 -4.80 -14.49
C SER B 278 -6.02 -4.33 -13.76
N GLY B 279 -5.86 -3.02 -13.60
CA GLY B 279 -4.77 -2.40 -12.82
C GLY B 279 -5.03 -2.50 -11.32
N LEU B 280 -6.31 -2.47 -10.91
CA LEU B 280 -6.75 -2.75 -9.52
C LEU B 280 -7.14 -4.21 -9.41
N PRO B 281 -7.14 -4.81 -8.19
CA PRO B 281 -6.62 -4.17 -6.98
C PRO B 281 -5.09 -4.30 -6.79
N VAL B 282 -4.38 -4.92 -7.74
CA VAL B 282 -2.90 -5.13 -7.66
C VAL B 282 -2.22 -3.76 -7.54
N GLY B 283 -1.07 -3.72 -6.87
CA GLY B 283 -0.35 -2.46 -6.56
C GLY B 283 1.16 -2.61 -6.54
N GLY B 284 1.87 -1.49 -6.67
CA GLY B 284 3.34 -1.41 -6.63
C GLY B 284 3.99 -2.49 -7.46
N ASN B 285 4.81 -3.33 -6.82
CA ASN B 285 5.63 -4.37 -7.50
C ASN B 285 4.69 -5.37 -8.22
N GLU B 286 3.65 -5.83 -7.53
CA GLU B 286 2.63 -6.76 -8.08
C GLU B 286 2.04 -6.19 -9.36
N LYS B 287 1.72 -4.89 -9.36
CA LYS B 287 1.14 -4.17 -10.52
C LYS B 287 2.19 -4.08 -11.62
N LYS B 288 3.34 -3.48 -11.30
CA LYS B 288 4.49 -3.28 -12.24
C LYS B 288 4.79 -4.60 -12.96
N ALA B 289 4.87 -5.70 -12.20
CA ALA B 289 5.03 -7.07 -12.75
C ALA B 289 3.97 -7.32 -13.81
N LYS B 290 2.69 -7.25 -13.42
CA LYS B 290 1.52 -7.59 -14.26
C LYS B 290 1.53 -6.73 -15.54
N LEU B 291 1.76 -5.43 -15.40
CA LEU B 291 1.75 -4.48 -16.54
C LEU B 291 2.96 -4.75 -17.43
N SER B 292 4.14 -5.00 -16.86
CA SER B 292 5.38 -5.38 -17.58
C SER B 292 5.14 -6.66 -18.40
N ASN B 293 4.49 -7.66 -17.80
CA ASN B 293 4.14 -8.94 -18.46
C ASN B 293 3.11 -8.68 -19.57
N ALA B 294 2.08 -7.88 -19.27
CA ALA B 294 0.99 -7.51 -20.21
C ALA B 294 1.59 -6.82 -21.44
N VAL B 295 2.42 -5.80 -21.24
CA VAL B 295 3.05 -5.01 -22.34
C VAL B 295 3.88 -5.97 -23.21
N ALA B 296 4.68 -6.84 -22.59
CA ALA B 296 5.61 -7.79 -23.25
C ALA B 296 4.86 -8.63 -24.29
N LYS B 297 3.71 -9.21 -23.91
CA LYS B 297 2.90 -10.11 -24.78
C LYS B 297 2.25 -9.28 -25.90
N MET B 298 1.44 -8.27 -25.53
CA MET B 298 0.66 -7.43 -26.47
C MET B 298 1.61 -6.73 -27.45
N LEU B 299 2.85 -6.46 -27.03
CA LEU B 299 3.95 -5.97 -27.90
C LEU B 299 4.30 -7.05 -28.93
N SER B 300 4.73 -8.22 -28.47
CA SER B 300 5.29 -9.31 -29.31
C SER B 300 4.22 -9.93 -30.21
N ASN B 301 2.94 -9.82 -29.83
CA ASN B 301 1.79 -10.41 -30.57
C ASN B 301 1.47 -9.58 -31.83
N CYS B 302 1.95 -8.33 -31.89
CA CYS B 302 1.78 -7.41 -33.04
C CYS B 302 2.08 -8.13 -34.35
N PRO B 303 1.24 -7.97 -35.40
CA PRO B 303 1.53 -8.55 -36.71
C PRO B 303 2.84 -8.05 -37.30
N PRO B 304 3.74 -8.94 -37.79
CA PRO B 304 4.98 -8.50 -38.43
C PRO B 304 4.70 -7.55 -39.60
N GLY B 305 5.43 -6.43 -39.66
CA GLY B 305 5.21 -5.35 -40.66
C GLY B 305 4.22 -4.32 -40.15
N GLY B 306 3.18 -4.76 -39.43
CA GLY B 306 2.15 -3.90 -38.82
C GLY B 306 2.70 -3.07 -37.67
N ILE B 307 1.97 -2.03 -37.26
CA ILE B 307 2.41 -1.03 -36.24
C ILE B 307 1.59 -1.23 -34.95
N SER B 308 2.30 -1.38 -33.82
CA SER B 308 1.73 -1.43 -32.45
C SER B 308 1.74 -0.02 -31.86
N MET B 309 0.59 0.49 -31.41
CA MET B 309 0.46 1.88 -30.88
C MET B 309 -0.18 1.88 -29.50
N THR B 310 0.39 2.63 -28.55
CA THR B 310 -0.09 2.76 -27.15
C THR B 310 -0.71 4.16 -26.97
N VAL B 311 -2.01 4.20 -26.64
CA VAL B 311 -2.78 5.44 -26.33
C VAL B 311 -2.74 5.67 -24.82
N THR B 312 -1.79 6.47 -24.35
CA THR B 312 -1.72 6.97 -22.95
C THR B 312 -3.03 7.73 -22.67
N GLY B 313 -3.95 7.09 -21.93
CA GLY B 313 -5.37 7.49 -21.85
C GLY B 313 -5.76 8.00 -20.48
N ASP B 314 -6.88 8.74 -20.43
CA ASP B 314 -7.49 9.31 -19.21
C ASP B 314 -8.92 9.72 -19.58
N ASN B 315 -9.90 9.33 -18.77
CA ASN B 315 -11.34 9.65 -19.00
C ASN B 315 -11.69 10.92 -18.22
N THR B 316 -12.51 11.79 -18.80
CA THR B 316 -12.95 13.10 -18.23
C THR B 316 -14.31 12.91 -17.54
N LYS B 317 -14.46 13.46 -16.33
CA LYS B 317 -15.73 13.47 -15.54
C LYS B 317 -16.19 12.03 -15.31
N TRP B 318 -15.27 11.18 -14.88
CA TRP B 318 -15.47 9.74 -14.56
C TRP B 318 -16.71 9.57 -13.67
N ASN B 319 -16.78 10.36 -12.59
CA ASN B 319 -17.83 10.30 -11.54
C ASN B 319 -19.16 10.83 -12.08
N GLU B 320 -19.14 12.04 -12.64
CA GLU B 320 -20.35 12.77 -13.14
C GLU B 320 -21.05 11.96 -14.25
N CYS B 321 -20.29 11.31 -15.13
CA CYS B 321 -20.81 10.67 -16.37
C CYS B 321 -21.38 9.27 -16.07
N LEU B 322 -20.70 8.46 -15.25
CA LEU B 322 -21.15 7.09 -14.88
C LEU B 322 -22.49 7.19 -14.13
N ASN B 323 -23.41 6.25 -14.39
CA ASN B 323 -24.80 6.27 -13.86
C ASN B 323 -25.00 5.10 -12.90
N PRO B 324 -25.70 5.30 -11.76
CA PRO B 324 -26.05 4.21 -10.84
C PRO B 324 -26.89 3.10 -11.50
N ARG B 325 -27.90 3.47 -12.30
CA ARG B 325 -28.84 2.53 -12.97
C ARG B 325 -28.06 1.57 -13.87
N ILE B 326 -26.90 1.98 -14.38
CA ILE B 326 -25.95 1.10 -15.13
C ILE B 326 -25.30 0.13 -14.14
N PHE B 327 -24.83 0.63 -12.99
CA PHE B 327 -24.21 -0.19 -11.92
C PHE B 327 -25.22 -1.22 -11.41
N LEU B 328 -26.50 -0.85 -11.37
CA LEU B 328 -27.61 -1.77 -11.00
C LEU B 328 -27.66 -2.93 -12.00
N ALA B 329 -27.70 -2.61 -13.31
CA ALA B 329 -27.70 -3.58 -14.42
C ALA B 329 -26.50 -4.52 -14.27
N MET B 330 -25.32 -3.96 -13.97
CA MET B 330 -24.04 -4.71 -13.83
C MET B 330 -24.21 -5.82 -12.78
N THR B 331 -24.72 -5.49 -11.58
CA THR B 331 -24.94 -6.47 -10.47
C THR B 331 -25.94 -7.53 -10.92
N GLU B 332 -27.08 -7.11 -11.46
CA GLU B 332 -28.17 -7.98 -11.97
C GLU B 332 -27.59 -8.97 -13.01
N ARG B 333 -26.70 -8.51 -13.89
CA ARG B 333 -26.11 -9.36 -14.96
C ARG B 333 -25.00 -10.24 -14.37
N ILE B 334 -24.26 -9.75 -13.37
CA ILE B 334 -23.10 -10.45 -12.74
C ILE B 334 -23.59 -11.55 -11.80
N THR B 335 -24.75 -11.37 -11.15
CA THR B 335 -25.29 -12.29 -10.10
C THR B 335 -26.39 -13.19 -10.68
N ARG B 336 -26.41 -13.38 -12.01
CA ARG B 336 -27.51 -14.05 -12.74
C ARG B 336 -27.78 -15.44 -12.15
N ASP B 337 -26.72 -16.15 -11.74
CA ASP B 337 -26.81 -17.55 -11.22
C ASP B 337 -26.82 -17.55 -9.69
N SER B 338 -26.75 -16.38 -9.06
CA SER B 338 -26.77 -16.22 -7.57
C SER B 338 -28.21 -16.29 -7.07
N PRO B 339 -28.45 -16.76 -5.82
CA PRO B 339 -29.81 -16.88 -5.28
C PRO B 339 -30.52 -15.53 -5.11
N ILE B 340 -31.86 -15.58 -5.06
CA ILE B 340 -32.79 -14.42 -5.17
C ILE B 340 -32.37 -13.32 -4.17
N TRP B 341 -32.07 -13.70 -2.93
CA TRP B 341 -31.77 -12.75 -1.83
C TRP B 341 -30.49 -11.96 -2.15
N PHE B 342 -29.45 -12.62 -2.64
CA PHE B 342 -28.12 -12.00 -2.89
C PHE B 342 -28.20 -11.12 -4.14
N ARG B 343 -28.99 -11.52 -5.14
CA ARG B 343 -29.31 -10.68 -6.34
C ARG B 343 -29.88 -9.34 -5.86
N ASP B 344 -30.82 -9.38 -4.91
CA ASP B 344 -31.51 -8.19 -4.35
C ASP B 344 -30.54 -7.40 -3.48
N PHE B 345 -29.84 -8.08 -2.56
CA PHE B 345 -28.87 -7.45 -1.61
C PHE B 345 -27.92 -6.51 -2.38
N CYS B 346 -27.30 -7.04 -3.44
CA CYS B 346 -26.37 -6.29 -4.33
C CYS B 346 -27.10 -5.10 -4.96
N SER B 347 -28.37 -5.26 -5.33
CA SER B 347 -29.18 -4.28 -6.10
C SER B 347 -29.43 -3.00 -5.28
N ILE B 348 -29.34 -3.08 -3.95
CA ILE B 348 -29.66 -1.96 -3.02
C ILE B 348 -28.71 -0.78 -3.27
N ALA B 349 -27.40 -1.02 -3.16
CA ALA B 349 -26.34 0.02 -3.20
C ALA B 349 -26.55 0.93 -4.41
N PRO B 350 -26.65 0.41 -5.65
CA PRO B 350 -26.97 1.24 -6.81
C PRO B 350 -28.29 2.02 -6.68
N VAL B 351 -29.33 1.36 -6.14
CA VAL B 351 -30.71 1.92 -5.99
C VAL B 351 -30.65 3.12 -5.05
N LEU B 352 -29.87 3.03 -3.97
CA LEU B 352 -29.65 4.16 -3.02
C LEU B 352 -28.96 5.32 -3.78
N PHE B 353 -27.93 5.00 -4.57
CA PHE B 353 -27.11 5.97 -5.34
C PHE B 353 -27.95 6.62 -6.45
N SER B 354 -28.95 5.92 -6.99
CA SER B 354 -29.83 6.44 -8.07
C SER B 354 -30.91 7.37 -7.51
N ASN B 355 -31.02 7.48 -6.17
CA ASN B 355 -31.95 8.41 -5.48
C ASN B 355 -31.18 9.25 -4.45
N LYS B 356 -29.85 9.13 -4.40
CA LYS B 356 -28.97 9.79 -3.39
C LYS B 356 -29.19 11.32 -3.41
N ILE B 357 -28.88 11.96 -2.27
CA ILE B 357 -28.96 13.44 -2.07
C ILE B 357 -27.58 13.93 -1.65
N ALA B 358 -27.06 14.95 -2.34
CA ALA B 358 -25.74 15.58 -2.06
C ALA B 358 -25.94 16.79 -1.14
N ARG B 359 -25.32 16.76 0.04
CA ARG B 359 -25.26 17.91 0.98
C ARG B 359 -24.31 18.95 0.39
N LEU B 360 -24.58 20.24 0.64
CA LEU B 360 -23.94 21.38 -0.06
C LEU B 360 -22.91 22.06 0.85
N GLY B 361 -22.29 21.31 1.76
CA GLY B 361 -21.18 21.79 2.61
C GLY B 361 -21.62 22.84 3.62
N LYS B 362 -20.79 23.87 3.83
CA LYS B 362 -20.96 24.88 4.90
C LYS B 362 -21.92 25.99 4.45
N GLY B 363 -21.68 26.56 3.26
CA GLY B 363 -22.48 27.66 2.70
C GLY B 363 -21.61 28.68 1.98
N PHE B 364 -21.96 29.96 2.09
CA PHE B 364 -21.24 31.09 1.45
C PHE B 364 -21.10 32.25 2.45
N MET B 365 -19.90 32.84 2.51
CA MET B 365 -19.58 33.97 3.43
C MET B 365 -19.84 35.30 2.72
N ILE B 366 -20.71 36.14 3.29
CA ILE B 366 -21.00 37.51 2.80
C ILE B 366 -20.41 38.52 3.79
N THR B 367 -19.84 39.61 3.27
CA THR B 367 -19.02 40.59 4.01
C THR B 367 -19.34 42.02 3.54
N SER B 368 -19.15 43.02 4.41
CA SER B 368 -19.08 44.46 4.06
C SER B 368 -17.69 44.99 4.40
N LYS B 369 -16.94 45.42 3.38
CA LYS B 369 -15.55 45.93 3.52
C LYS B 369 -15.58 47.23 4.35
N THR B 370 -16.55 48.10 4.07
CA THR B 370 -16.74 49.41 4.73
C THR B 370 -16.93 49.20 6.25
N LYS B 371 -17.78 48.25 6.64
CA LYS B 371 -18.17 47.99 8.06
C LYS B 371 -17.19 47.03 8.74
N ARG B 372 -16.45 46.23 7.95
CA ARG B 372 -15.56 45.12 8.41
C ARG B 372 -16.39 44.05 9.14
N LEU B 373 -17.49 43.61 8.51
CA LEU B 373 -18.39 42.54 9.03
C LEU B 373 -18.40 41.39 8.01
N LYS B 374 -18.27 40.15 8.51
CA LYS B 374 -18.38 38.90 7.73
C LYS B 374 -19.45 38.02 8.38
N ALA B 375 -20.14 37.19 7.59
CA ALA B 375 -21.16 36.24 8.08
C ALA B 375 -21.28 35.05 7.11
N GLN B 376 -21.40 33.84 7.66
CA GLN B 376 -21.68 32.59 6.90
C GLN B 376 -23.20 32.46 6.68
N ILE B 377 -23.61 32.28 5.43
CA ILE B 377 -25.01 31.97 5.01
C ILE B 377 -25.16 30.46 4.95
N PRO B 378 -25.94 29.83 5.86
CA PRO B 378 -26.20 28.39 5.80
C PRO B 378 -26.85 27.98 4.47
N CYS B 379 -26.54 26.77 4.00
CA CYS B 379 -27.00 26.21 2.70
C CYS B 379 -28.52 26.25 2.60
N PRO B 380 -29.28 25.93 3.68
CA PRO B 380 -30.73 26.14 3.68
C PRO B 380 -31.17 27.57 3.31
N ASP B 381 -30.40 28.58 3.73
CA ASP B 381 -30.73 30.03 3.56
C ASP B 381 -29.97 30.62 2.37
N LEU B 382 -29.65 29.81 1.34
CA LEU B 382 -28.90 30.28 0.14
C LEU B 382 -29.77 31.26 -0.65
N PHE B 383 -31.05 30.96 -0.82
CA PHE B 383 -32.01 31.79 -1.60
C PHE B 383 -32.81 32.69 -0.64
N SER B 384 -32.23 33.02 0.51
CA SER B 384 -32.76 34.03 1.47
C SER B 384 -32.49 35.44 0.92
N ILE B 385 -31.24 35.70 0.52
CA ILE B 385 -30.79 37.02 -0.02
C ILE B 385 -30.99 37.03 -1.52
N PRO B 386 -31.28 38.21 -2.13
CA PRO B 386 -31.31 38.34 -3.59
C PRO B 386 -29.94 38.00 -4.22
N LEU B 387 -29.97 37.26 -5.33
CA LEU B 387 -28.79 36.63 -5.97
C LEU B 387 -27.80 37.70 -6.45
N GLU B 388 -28.24 38.96 -6.54
CA GLU B 388 -27.39 40.13 -6.85
C GLU B 388 -26.35 40.33 -5.74
N ARG B 389 -26.64 39.86 -4.52
CA ARG B 389 -25.75 40.05 -3.34
C ARG B 389 -24.61 39.01 -3.40
N TYR B 390 -24.80 37.89 -4.11
CA TYR B 390 -23.74 36.90 -4.43
C TYR B 390 -22.91 37.42 -5.61
N ASN B 391 -21.69 36.89 -5.79
CA ASN B 391 -20.78 37.28 -6.90
C ASN B 391 -21.24 36.62 -8.20
N GLU B 392 -20.74 37.09 -9.35
CA GLU B 392 -21.10 36.63 -10.71
C GLU B 392 -21.11 35.10 -10.76
N GLU B 393 -19.98 34.49 -10.43
CA GLU B 393 -19.71 33.03 -10.60
C GLU B 393 -20.72 32.24 -9.75
N THR B 394 -20.90 32.63 -8.49
CA THR B 394 -21.84 32.00 -7.51
C THR B 394 -23.28 32.21 -7.97
N ARG B 395 -23.60 33.37 -8.55
CA ARG B 395 -24.97 33.71 -9.04
C ARG B 395 -25.42 32.63 -10.03
N ALA B 396 -24.63 32.42 -11.09
CA ALA B 396 -24.86 31.39 -12.14
C ALA B 396 -24.97 30.01 -11.50
N LYS B 397 -24.01 29.66 -10.65
CA LYS B 397 -23.98 28.36 -9.91
C LYS B 397 -25.31 28.14 -9.20
N LEU B 398 -25.76 29.12 -8.40
CA LEU B 398 -27.04 29.06 -7.65
C LEU B 398 -28.23 28.97 -8.63
N LYS B 399 -28.21 29.80 -9.68
CA LYS B 399 -29.25 29.78 -10.75
C LYS B 399 -29.39 28.35 -11.31
N LYS B 400 -28.25 27.72 -11.65
CA LYS B 400 -28.21 26.36 -12.27
C LYS B 400 -28.53 25.28 -11.22
N LEU B 401 -28.20 25.54 -9.95
CA LEU B 401 -28.52 24.64 -8.80
C LEU B 401 -30.05 24.64 -8.58
N LYS B 402 -30.68 25.81 -8.72
CA LYS B 402 -32.09 26.10 -8.35
C LYS B 402 -32.97 24.85 -8.53
N PRO B 403 -33.11 24.27 -9.75
CA PRO B 403 -34.10 23.20 -9.96
C PRO B 403 -33.80 21.84 -9.32
N PHE B 404 -32.61 21.65 -8.73
CA PHE B 404 -32.20 20.39 -8.04
C PHE B 404 -32.11 20.60 -6.52
N PHE B 405 -32.30 21.84 -6.07
CA PHE B 405 -32.13 22.28 -4.66
C PHE B 405 -33.35 21.83 -3.83
N ASN B 406 -33.12 21.53 -2.55
CA ASN B 406 -34.16 21.14 -1.57
C ASN B 406 -34.14 22.15 -0.41
N GLU B 407 -35.32 22.48 0.13
CA GLU B 407 -35.54 23.56 1.13
C GLU B 407 -34.67 23.34 2.37
N GLU B 408 -34.38 22.09 2.73
CA GLU B 408 -33.55 21.72 3.91
C GLU B 408 -32.07 22.02 3.66
N GLY B 409 -31.70 22.41 2.43
CA GLY B 409 -30.34 22.88 2.08
C GLY B 409 -29.49 21.73 1.54
N THR B 410 -30.05 20.93 0.63
CA THR B 410 -29.38 19.79 -0.04
C THR B 410 -29.70 19.84 -1.53
N ALA B 411 -29.07 18.97 -2.32
CA ALA B 411 -29.25 18.87 -3.79
C ALA B 411 -29.60 17.43 -4.18
N SER B 412 -30.74 17.22 -4.86
CA SER B 412 -31.08 15.94 -5.53
C SER B 412 -30.02 15.66 -6.59
N LEU B 413 -29.56 14.41 -6.70
CA LEU B 413 -28.45 14.03 -7.61
C LEU B 413 -28.61 12.56 -8.03
N SER B 414 -29.60 12.28 -8.88
CA SER B 414 -29.94 10.92 -9.39
C SER B 414 -28.79 10.37 -10.24
N PRO B 415 -28.26 11.14 -11.22
CA PRO B 415 -27.16 10.67 -12.05
C PRO B 415 -25.84 10.77 -11.28
N GLY B 416 -24.75 10.25 -11.87
CA GLY B 416 -23.39 10.35 -11.30
C GLY B 416 -23.15 9.31 -10.23
N MET B 417 -21.88 8.90 -10.09
CA MET B 417 -21.38 8.01 -9.00
C MET B 417 -20.98 8.89 -7.80
N MET B 418 -20.21 9.94 -8.06
CA MET B 418 -19.54 10.82 -7.07
C MET B 418 -18.22 10.19 -6.61
N MET B 419 -17.29 11.03 -6.19
CA MET B 419 -15.85 10.73 -5.98
C MET B 419 -15.66 9.34 -5.35
N GLY B 420 -15.23 8.38 -6.18
CA GLY B 420 -14.53 7.14 -5.78
C GLY B 420 -15.41 6.11 -5.09
N MET B 421 -16.73 6.28 -5.10
CA MET B 421 -17.66 5.41 -4.33
C MET B 421 -17.65 3.99 -4.91
N PHE B 422 -17.61 3.83 -6.24
CA PHE B 422 -17.56 2.53 -6.95
C PHE B 422 -16.35 2.49 -7.91
N ASN B 423 -15.14 2.29 -7.37
CA ASN B 423 -13.88 2.22 -8.16
C ASN B 423 -13.78 0.86 -8.85
N MET B 424 -13.88 -0.22 -8.07
CA MET B 424 -13.75 -1.63 -8.54
C MET B 424 -14.75 -1.88 -9.66
N LEU B 425 -16.02 -1.51 -9.45
CA LEU B 425 -17.13 -1.76 -10.41
C LEU B 425 -16.91 -0.93 -11.68
N SER B 426 -16.48 0.33 -11.53
CA SER B 426 -16.16 1.24 -12.66
C SER B 426 -15.00 0.64 -13.47
N THR B 427 -13.98 0.12 -12.79
CA THR B 427 -12.82 -0.58 -13.41
C THR B 427 -13.34 -1.73 -14.28
N VAL B 428 -14.28 -2.53 -13.75
CA VAL B 428 -14.94 -3.66 -14.49
C VAL B 428 -15.60 -3.10 -15.75
N LEU B 429 -16.45 -2.07 -15.62
CA LEU B 429 -17.16 -1.44 -16.75
C LEU B 429 -16.14 -0.91 -17.77
N GLY B 430 -14.99 -0.44 -17.30
CA GLY B 430 -13.87 -0.01 -18.15
C GLY B 430 -13.31 -1.20 -18.93
N VAL B 431 -12.85 -2.21 -18.21
CA VAL B 431 -12.33 -3.50 -18.78
C VAL B 431 -13.32 -4.00 -19.84
N ALA B 432 -14.62 -3.96 -19.53
CA ALA B 432 -15.73 -4.40 -20.42
C ALA B 432 -15.59 -3.74 -21.80
N ALA B 433 -15.15 -2.48 -21.87
CA ALA B 433 -14.90 -1.75 -23.13
C ALA B 433 -13.70 -2.38 -23.85
N LEU B 434 -12.63 -2.68 -23.11
CA LEU B 434 -11.38 -3.30 -23.63
C LEU B 434 -11.66 -4.75 -24.08
N GLY B 435 -12.73 -5.35 -23.56
CA GLY B 435 -13.17 -6.73 -23.87
C GLY B 435 -13.69 -6.87 -25.29
N ILE B 436 -14.15 -5.78 -25.92
CA ILE B 436 -14.72 -5.78 -27.31
C ILE B 436 -13.61 -6.12 -28.30
N LYS B 437 -12.54 -5.32 -28.33
CA LYS B 437 -11.26 -5.54 -29.07
C LYS B 437 -11.37 -5.13 -30.55
N ASN B 438 -12.55 -5.24 -31.17
CA ASN B 438 -12.74 -4.93 -32.62
C ASN B 438 -14.22 -4.59 -32.89
N ILE B 439 -14.46 -3.78 -33.92
CA ILE B 439 -15.82 -3.40 -34.40
C ILE B 439 -15.86 -3.49 -35.93
N GLY B 440 -16.75 -4.33 -36.47
CA GLY B 440 -17.01 -4.47 -37.92
C GLY B 440 -15.93 -5.25 -38.64
N ASN B 441 -15.22 -6.15 -37.94
CA ASN B 441 -14.14 -7.02 -38.48
C ASN B 441 -13.13 -6.18 -39.28
N LYS B 442 -12.74 -5.02 -38.75
CA LYS B 442 -11.79 -4.08 -39.41
C LYS B 442 -10.35 -4.59 -39.20
N GLU B 443 -9.38 -3.94 -39.86
CA GLU B 443 -7.96 -4.38 -39.92
C GLU B 443 -7.18 -3.86 -38.71
N TYR B 444 -7.75 -3.97 -37.50
CA TYR B 444 -7.11 -3.58 -36.22
C TYR B 444 -7.58 -4.52 -35.10
N LEU B 445 -6.96 -4.38 -33.92
CA LEU B 445 -7.32 -5.14 -32.69
C LEU B 445 -6.80 -4.37 -31.47
N TRP B 446 -7.70 -3.89 -30.61
CA TRP B 446 -7.34 -3.13 -29.40
C TRP B 446 -7.39 -4.03 -28.16
N ASP B 447 -6.59 -3.70 -27.15
CA ASP B 447 -6.51 -4.36 -25.83
C ASP B 447 -5.60 -3.50 -24.95
N GLY B 448 -5.97 -3.26 -23.68
CA GLY B 448 -5.26 -2.29 -22.84
C GLY B 448 -5.22 -2.71 -21.38
N LEU B 449 -5.06 -1.71 -20.50
CA LEU B 449 -5.13 -1.83 -19.01
C LEU B 449 -6.03 -0.71 -18.49
N GLN B 450 -6.82 -0.98 -17.44
CA GLN B 450 -7.75 0.01 -16.84
C GLN B 450 -7.59 -0.03 -15.32
N SER B 451 -7.46 1.14 -14.69
CA SER B 451 -7.39 1.35 -13.22
C SER B 451 -8.23 2.57 -12.86
N SER B 452 -9.51 2.35 -12.51
CA SER B 452 -10.57 3.39 -12.43
C SER B 452 -10.68 4.06 -13.81
N ASP B 453 -10.54 5.39 -13.87
CA ASP B 453 -10.64 6.19 -15.14
C ASP B 453 -9.36 5.99 -15.96
N ASP B 454 -8.22 5.78 -15.30
CA ASP B 454 -6.87 5.80 -15.93
C ASP B 454 -6.72 4.53 -16.77
N PHE B 455 -6.43 4.67 -18.07
CA PHE B 455 -6.38 3.54 -19.04
C PHE B 455 -5.28 3.78 -20.08
N ALA B 456 -4.66 2.68 -20.52
CA ALA B 456 -3.61 2.62 -21.57
C ALA B 456 -4.01 1.58 -22.63
N LEU B 457 -4.54 2.04 -23.76
CA LEU B 457 -5.08 1.17 -24.86
C LEU B 457 -3.94 0.84 -25.83
N PHE B 458 -3.62 -0.45 -26.01
CA PHE B 458 -2.71 -0.96 -27.06
C PHE B 458 -3.55 -1.32 -28.30
N VAL B 459 -3.13 -0.84 -29.47
CA VAL B 459 -3.77 -1.12 -30.79
C VAL B 459 -2.70 -1.66 -31.74
N ASN B 460 -2.84 -2.94 -32.13
CA ASN B 460 -2.00 -3.62 -33.16
C ASN B 460 -2.78 -3.67 -34.48
N ALA B 461 -2.29 -2.95 -35.49
CA ALA B 461 -2.93 -2.83 -36.82
C ALA B 461 -1.86 -2.80 -37.92
N LYS B 462 -2.29 -2.62 -39.17
CA LYS B 462 -1.44 -2.73 -40.39
C LYS B 462 -0.71 -1.40 -40.62
N ASP B 463 -1.33 -0.26 -40.29
CA ASP B 463 -0.70 1.07 -40.34
C ASP B 463 -1.43 2.03 -39.39
N GLU B 464 -0.74 3.11 -38.98
CA GLU B 464 -1.18 4.05 -37.91
C GLU B 464 -2.51 4.70 -38.31
N GLU B 465 -2.77 4.87 -39.61
CA GLU B 465 -4.07 5.40 -40.13
C GLU B 465 -5.20 4.47 -39.67
N THR B 466 -4.96 3.15 -39.68
CA THR B 466 -5.94 2.12 -39.26
C THR B 466 -6.07 2.12 -37.74
N CYS B 467 -4.95 2.17 -37.01
CA CYS B 467 -4.92 2.28 -35.52
C CYS B 467 -5.92 3.35 -35.08
N MET B 468 -5.84 4.54 -35.70
CA MET B 468 -6.73 5.71 -35.46
C MET B 468 -8.20 5.30 -35.66
N GLU B 469 -8.50 4.52 -36.71
CA GLU B 469 -9.86 3.96 -36.94
C GLU B 469 -10.27 3.13 -35.72
N GLY B 470 -9.34 2.39 -35.13
CA GLY B 470 -9.57 1.55 -33.93
C GLY B 470 -9.81 2.41 -32.70
N ILE B 471 -8.95 3.41 -32.48
CA ILE B 471 -9.05 4.36 -31.32
C ILE B 471 -10.39 5.10 -31.41
N ASN B 472 -10.67 5.69 -32.58
CA ASN B 472 -11.93 6.40 -32.90
C ASN B 472 -13.12 5.49 -32.57
N ASP B 473 -13.02 4.20 -32.90
CA ASP B 473 -14.08 3.19 -32.60
C ASP B 473 -14.17 3.01 -31.07
N PHE B 474 -13.05 2.67 -30.41
CA PHE B 474 -12.98 2.48 -28.93
C PHE B 474 -13.67 3.67 -28.22
N TYR B 475 -13.28 4.89 -28.61
CA TYR B 475 -13.88 6.15 -28.14
C TYR B 475 -15.42 6.05 -28.22
N ARG B 476 -15.93 5.69 -29.39
CA ARG B 476 -17.39 5.63 -29.68
C ARG B 476 -18.04 4.52 -28.85
N THR B 477 -17.34 3.40 -28.66
CA THR B 477 -17.77 2.26 -27.80
C THR B 477 -17.93 2.74 -26.35
N CYS B 478 -16.90 3.44 -25.82
CA CYS B 478 -16.88 3.96 -24.43
C CYS B 478 -18.04 4.94 -24.20
N LYS B 479 -18.34 5.79 -25.19
CA LYS B 479 -19.45 6.78 -25.18
C LYS B 479 -20.78 6.10 -24.87
N LEU B 480 -20.93 4.82 -25.25
CA LEU B 480 -22.17 4.03 -25.05
C LEU B 480 -22.19 3.40 -23.64
N LEU B 481 -21.08 3.45 -22.91
CA LEU B 481 -20.99 2.91 -21.53
C LEU B 481 -21.02 4.05 -20.51
N GLY B 482 -21.10 5.30 -20.99
CA GLY B 482 -20.97 6.52 -20.18
C GLY B 482 -19.52 6.84 -19.88
N ILE B 483 -18.59 6.35 -20.71
CA ILE B 483 -17.12 6.59 -20.52
C ILE B 483 -16.65 7.58 -21.60
N ASN B 484 -16.23 8.77 -21.15
CA ASN B 484 -15.76 9.87 -22.04
C ASN B 484 -14.23 9.98 -21.91
N MET B 485 -13.52 9.70 -23.00
CA MET B 485 -12.04 9.80 -23.12
C MET B 485 -11.66 11.28 -23.26
N SER B 486 -10.72 11.76 -22.45
CA SER B 486 -10.23 13.16 -22.47
C SER B 486 -9.33 13.37 -23.69
N LYS B 487 -9.85 14.04 -24.73
CA LYS B 487 -9.12 14.34 -25.99
C LYS B 487 -7.96 15.30 -25.67
N LYS B 488 -8.13 16.13 -24.63
CA LYS B 488 -7.12 17.12 -24.17
C LYS B 488 -5.94 16.38 -23.52
N LYS B 489 -6.20 15.61 -22.47
CA LYS B 489 -5.17 14.92 -21.64
C LYS B 489 -4.63 13.70 -22.40
N SER B 490 -5.51 12.77 -22.80
CA SER B 490 -5.14 11.51 -23.50
C SER B 490 -4.29 11.82 -24.74
N TYR B 491 -3.27 11.00 -25.01
CA TYR B 491 -2.45 11.09 -26.25
C TYR B 491 -2.03 9.68 -26.68
N CYS B 492 -1.38 9.58 -27.85
CA CYS B 492 -1.04 8.29 -28.51
C CYS B 492 0.36 8.38 -29.15
N ASN B 493 1.08 7.26 -29.14
CA ASN B 493 2.43 7.10 -29.75
C ASN B 493 2.65 5.62 -30.08
N GLU B 494 3.69 5.32 -30.87
CA GLU B 494 4.09 3.93 -31.23
C GLU B 494 4.56 3.22 -29.95
N THR B 495 4.10 1.97 -29.75
CA THR B 495 4.32 1.17 -28.52
C THR B 495 5.82 1.09 -28.21
N GLY B 496 6.17 1.09 -26.92
CA GLY B 496 7.56 1.17 -26.42
C GLY B 496 7.67 2.09 -25.24
N MET B 497 6.85 3.14 -25.19
CA MET B 497 6.72 4.06 -24.03
C MET B 497 5.27 4.53 -23.88
N PHE B 498 4.83 4.70 -22.63
CA PHE B 498 3.50 5.25 -22.25
C PHE B 498 3.55 5.66 -20.78
N GLU B 499 2.45 6.24 -20.28
CA GLU B 499 2.27 6.63 -18.84
C GLU B 499 0.95 6.02 -18.34
N PHE B 500 0.96 5.48 -17.12
CA PHE B 500 -0.21 4.82 -16.48
C PHE B 500 -0.12 4.96 -14.96
N THR B 501 -1.07 5.68 -14.36
CA THR B 501 -1.16 5.95 -12.90
C THR B 501 0.17 6.50 -12.38
N SER B 502 0.73 7.47 -13.11
CA SER B 502 2.05 8.12 -12.87
C SER B 502 3.16 7.07 -12.74
N MET B 503 2.98 5.93 -13.44
CA MET B 503 4.07 4.97 -13.75
C MET B 503 4.44 5.20 -15.22
N PHE B 504 5.70 5.56 -15.47
CA PHE B 504 6.24 5.98 -16.79
C PHE B 504 7.03 4.82 -17.39
N TYR B 505 6.48 4.23 -18.46
CA TYR B 505 7.08 3.07 -19.18
C TYR B 505 7.97 3.59 -20.31
N ARG B 506 9.22 3.12 -20.34
CA ARG B 506 10.20 3.37 -21.44
C ARG B 506 11.00 2.08 -21.66
N ASP B 507 10.44 1.15 -22.44
CA ASP B 507 11.00 -0.21 -22.66
C ASP B 507 11.18 -0.88 -21.29
N GLY B 508 10.32 -0.55 -20.33
CA GLY B 508 10.38 -1.01 -18.92
C GLY B 508 10.12 0.14 -17.97
N PHE B 509 9.11 0.02 -17.10
CA PHE B 509 8.69 1.05 -16.12
C PHE B 509 9.93 1.66 -15.45
N VAL B 510 10.10 2.97 -15.56
CA VAL B 510 11.29 3.71 -15.05
C VAL B 510 11.17 3.91 -13.54
N SER B 511 12.26 4.31 -12.91
CA SER B 511 12.33 4.74 -11.49
C SER B 511 11.94 6.22 -11.40
N ASN B 512 11.01 6.57 -10.50
CA ASN B 512 10.55 7.96 -10.23
C ASN B 512 10.63 8.24 -8.72
N PHE B 513 11.84 8.53 -8.24
CA PHE B 513 12.17 8.69 -6.80
C PHE B 513 11.33 9.79 -6.15
N ALA B 514 11.10 10.88 -6.89
CA ALA B 514 10.49 12.14 -6.42
C ALA B 514 9.11 11.91 -5.79
N MET B 515 8.30 11.00 -6.36
CA MET B 515 6.88 10.81 -5.98
C MET B 515 6.76 10.50 -4.48
N GLU B 516 7.52 9.53 -3.97
CA GLU B 516 7.41 9.05 -2.56
C GLU B 516 8.44 9.76 -1.66
N LEU B 517 8.96 10.92 -2.09
CA LEU B 517 9.96 11.70 -1.32
C LEU B 517 9.33 12.21 -0.02
N PRO B 518 8.14 12.83 -0.04
CA PRO B 518 7.52 13.37 1.18
C PRO B 518 7.52 12.38 2.36
N SER B 519 7.46 11.08 2.09
CA SER B 519 7.41 9.99 3.10
C SER B 519 8.74 9.85 3.86
N PHE B 520 9.79 10.58 3.46
CA PHE B 520 11.13 10.51 4.11
C PHE B 520 11.14 11.28 5.43
N GLY B 521 10.21 12.22 5.61
CA GLY B 521 10.14 13.12 6.80
C GLY B 521 9.80 12.37 8.08
N VAL B 522 9.73 13.10 9.20
CA VAL B 522 9.33 12.58 10.53
C VAL B 522 7.81 12.39 10.52
N ALA B 523 7.36 11.13 10.55
CA ALA B 523 5.98 10.68 10.22
C ALA B 523 4.94 11.31 11.15
N GLY B 524 5.32 11.61 12.40
CA GLY B 524 4.46 12.30 13.39
C GLY B 524 3.68 11.34 14.28
N VAL B 525 4.14 10.09 14.39
CA VAL B 525 3.56 9.06 15.32
C VAL B 525 4.14 9.31 16.72
N ASN B 526 5.47 9.15 16.87
CA ASN B 526 6.25 9.48 18.09
C ASN B 526 7.73 9.17 17.84
N GLU B 527 8.60 9.46 18.81
CA GLU B 527 10.08 9.28 18.70
C GLU B 527 10.41 7.84 18.32
N SER B 528 10.02 6.87 19.16
CA SER B 528 10.33 5.43 19.00
C SER B 528 9.90 4.94 17.61
N ALA B 529 8.72 5.36 17.15
CA ALA B 529 8.09 4.91 15.88
C ALA B 529 8.75 5.59 14.68
N ASP B 530 8.82 6.93 14.70
CA ASP B 530 9.23 7.77 13.54
C ASP B 530 10.67 7.43 13.13
N MET B 531 11.51 6.98 14.06
CA MET B 531 12.87 6.45 13.78
C MET B 531 12.73 5.22 12.86
N ALA B 532 12.05 4.19 13.37
CA ALA B 532 11.76 2.93 12.64
C ALA B 532 11.19 3.27 11.26
N ILE B 533 10.08 4.03 11.23
CA ILE B 533 9.41 4.46 9.96
C ILE B 533 10.47 5.10 9.05
N GLY B 534 11.16 6.12 9.58
CA GLY B 534 12.21 6.89 8.89
C GLY B 534 13.26 6.01 8.24
N MET B 535 13.73 4.98 8.96
CA MET B 535 14.76 4.05 8.41
C MET B 535 14.11 3.08 7.41
N THR B 536 12.93 2.57 7.71
CA THR B 536 12.18 1.59 6.86
C THR B 536 11.87 2.24 5.50
N ILE B 537 11.48 3.52 5.48
CA ILE B 537 11.19 4.28 4.23
C ILE B 537 12.45 4.30 3.35
N ILE B 538 13.60 4.60 3.95
CA ILE B 538 14.93 4.61 3.27
C ILE B 538 15.22 3.20 2.75
N LYS B 539 15.19 2.21 3.65
CA LYS B 539 15.37 0.77 3.32
C LYS B 539 14.53 0.40 2.08
N ASN B 540 13.23 0.75 2.09
CA ASN B 540 12.26 0.38 1.04
C ASN B 540 12.53 1.17 -0.25
N ASN B 541 12.83 2.46 -0.14
CA ASN B 541 13.14 3.32 -1.32
C ASN B 541 14.42 2.78 -1.99
N MET B 542 15.42 2.38 -1.19
CA MET B 542 16.69 1.80 -1.69
C MET B 542 16.39 0.63 -2.64
N ILE B 543 15.40 -0.20 -2.27
CA ILE B 543 14.90 -1.33 -3.10
C ILE B 543 14.05 -0.76 -4.25
N ASN B 544 12.82 -0.35 -3.96
CA ASN B 544 11.72 -0.19 -4.96
C ASN B 544 11.95 1.04 -5.84
N ASN B 545 12.26 2.20 -5.26
CA ASN B 545 12.29 3.50 -5.97
C ASN B 545 13.73 3.85 -6.39
N GLY B 546 14.62 2.86 -6.50
CA GLY B 546 16.00 3.03 -7.02
C GLY B 546 16.69 4.25 -6.45
N MET B 547 16.99 4.21 -5.14
CA MET B 547 17.84 5.22 -4.44
C MET B 547 19.22 4.62 -4.19
N GLY B 548 20.26 5.20 -4.79
CA GLY B 548 21.65 4.70 -4.68
C GLY B 548 22.19 4.86 -3.26
N PRO B 549 23.29 4.16 -2.91
CA PRO B 549 23.78 4.11 -1.53
C PRO B 549 24.20 5.46 -0.95
N ALA B 550 24.74 6.36 -1.79
CA ALA B 550 25.15 7.73 -1.38
C ALA B 550 23.91 8.52 -0.96
N THR B 551 22.93 8.63 -1.86
CA THR B 551 21.62 9.29 -1.63
C THR B 551 20.93 8.64 -0.42
N ALA B 552 20.99 7.31 -0.32
CA ALA B 552 20.43 6.52 0.81
C ALA B 552 21.12 6.96 2.11
N GLN B 553 22.45 6.96 2.14
CA GLN B 553 23.24 7.36 3.35
C GLN B 553 22.92 8.82 3.70
N THR B 554 22.81 9.70 2.70
CA THR B 554 22.44 11.13 2.89
C THR B 554 21.04 11.21 3.52
N ALA B 555 20.09 10.44 2.99
CA ALA B 555 18.69 10.36 3.48
C ALA B 555 18.69 10.12 5.00
N ILE B 556 19.55 9.20 5.48
CA ILE B 556 19.70 8.90 6.94
C ILE B 556 20.04 10.21 7.66
N GLN B 557 21.13 10.87 7.24
CA GLN B 557 21.58 12.17 7.81
C GLN B 557 20.39 13.14 7.85
N LEU B 558 19.83 13.42 6.67
CA LEU B 558 18.73 14.41 6.49
C LEU B 558 17.55 14.07 7.39
N PHE B 559 17.22 12.79 7.53
CA PHE B 559 16.19 12.34 8.51
C PHE B 559 16.67 12.71 9.92
N ILE B 560 17.84 12.21 10.33
CA ILE B 560 18.37 12.40 11.72
C ILE B 560 18.32 13.89 12.08
N ALA B 561 18.68 14.78 11.15
CA ALA B 561 18.55 16.24 11.36
C ALA B 561 17.10 16.59 11.73
N ASP B 562 16.16 16.27 10.83
CA ASP B 562 14.70 16.54 10.98
C ASP B 562 14.22 16.01 12.33
N TYR B 563 14.59 14.76 12.66
CA TYR B 563 14.27 14.08 13.94
C TYR B 563 14.80 14.92 15.11
N ARG B 564 16.09 15.24 15.08
CA ARG B 564 16.82 15.94 16.16
C ARG B 564 16.24 17.35 16.38
N TYR B 565 15.85 18.03 15.29
CA TYR B 565 15.23 19.39 15.36
C TYR B 565 13.77 19.30 15.82
N THR B 566 13.02 18.33 15.29
CA THR B 566 11.58 18.09 15.60
C THR B 566 11.44 17.74 17.08
N TYR B 567 12.06 16.63 17.51
CA TYR B 567 11.98 16.12 18.91
C TYR B 567 13.06 16.78 19.77
N LYS B 568 13.66 17.88 19.29
CA LYS B 568 14.57 18.76 20.06
C LYS B 568 15.51 17.89 20.90
N CYS B 569 16.24 16.99 20.24
CA CYS B 569 17.08 15.93 20.87
C CYS B 569 18.43 15.82 20.15
N HIS B 570 19.18 16.94 20.12
CA HIS B 570 20.53 17.03 19.49
C HIS B 570 21.53 16.25 20.35
N ARG B 571 22.71 15.93 19.81
CA ARG B 571 23.79 15.19 20.51
C ARG B 571 24.00 15.79 21.90
N GLY B 572 24.04 14.94 22.93
CA GLY B 572 24.37 15.30 24.32
C GLY B 572 25.68 16.08 24.40
N ASP B 573 26.64 15.81 23.51
CA ASP B 573 27.95 16.50 23.46
C ASP B 573 27.80 17.87 22.78
N SER B 574 26.76 18.06 21.95
CA SER B 574 26.48 19.34 21.25
C SER B 574 26.21 20.44 22.28
N LYS B 575 26.29 21.71 21.86
CA LYS B 575 26.01 22.88 22.73
C LYS B 575 24.77 23.63 22.21
N VAL B 576 23.88 22.92 21.53
CA VAL B 576 22.56 23.46 21.07
C VAL B 576 21.71 23.70 22.33
N GLU B 577 21.40 24.95 22.64
CA GLU B 577 20.61 25.35 23.83
C GLU B 577 19.16 24.92 23.62
N GLY B 578 18.47 24.59 24.71
CA GLY B 578 17.10 24.02 24.71
C GLY B 578 16.72 23.51 26.08
N LYS B 579 15.42 23.32 26.31
CA LYS B 579 14.85 22.93 27.62
C LYS B 579 15.16 21.45 27.86
N ARG B 580 14.83 20.59 26.89
CA ARG B 580 15.14 19.13 26.91
C ARG B 580 16.66 18.92 26.85
N MET B 581 17.34 19.77 26.07
CA MET B 581 18.80 19.70 25.83
C MET B 581 19.56 19.83 27.15
N LYS B 582 19.04 20.61 28.10
CA LYS B 582 19.65 20.80 29.45
C LYS B 582 19.75 19.44 30.15
N ILE B 583 18.65 18.68 30.20
CA ILE B 583 18.61 17.34 30.87
C ILE B 583 19.37 16.35 29.99
N ILE B 584 19.15 16.37 28.66
CA ILE B 584 19.91 15.52 27.69
C ILE B 584 21.41 15.62 28.01
N LYS B 585 21.93 16.85 28.15
CA LYS B 585 23.36 17.13 28.44
C LYS B 585 23.75 16.53 29.79
N GLU B 586 22.84 16.53 30.77
CA GLU B 586 23.08 15.93 32.11
C GLU B 586 23.14 14.41 31.97
N LEU B 587 22.29 13.82 31.13
CA LEU B 587 22.29 12.38 30.81
C LEU B 587 23.60 12.01 30.12
N TRP B 588 24.01 12.80 29.11
CA TRP B 588 25.29 12.62 28.38
C TRP B 588 26.46 12.51 29.39
N GLU B 589 26.49 13.40 30.39
CA GLU B 589 27.56 13.46 31.43
C GLU B 589 27.39 12.29 32.41
N ASN B 590 26.16 12.04 32.89
CA ASN B 590 25.86 10.98 33.89
C ASN B 590 26.17 9.59 33.31
N THR B 591 25.91 9.39 32.02
CA THR B 591 26.02 8.07 31.32
C THR B 591 27.48 7.77 30.99
N LYS B 592 27.87 6.50 31.10
CA LYS B 592 29.23 5.97 30.74
C LYS B 592 29.17 5.44 29.30
N GLY B 593 28.28 4.48 29.05
CA GLY B 593 28.01 3.93 27.71
C GLY B 593 27.16 4.88 26.89
N ARG B 594 27.78 5.94 26.36
CA ARG B 594 27.11 7.02 25.60
C ARG B 594 26.66 6.50 24.22
N ASP B 595 27.44 5.60 23.62
CA ASP B 595 27.14 4.93 22.33
C ASP B 595 25.86 4.09 22.46
N GLY B 596 25.50 3.69 23.68
CA GLY B 596 24.28 2.92 23.99
C GLY B 596 23.02 3.79 23.99
N LEU B 597 23.17 5.10 24.21
CA LEU B 597 22.03 6.05 24.29
C LEU B 597 21.36 6.17 22.92
N LEU B 598 20.03 6.26 22.91
CA LEU B 598 19.21 6.48 21.68
C LEU B 598 19.33 7.94 21.26
N VAL B 599 19.14 8.22 19.98
CA VAL B 599 19.20 9.60 19.39
C VAL B 599 18.33 10.53 20.22
N ALA B 600 17.12 10.08 20.57
CA ALA B 600 16.09 10.83 21.35
C ALA B 600 16.61 11.18 22.75
N ASP B 601 17.62 10.47 23.25
CA ASP B 601 18.28 10.76 24.55
C ASP B 601 19.61 11.48 24.29
N GLY B 602 19.71 12.19 23.16
CA GLY B 602 20.92 12.88 22.70
C GLY B 602 22.04 11.89 22.39
N GLY B 603 21.69 10.66 22.03
CA GLY B 603 22.65 9.59 21.70
C GLY B 603 23.16 9.74 20.28
N PRO B 604 24.28 9.07 19.92
CA PRO B 604 24.81 9.14 18.55
C PRO B 604 24.08 8.19 17.60
N ASN B 605 23.74 8.68 16.40
CA ASN B 605 23.15 7.86 15.31
C ASN B 605 24.22 6.90 14.78
N ILE B 606 23.92 5.59 14.81
CA ILE B 606 24.85 4.51 14.37
C ILE B 606 24.21 3.72 13.22
N TYR B 607 23.14 4.24 12.62
CA TYR B 607 22.43 3.63 11.46
C TYR B 607 23.27 3.82 10.20
N ASN B 608 23.38 2.76 9.39
CA ASN B 608 24.01 2.76 8.05
C ASN B 608 23.10 1.94 7.12
N LEU B 609 23.51 1.74 5.87
CA LEU B 609 22.70 1.03 4.84
C LEU B 609 22.35 -0.37 5.34
N ARG B 610 23.28 -1.05 6.02
CA ARG B 610 23.19 -2.50 6.34
C ARG B 610 22.19 -2.76 7.48
N ASN B 611 22.10 -1.87 8.49
CA ASN B 611 21.34 -2.15 9.74
C ASN B 611 20.08 -1.27 9.82
N LEU B 612 19.62 -0.73 8.68
CA LEU B 612 18.38 0.08 8.58
C LEU B 612 17.19 -0.67 9.20
N HIS B 613 17.18 -2.01 9.09
CA HIS B 613 16.00 -2.87 9.38
C HIS B 613 16.01 -3.38 10.83
N ILE B 614 17.00 -3.02 11.64
CA ILE B 614 17.07 -3.41 13.08
C ILE B 614 16.58 -2.25 13.95
N PRO B 615 15.74 -2.50 14.97
CA PRO B 615 15.33 -1.45 15.90
C PRO B 615 16.49 -0.85 16.71
N GLU B 616 16.51 0.48 16.80
CA GLU B 616 17.56 1.29 17.48
C GLU B 616 17.80 0.73 18.88
N ILE B 617 16.72 0.36 19.59
CA ILE B 617 16.76 -0.15 20.98
C ILE B 617 17.49 -1.50 20.98
N VAL B 618 17.25 -2.33 19.95
CA VAL B 618 17.86 -3.69 19.81
C VAL B 618 19.32 -3.53 19.40
N LEU B 619 19.62 -2.58 18.50
CA LEU B 619 21.02 -2.31 18.05
C LEU B 619 21.91 -1.99 19.26
N LYS B 620 21.49 -1.05 20.10
CA LYS B 620 22.33 -0.42 21.15
C LYS B 620 22.22 -1.17 22.49
N TYR B 621 21.18 -2.00 22.67
CA TYR B 621 20.86 -2.71 23.94
C TYR B 621 22.12 -3.29 24.59
N ASN B 622 23.00 -3.89 23.79
CA ASN B 622 24.21 -4.63 24.25
C ASN B 622 25.22 -3.69 24.90
N LEU B 623 25.20 -2.40 24.56
CA LEU B 623 26.21 -1.40 25.01
C LEU B 623 25.52 -0.24 25.75
N MET B 624 24.34 -0.48 26.32
CA MET B 624 23.64 0.46 27.24
C MET B 624 24.18 0.28 28.66
N ASP B 625 24.00 1.29 29.52
CA ASP B 625 24.17 1.18 30.99
C ASP B 625 22.95 0.45 31.55
N PRO B 626 23.12 -0.41 32.58
CA PRO B 626 22.00 -1.18 33.11
C PRO B 626 20.90 -0.27 33.68
N GLU B 627 21.30 0.79 34.39
CA GLU B 627 20.38 1.82 34.96
C GLU B 627 19.59 2.48 33.83
N TYR B 628 20.27 2.87 32.75
CA TYR B 628 19.69 3.62 31.60
C TYR B 628 18.64 2.75 30.89
N LYS B 629 18.98 1.50 30.58
CA LYS B 629 18.04 0.54 29.93
C LYS B 629 16.92 0.21 30.93
N GLY B 630 17.28 0.05 32.21
CA GLY B 630 16.33 -0.16 33.32
C GLY B 630 15.27 0.94 33.37
N ARG B 631 15.68 2.19 33.14
CA ARG B 631 14.75 3.35 33.05
C ARG B 631 14.00 3.29 31.70
N LEU B 632 14.74 3.31 30.59
CA LEU B 632 14.24 3.38 29.20
C LEU B 632 13.16 2.32 28.93
N LEU B 633 13.31 1.13 29.54
CA LEU B 633 12.47 -0.07 29.29
C LEU B 633 11.77 -0.50 30.58
N HIS B 634 11.41 0.45 31.46
CA HIS B 634 10.71 0.16 32.75
C HIS B 634 9.38 -0.52 32.45
N PRO B 635 9.12 -1.74 32.98
CA PRO B 635 7.90 -2.49 32.66
C PRO B 635 6.61 -1.68 32.88
N GLN B 636 6.46 -1.10 34.07
CA GLN B 636 5.31 -0.21 34.42
C GLN B 636 5.79 1.24 34.42
N ASN B 637 6.09 1.78 33.23
CA ASN B 637 6.43 3.22 33.03
C ASN B 637 5.12 3.97 32.78
N PRO B 638 5.08 5.30 33.04
CA PRO B 638 3.84 6.07 32.92
C PRO B 638 3.52 6.59 31.52
N PHE B 639 4.50 6.56 30.60
CA PHE B 639 4.41 7.20 29.26
C PHE B 639 3.60 6.32 28.31
N VAL B 640 3.70 4.99 28.44
CA VAL B 640 3.10 3.98 27.53
C VAL B 640 1.72 3.58 28.05
N GLY B 641 1.62 3.22 29.33
CA GLY B 641 0.36 2.78 29.97
C GLY B 641 0.12 1.30 29.75
N HIS B 642 0.63 0.46 30.65
CA HIS B 642 0.56 -1.03 30.59
C HIS B 642 -0.63 -1.51 31.43
N LEU B 643 -0.46 -2.63 32.16
CA LEU B 643 -1.48 -3.24 33.05
C LEU B 643 -1.00 -3.16 34.50
N SER B 644 -1.93 -3.28 35.46
CA SER B 644 -1.67 -3.24 36.93
C SER B 644 -2.05 -4.59 37.55
N LYS B 649 -2.14 -4.76 41.92
CA LYS B 649 -2.83 -3.50 42.29
C LYS B 649 -4.00 -3.26 41.32
N GLU B 650 -5.17 -2.92 41.87
CA GLU B 650 -6.43 -2.64 41.10
C GLU B 650 -7.22 -1.53 41.82
N ALA B 651 -6.76 -0.28 41.70
CA ALA B 651 -7.34 0.91 42.35
C ALA B 651 -8.66 1.29 41.66
N ASP B 652 -8.58 1.91 40.49
CA ASP B 652 -9.74 2.30 39.63
C ASP B 652 -9.21 2.78 38.27
N ILE B 653 -8.23 2.06 37.72
CA ILE B 653 -7.43 2.49 36.52
C ILE B 653 -8.28 2.23 35.27
N THR B 654 -8.94 3.27 34.75
CA THR B 654 -9.85 3.22 33.57
C THR B 654 -9.69 4.50 32.74
N PRO B 655 -8.63 4.60 31.90
CA PRO B 655 -8.50 5.70 30.93
C PRO B 655 -9.22 5.40 29.62
N ALA B 656 -9.35 6.40 28.73
CA ALA B 656 -10.00 6.28 27.40
C ALA B 656 -8.99 5.73 26.39
N HIS B 657 -8.36 4.60 26.71
CA HIS B 657 -7.30 3.93 25.90
C HIS B 657 -7.93 3.35 24.63
N GLY B 658 -7.32 3.62 23.47
CA GLY B 658 -7.76 3.10 22.15
C GLY B 658 -7.14 1.72 21.88
N PRO B 659 -7.72 0.93 20.95
CA PRO B 659 -7.26 -0.45 20.70
C PRO B 659 -5.84 -0.49 20.11
N VAL B 660 -4.94 -1.27 20.73
CA VAL B 660 -3.50 -1.35 20.37
C VAL B 660 -3.38 -1.99 18.97
N LYS B 661 -3.03 -1.20 17.97
CA LYS B 661 -2.98 -1.60 16.54
C LYS B 661 -1.67 -2.33 16.24
N LYS B 662 -1.59 -2.99 15.07
CA LYS B 662 -0.43 -3.81 14.63
C LYS B 662 0.25 -3.12 13.44
N MET B 663 0.92 -1.99 13.69
CA MET B 663 1.60 -1.17 12.64
C MET B 663 2.80 -1.95 12.08
N ASP B 664 3.10 -1.74 10.79
CA ASP B 664 4.10 -2.51 10.00
C ASP B 664 5.52 -2.22 10.49
N TYR B 665 5.78 -1.02 11.02
CA TYR B 665 7.11 -0.58 11.51
C TYR B 665 7.50 -1.41 12.74
N ASP B 666 8.80 -1.74 12.88
CA ASP B 666 9.38 -2.57 13.96
C ASP B 666 10.02 -1.64 15.01
N ALA B 667 9.43 -1.59 16.21
CA ALA B 667 9.89 -0.76 17.35
C ALA B 667 9.59 -1.47 18.67
N VAL B 668 10.43 -1.26 19.68
CA VAL B 668 10.32 -1.87 21.04
C VAL B 668 9.55 -0.91 21.96
N SER B 669 8.72 -1.45 22.85
CA SER B 669 7.91 -0.68 23.83
C SER B 669 8.80 -0.08 24.91
N GLY B 670 9.28 1.15 24.69
CA GLY B 670 10.14 1.91 25.63
C GLY B 670 9.55 3.28 25.93
N THR B 671 10.18 4.02 26.86
CA THR B 671 9.65 5.33 27.38
C THR B 671 9.38 6.31 26.23
N HIS B 672 10.09 6.20 25.11
CA HIS B 672 9.96 7.09 23.92
C HIS B 672 8.74 6.72 23.07
N SER B 673 7.96 5.71 23.50
CA SER B 673 6.72 5.25 22.81
C SER B 673 5.50 5.91 23.45
N TRP B 674 5.58 7.23 23.69
CA TRP B 674 4.57 8.02 24.46
C TRP B 674 3.37 8.35 23.57
N ARG B 675 2.36 9.00 24.14
CA ARG B 675 1.16 9.52 23.42
C ARG B 675 0.96 11.00 23.76
N THR B 676 0.55 11.78 22.76
CA THR B 676 0.27 13.24 22.84
C THR B 676 -1.05 13.46 23.60
N LYS B 677 -1.20 14.62 24.23
CA LYS B 677 -2.46 15.04 24.90
C LYS B 677 -3.50 15.32 23.82
N ARG B 678 -4.77 14.99 24.10
CA ARG B 678 -5.88 15.15 23.13
C ARG B 678 -6.21 16.63 22.98
N ASN B 679 -6.32 17.09 21.73
CA ASN B 679 -6.85 18.42 21.34
C ASN B 679 -8.10 18.71 22.20
N ARG B 680 -8.10 19.83 22.90
CA ARG B 680 -9.12 20.15 23.95
C ARG B 680 -10.03 21.30 23.47
N SER B 681 -9.99 21.64 22.18
CA SER B 681 -11.00 22.51 21.52
C SER B 681 -12.40 22.09 21.99
N ILE B 682 -12.60 20.78 22.18
CA ILE B 682 -13.90 20.15 22.57
C ILE B 682 -14.37 20.66 23.95
N LEU B 683 -13.46 21.10 24.83
CA LEU B 683 -13.81 21.56 26.19
C LEU B 683 -14.64 22.84 26.14
N ASN B 684 -14.41 23.71 25.14
CA ASN B 684 -15.10 25.02 25.00
C ASN B 684 -16.54 24.78 24.53
N THR B 685 -16.72 24.01 23.46
CA THR B 685 -18.02 23.78 22.79
C THR B 685 -18.88 22.82 23.62
N ASP B 686 -20.14 22.62 23.21
CA ASP B 686 -21.16 21.81 23.93
C ASP B 686 -20.87 20.31 23.72
N GLN B 687 -20.01 19.97 22.75
CA GLN B 687 -19.62 18.56 22.46
C GLN B 687 -18.98 17.91 23.70
N ARG B 688 -18.45 18.71 24.63
CA ARG B 688 -17.97 18.28 25.97
C ARG B 688 -18.60 16.93 26.36
N ASN B 689 -19.94 16.89 26.39
CA ASN B 689 -20.78 15.78 26.91
C ASN B 689 -20.28 14.42 26.38
N MET B 690 -19.81 14.38 25.14
CA MET B 690 -19.32 13.14 24.46
C MET B 690 -18.17 12.50 25.25
N ILE B 691 -17.35 13.29 25.94
CA ILE B 691 -16.17 12.80 26.72
C ILE B 691 -16.67 11.83 27.80
N LEU B 692 -17.80 12.14 28.44
CA LEU B 692 -18.42 11.28 29.49
C LEU B 692 -18.91 9.99 28.83
N GLU B 693 -19.54 10.09 27.66
CA GLU B 693 -20.04 8.96 26.83
C GLU B 693 -18.87 8.03 26.49
N GLU B 694 -17.76 8.62 26.03
CA GLU B 694 -16.47 7.92 25.75
C GLU B 694 -16.01 7.22 27.04
N GLN B 695 -15.71 8.01 28.08
CA GLN B 695 -15.11 7.53 29.35
C GLN B 695 -16.05 6.54 30.06
N CYS B 696 -17.32 6.47 29.65
CA CYS B 696 -18.26 5.39 30.03
C CYS B 696 -17.82 4.10 29.33
N TYR B 697 -17.92 4.08 27.99
CA TYR B 697 -17.56 2.91 27.14
C TYR B 697 -16.16 2.40 27.53
N ALA B 698 -15.23 3.34 27.71
CA ALA B 698 -13.85 3.10 28.17
C ALA B 698 -13.88 2.28 29.46
N LYS B 699 -14.62 2.74 30.48
CA LYS B 699 -14.75 2.04 31.79
C LYS B 699 -15.22 0.61 31.54
N CYS B 700 -16.31 0.46 30.77
CA CYS B 700 -16.95 -0.86 30.45
C CYS B 700 -15.92 -1.78 29.80
N CYS B 701 -15.30 -1.35 28.69
CA CYS B 701 -14.31 -2.14 27.92
C CYS B 701 -13.12 -2.50 28.80
N ASN B 702 -12.44 -1.48 29.35
CA ASN B 702 -11.21 -1.62 30.17
C ASN B 702 -11.40 -2.73 31.21
N LEU B 703 -12.52 -2.72 31.95
CA LEU B 703 -12.86 -3.74 32.97
C LEU B 703 -13.04 -5.10 32.28
N PHE B 704 -13.81 -5.14 31.20
CA PHE B 704 -14.06 -6.36 30.37
C PHE B 704 -12.70 -7.00 30.02
N GLU B 705 -11.72 -6.17 29.64
CA GLU B 705 -10.36 -6.61 29.23
C GLU B 705 -9.60 -7.20 30.44
N ALA B 706 -9.93 -6.77 31.66
CA ALA B 706 -9.37 -7.31 32.91
C ALA B 706 -9.94 -8.72 33.16
N CYS B 707 -11.17 -8.97 32.72
CA CYS B 707 -11.85 -10.29 32.79
C CYS B 707 -11.32 -11.21 31.67
N PHE B 708 -11.27 -10.70 30.44
CA PHE B 708 -10.80 -11.41 29.22
C PHE B 708 -9.57 -10.71 28.64
N ASN B 709 -8.37 -11.23 28.92
CA ASN B 709 -7.08 -10.65 28.44
C ASN B 709 -6.94 -10.90 26.94
N SER B 710 -7.60 -11.93 26.42
CA SER B 710 -7.61 -12.33 24.98
C SER B 710 -8.32 -11.28 24.13
N ALA B 711 -9.28 -10.54 24.70
CA ALA B 711 -10.10 -9.51 24.03
C ALA B 711 -9.20 -8.44 23.40
N SER B 712 -8.18 -8.01 24.14
CA SER B 712 -7.12 -7.06 23.68
C SER B 712 -6.50 -7.57 22.38
N TYR B 713 -6.18 -8.88 22.31
CA TYR B 713 -5.50 -9.53 21.16
C TYR B 713 -6.51 -9.81 20.04
N ARG B 714 -7.38 -10.82 20.21
CA ARG B 714 -8.36 -11.27 19.19
C ARG B 714 -9.78 -10.85 19.55
N LYS B 715 -10.60 -10.56 18.54
CA LYS B 715 -12.00 -10.05 18.68
C LYS B 715 -12.82 -11.07 19.45
N PRO B 716 -13.38 -10.71 20.63
CA PRO B 716 -14.31 -11.60 21.33
C PRO B 716 -15.65 -11.69 20.60
N VAL B 717 -16.23 -12.90 20.54
CA VAL B 717 -17.47 -13.21 19.77
C VAL B 717 -18.54 -13.71 20.74
N GLY B 718 -19.79 -13.23 20.58
CA GLY B 718 -20.94 -13.59 21.42
C GLY B 718 -22.07 -12.59 21.27
N GLN B 719 -23.31 -13.08 21.16
CA GLN B 719 -24.54 -12.24 21.00
C GLN B 719 -25.21 -12.03 22.36
N HIS B 720 -24.70 -12.69 23.40
CA HIS B 720 -25.14 -12.54 24.82
C HIS B 720 -24.59 -11.22 25.39
N SER B 721 -25.12 -10.79 26.54
CA SER B 721 -24.73 -9.55 27.26
C SER B 721 -23.27 -9.63 27.71
N MET B 722 -22.55 -8.50 27.69
CA MET B 722 -21.17 -8.39 28.22
C MET B 722 -21.18 -8.73 29.71
N LEU B 723 -22.07 -8.08 30.47
CA LEU B 723 -22.27 -8.31 31.92
C LEU B 723 -22.35 -9.82 32.19
N GLU B 724 -23.18 -10.52 31.42
CA GLU B 724 -23.38 -11.99 31.50
C GLU B 724 -22.01 -12.68 31.43
N ALA B 725 -21.24 -12.41 30.37
CA ALA B 725 -19.90 -12.97 30.12
C ALA B 725 -19.00 -12.67 31.33
N MET B 726 -18.89 -11.38 31.68
CA MET B 726 -18.00 -10.89 32.78
C MET B 726 -18.32 -11.62 34.08
N ALA B 727 -19.61 -11.69 34.44
CA ALA B 727 -20.13 -12.30 35.69
C ALA B 727 -19.61 -13.74 35.82
N HIS B 728 -19.95 -14.60 34.86
CA HIS B 728 -19.61 -16.05 34.86
C HIS B 728 -18.11 -16.24 35.05
N ARG B 729 -17.31 -15.57 34.22
CA ARG B 729 -15.83 -15.62 34.26
C ARG B 729 -15.36 -15.33 35.69
N LEU B 730 -15.82 -14.23 36.28
CA LEU B 730 -15.45 -13.79 37.66
C LEU B 730 -15.92 -14.83 38.67
N ARG B 731 -17.13 -15.39 38.48
CA ARG B 731 -17.68 -16.47 39.34
C ARG B 731 -16.72 -17.66 39.34
N MET B 732 -16.40 -18.19 38.15
CA MET B 732 -15.44 -19.31 37.97
C MET B 732 -14.10 -18.95 38.62
N ASP B 733 -13.53 -17.81 38.22
CA ASP B 733 -12.25 -17.27 38.75
C ASP B 733 -12.28 -17.32 40.27
N ALA B 734 -13.35 -16.82 40.90
CA ALA B 734 -13.53 -16.74 42.37
C ALA B 734 -13.62 -18.16 42.97
N ARG B 735 -14.53 -18.99 42.44
CA ARG B 735 -14.73 -20.40 42.88
C ARG B 735 -13.39 -21.13 42.88
N LEU B 736 -12.70 -21.13 41.73
CA LEU B 736 -11.43 -21.87 41.53
C LEU B 736 -10.30 -21.19 42.32
N ASP B 737 -10.41 -19.87 42.57
CA ASP B 737 -9.47 -19.12 43.46
C ASP B 737 -9.67 -19.59 44.91
N TYR B 738 -10.90 -19.90 45.31
CA TYR B 738 -11.20 -20.48 46.65
C TYR B 738 -10.71 -21.93 46.70
N GLU B 739 -11.12 -22.75 45.73
CA GLU B 739 -10.80 -24.21 45.69
C GLU B 739 -9.28 -24.41 45.60
N SER B 740 -8.59 -23.61 44.78
CA SER B 740 -7.11 -23.66 44.61
C SER B 740 -6.42 -23.19 45.89
N GLY B 741 -6.92 -22.12 46.51
CA GLY B 741 -6.38 -21.52 47.74
C GLY B 741 -5.70 -20.18 47.50
N ARG B 742 -5.96 -19.54 46.35
CA ARG B 742 -5.51 -18.17 46.02
C ARG B 742 -6.38 -17.15 46.78
N MET B 743 -7.62 -17.53 47.13
CA MET B 743 -8.61 -16.66 47.83
C MET B 743 -9.09 -17.35 49.11
N SER B 744 -9.39 -16.54 50.15
CA SER B 744 -9.85 -17.00 51.49
C SER B 744 -11.38 -17.02 51.55
N LYS B 745 -11.93 -17.64 52.60
CA LYS B 745 -13.39 -17.80 52.86
C LYS B 745 -14.04 -16.41 52.93
N ASP B 746 -13.50 -15.54 53.79
CA ASP B 746 -13.95 -14.14 53.99
C ASP B 746 -14.13 -13.45 52.63
N ASP B 747 -13.12 -13.57 51.77
CA ASP B 747 -13.06 -12.92 50.43
C ASP B 747 -14.04 -13.62 49.48
N PHE B 748 -14.09 -14.96 49.49
CA PHE B 748 -14.96 -15.78 48.61
C PHE B 748 -16.44 -15.50 48.89
N GLU B 749 -16.82 -15.48 50.16
CA GLU B 749 -18.19 -15.11 50.61
C GLU B 749 -18.54 -13.74 50.02
N LYS B 750 -17.65 -12.76 50.21
CA LYS B 750 -17.80 -11.38 49.66
C LYS B 750 -17.96 -11.44 48.14
N ALA B 751 -17.16 -12.26 47.45
CA ALA B 751 -17.18 -12.44 45.98
C ALA B 751 -18.56 -12.97 45.55
N MET B 752 -18.98 -14.12 46.10
CA MET B 752 -20.27 -14.79 45.74
C MET B 752 -21.45 -13.89 46.13
N ALA B 753 -21.32 -13.13 47.23
CA ALA B 753 -22.33 -12.17 47.73
C ALA B 753 -22.45 -10.99 46.74
N HIS B 754 -21.33 -10.36 46.39
CA HIS B 754 -21.23 -9.21 45.46
C HIS B 754 -21.73 -9.63 44.06
N LEU B 755 -21.26 -10.77 43.56
CA LEU B 755 -21.69 -11.36 42.27
C LEU B 755 -23.19 -11.72 42.34
N GLY B 756 -23.65 -12.22 43.49
CA GLY B 756 -25.07 -12.48 43.78
C GLY B 756 -25.95 -11.27 43.48
N GLU B 757 -25.50 -10.08 43.88
CA GLU B 757 -26.22 -8.79 43.72
C GLU B 757 -26.49 -8.50 42.24
N ILE B 758 -25.72 -9.11 41.35
CA ILE B 758 -25.88 -9.01 39.86
C ILE B 758 -26.66 -10.24 39.38
N GLY C 9 -4.86 -12.86 44.24
CA GLY C 9 -6.29 -12.55 44.55
C GLY C 9 -6.78 -11.29 43.83
N MET C 10 -6.52 -11.20 42.52
CA MET C 10 -6.97 -10.09 41.64
C MET C 10 -8.48 -10.18 41.40
N THR C 11 -9.04 -11.39 41.51
CA THR C 11 -10.47 -11.72 41.23
C THR C 11 -11.39 -10.80 42.03
N LEU C 12 -11.17 -10.71 43.35
CA LEU C 12 -12.01 -9.90 44.29
C LEU C 12 -12.09 -8.46 43.77
N ALA C 13 -10.93 -7.82 43.57
CA ALA C 13 -10.79 -6.41 43.12
C ALA C 13 -11.71 -6.15 41.91
N LYS C 14 -11.66 -7.02 40.90
CA LYS C 14 -12.47 -6.92 39.66
C LYS C 14 -13.96 -6.90 40.00
N ILE C 15 -14.40 -7.84 40.85
CA ILE C 15 -15.81 -7.98 41.30
C ILE C 15 -16.19 -6.70 42.07
N GLU C 16 -15.31 -6.22 42.94
CA GLU C 16 -15.52 -4.99 43.75
C GLU C 16 -15.65 -3.77 42.82
N LEU C 17 -14.87 -3.73 41.73
CA LEU C 17 -14.91 -2.64 40.73
C LEU C 17 -16.19 -2.76 39.88
N LEU C 18 -16.61 -3.98 39.55
CA LEU C 18 -17.86 -4.23 38.78
C LEU C 18 -19.05 -3.60 39.52
N LYS C 19 -19.12 -3.79 40.85
CA LYS C 19 -20.17 -3.21 41.73
C LYS C 19 -20.14 -1.68 41.65
N GLN C 20 -18.94 -1.09 41.68
CA GLN C 20 -18.73 0.39 41.53
C GLN C 20 -19.25 0.83 40.15
N LEU C 21 -18.82 0.14 39.09
CA LEU C 21 -19.17 0.49 37.68
C LEU C 21 -20.69 0.37 37.48
N LEU C 22 -21.31 -0.66 38.06
CA LEU C 22 -22.76 -0.98 37.85
C LEU C 22 -23.65 0.01 38.59
N ARG C 23 -23.10 0.88 39.45
CA ARG C 23 -23.86 1.95 40.14
C ARG C 23 -24.16 3.09 39.15
N ASP C 24 -23.31 3.29 38.14
CA ASP C 24 -23.58 4.20 36.99
C ASP C 24 -24.60 3.52 36.06
N ASN C 25 -25.87 3.92 36.17
CA ASN C 25 -27.01 3.28 35.45
C ASN C 25 -26.77 3.37 33.94
N GLU C 26 -26.01 4.37 33.49
CA GLU C 26 -25.58 4.52 32.07
C GLU C 26 -24.64 3.35 31.70
N ALA C 27 -23.64 3.07 32.54
CA ALA C 27 -22.69 1.95 32.37
C ALA C 27 -23.44 0.62 32.46
N LYS C 28 -24.28 0.48 33.48
CA LYS C 28 -25.14 -0.71 33.71
C LYS C 28 -25.82 -1.11 32.39
N THR C 29 -26.57 -0.17 31.81
CA THR C 29 -27.39 -0.37 30.57
C THR C 29 -26.47 -0.67 29.38
N VAL C 30 -25.30 -0.02 29.30
CA VAL C 30 -24.26 -0.29 28.27
C VAL C 30 -23.84 -1.77 28.38
N LEU C 31 -23.44 -2.20 29.58
CA LEU C 31 -23.03 -3.60 29.86
C LEU C 31 -24.19 -4.57 29.57
N LYS C 32 -25.43 -4.19 29.92
CA LYS C 32 -26.63 -5.06 29.78
C LYS C 32 -27.06 -5.17 28.31
N GLN C 33 -26.87 -4.11 27.51
CA GLN C 33 -27.39 -4.02 26.11
C GLN C 33 -26.31 -4.40 25.10
N THR C 34 -25.11 -3.83 25.21
CA THR C 34 -23.99 -4.06 24.25
C THR C 34 -23.56 -5.53 24.35
N THR C 35 -23.65 -6.26 23.23
CA THR C 35 -23.28 -7.70 23.13
C THR C 35 -21.76 -7.83 23.09
N VAL C 36 -21.24 -9.02 23.40
CA VAL C 36 -19.78 -9.33 23.39
C VAL C 36 -19.22 -9.00 22.01
N ASP C 37 -19.99 -9.27 20.94
CA ASP C 37 -19.66 -8.87 19.55
C ASP C 37 -19.44 -7.36 19.50
N GLN C 38 -20.38 -6.59 20.04
CA GLN C 38 -20.48 -5.11 19.91
C GLN C 38 -19.38 -4.43 20.74
N TYR C 39 -18.77 -5.13 21.69
CA TYR C 39 -17.54 -4.67 22.39
C TYR C 39 -16.59 -4.05 21.36
N ASN C 40 -16.38 -4.74 20.25
CA ASN C 40 -15.47 -4.36 19.12
C ASN C 40 -15.86 -2.96 18.59
N ILE C 41 -17.15 -2.63 18.57
CA ILE C 41 -17.67 -1.33 18.05
C ILE C 41 -17.41 -0.23 19.08
N ILE C 42 -17.82 -0.44 20.34
CA ILE C 42 -17.77 0.59 21.42
C ILE C 42 -16.32 0.78 21.90
N ARG C 43 -15.45 -0.20 21.69
CA ARG C 43 -14.00 -0.09 22.03
C ARG C 43 -13.40 1.04 21.20
N LYS C 44 -13.72 1.07 19.90
CA LYS C 44 -13.17 2.03 18.91
C LYS C 44 -13.90 3.38 19.01
N PHE C 45 -15.06 3.44 19.69
CA PHE C 45 -15.81 4.70 19.94
C PHE C 45 -14.88 5.74 20.54
N ASN C 46 -14.78 6.93 19.92
CA ASN C 46 -14.04 8.10 20.48
C ASN C 46 -14.55 9.40 19.84
N THR C 47 -14.14 10.53 20.41
CA THR C 47 -14.43 11.91 19.94
C THR C 47 -13.41 12.29 18.86
N SER C 48 -12.14 11.91 19.08
CA SER C 48 -10.95 12.26 18.25
C SER C 48 -11.20 11.95 16.77
N ARG C 49 -11.32 13.00 15.95
CA ARG C 49 -11.22 12.95 14.47
C ARG C 49 -9.77 12.54 14.12
N ILE C 50 -9.60 11.72 13.08
CA ILE C 50 -8.28 11.12 12.72
C ILE C 50 -7.35 12.23 12.22
N GLU C 51 -6.16 12.33 12.80
CA GLU C 51 -5.13 13.36 12.48
C GLU C 51 -4.61 13.14 11.06
N LYS C 52 -4.93 14.03 10.13
CA LYS C 52 -4.62 13.86 8.68
C LYS C 52 -3.19 14.33 8.38
N ASN C 53 -2.67 15.34 9.10
CA ASN C 53 -1.29 15.87 8.89
C ASN C 53 -0.48 15.69 10.17
N PRO C 54 -0.11 14.44 10.53
CA PRO C 54 0.58 14.17 11.78
C PRO C 54 2.02 14.70 11.78
N SER C 55 2.70 14.61 10.63
CA SER C 55 4.08 15.14 10.41
C SER C 55 4.14 16.58 10.91
N LEU C 56 3.19 17.41 10.46
CA LEU C 56 3.01 18.83 10.89
C LEU C 56 2.62 18.88 12.37
N ARG C 57 1.46 18.32 12.71
CA ARG C 57 0.84 18.41 14.05
C ARG C 57 1.89 18.06 15.12
N MET C 58 2.73 17.05 14.86
CA MET C 58 3.85 16.66 15.77
C MET C 58 4.84 17.82 15.86
N LYS C 59 5.41 18.22 14.72
CA LYS C 59 6.44 19.29 14.62
C LYS C 59 5.97 20.54 15.37
N TRP C 60 4.69 20.89 15.19
CA TRP C 60 4.03 22.02 15.91
C TRP C 60 3.94 21.69 17.40
N ALA C 61 3.23 20.61 17.75
CA ALA C 61 2.86 20.24 19.14
C ALA C 61 4.10 20.04 20.01
N MET C 62 5.26 19.71 19.41
CA MET C 62 6.54 19.55 20.15
C MET C 62 6.99 20.89 20.73
N CYS C 63 6.55 22.02 20.15
CA CYS C 63 6.91 23.38 20.60
C CYS C 63 5.98 23.86 21.72
N SER C 64 4.92 23.11 22.04
CA SER C 64 3.99 23.41 23.17
C SER C 64 4.64 23.02 24.50
N ASN C 65 4.09 23.49 25.62
CA ASN C 65 4.66 23.33 26.98
C ASN C 65 4.52 21.88 27.43
N PHE C 66 3.32 21.31 27.35
CA PHE C 66 2.98 19.94 27.83
C PHE C 66 2.29 19.17 26.71
N PRO C 67 3.02 18.60 25.74
CA PRO C 67 2.40 17.86 24.63
C PRO C 67 1.97 16.43 25.00
N LEU C 68 2.64 15.78 25.97
CA LEU C 68 2.45 14.34 26.27
C LEU C 68 1.49 14.15 27.45
N ALA C 69 0.90 12.96 27.56
CA ALA C 69 -0.10 12.60 28.61
C ALA C 69 0.39 11.38 29.40
N LEU C 70 0.62 11.53 30.71
CA LEU C 70 0.98 10.41 31.60
C LEU C 70 -0.28 9.57 31.87
N THR C 71 -0.09 8.28 32.18
CA THR C 71 -1.15 7.37 32.69
C THR C 71 -1.21 7.53 34.21
N LYS C 72 -2.38 7.89 34.74
CA LYS C 72 -2.57 8.16 36.20
C LYS C 72 -2.12 6.94 36.99
N GLY C 73 -1.00 7.06 37.70
CA GLY C 73 -0.40 5.98 38.51
C GLY C 73 0.67 6.51 39.45
N ASP C 74 1.08 5.68 40.42
CA ASP C 74 2.12 6.00 41.44
C ASP C 74 3.45 6.32 40.75
N MET C 75 3.69 5.73 39.56
CA MET C 75 4.92 5.96 38.75
C MET C 75 4.89 7.38 38.17
N ALA C 76 3.76 7.77 37.57
CA ALA C 76 3.52 9.15 37.06
C ALA C 76 3.88 10.16 38.17
N ASN C 77 3.56 9.82 39.42
CA ASN C 77 3.75 10.70 40.61
C ASN C 77 5.22 10.71 41.03
N ARG C 78 6.05 9.78 40.56
CA ARG C 78 7.50 9.74 40.87
C ARG C 78 8.23 10.82 40.04
N ILE C 79 7.64 11.27 38.93
CA ILE C 79 8.15 12.41 38.13
C ILE C 79 7.85 13.70 38.90
N PRO C 80 8.86 14.55 39.18
CA PRO C 80 8.61 15.83 39.86
C PRO C 80 7.96 16.85 38.91
N LEU C 81 7.28 17.87 39.48
CA LEU C 81 6.52 18.89 38.72
C LEU C 81 7.47 19.71 37.86
N GLU C 82 8.54 20.25 38.47
CA GLU C 82 9.65 20.92 37.74
C GLU C 82 10.98 20.36 38.23
N TYR C 83 12.01 20.40 37.37
CA TYR C 83 13.40 20.00 37.68
C TYR C 83 14.34 21.12 37.21
N LYS C 84 15.13 21.66 38.14
CA LYS C 84 16.09 22.78 37.91
C LYS C 84 15.44 23.82 36.99
N GLY C 85 14.24 24.29 37.37
CA GLY C 85 13.49 25.36 36.67
C GLY C 85 12.97 24.93 35.32
N ILE C 86 12.74 23.62 35.12
CA ILE C 86 12.11 23.06 33.89
C ILE C 86 10.78 22.42 34.30
N GLN C 87 9.67 22.99 33.83
CA GLN C 87 8.29 22.45 34.02
C GLN C 87 8.18 21.11 33.31
N LEU C 88 8.32 20.00 34.05
CA LEU C 88 8.34 18.63 33.48
C LEU C 88 6.90 18.20 33.16
N LYS C 89 5.98 18.38 34.11
CA LYS C 89 4.54 18.02 33.96
C LYS C 89 3.67 19.09 34.64
N THR C 90 2.37 19.07 34.33
CA THR C 90 1.35 20.01 34.87
C THR C 90 0.39 19.25 35.80
N ASN C 91 -0.52 19.97 36.45
CA ASN C 91 -1.61 19.39 37.28
C ASN C 91 -2.75 18.94 36.36
N ALA C 92 -3.07 19.76 35.36
CA ALA C 92 -4.16 19.54 34.38
C ALA C 92 -4.07 18.12 33.82
N GLU C 93 -5.16 17.34 33.96
CA GLU C 93 -5.25 15.92 33.53
C GLU C 93 -5.73 15.86 32.07
N ASP C 94 -5.09 15.02 31.26
CA ASP C 94 -5.44 14.79 29.83
C ASP C 94 -6.86 14.22 29.76
N ILE C 95 -7.58 14.47 28.66
CA ILE C 95 -8.96 13.98 28.40
C ILE C 95 -8.91 12.46 28.28
N GLY C 96 -7.92 11.95 27.55
CA GLY C 96 -7.75 10.51 27.26
C GLY C 96 -7.30 9.72 28.47
N THR C 97 -6.06 9.92 28.92
CA THR C 97 -5.38 9.11 29.97
C THR C 97 -5.97 9.43 31.35
N LYS C 98 -6.66 10.56 31.48
CA LYS C 98 -7.17 11.09 32.78
C LYS C 98 -6.01 11.14 33.78
N GLY C 99 -4.82 11.46 33.28
CA GLY C 99 -3.58 11.61 34.07
C GLY C 99 -2.87 12.90 33.70
N GLN C 100 -1.93 13.35 34.53
CA GLN C 100 -1.18 14.61 34.37
C GLN C 100 -0.53 14.65 32.98
N MET C 101 -0.52 15.82 32.35
CA MET C 101 0.17 16.09 31.07
C MET C 101 1.61 16.53 31.38
N CYS C 102 2.53 16.35 30.42
CA CYS C 102 3.98 16.65 30.59
C CYS C 102 4.62 17.07 29.26
N SER C 103 5.79 17.71 29.38
CA SER C 103 6.72 18.11 28.29
C SER C 103 7.64 16.94 27.98
N ILE C 104 8.17 16.91 26.76
CA ILE C 104 9.12 15.87 26.26
C ILE C 104 10.32 15.76 27.22
N ALA C 105 10.67 16.85 27.92
CA ALA C 105 11.74 16.91 28.93
C ALA C 105 11.48 15.86 30.03
N ALA C 106 10.22 15.57 30.33
CA ALA C 106 9.79 14.55 31.33
C ALA C 106 10.44 13.20 30.99
N VAL C 107 10.29 12.75 29.74
CA VAL C 107 10.87 11.47 29.23
C VAL C 107 12.37 11.49 29.53
N THR C 108 13.06 12.50 29.01
CA THR C 108 14.52 12.71 29.16
C THR C 108 14.89 12.65 30.64
N TRP C 109 14.07 13.25 31.52
CA TRP C 109 14.27 13.18 32.99
C TRP C 109 14.17 11.72 33.44
N TRP C 110 13.04 11.07 33.17
CA TRP C 110 12.77 9.66 33.58
C TRP C 110 13.95 8.77 33.15
N ASN C 111 14.40 8.92 31.90
CA ASN C 111 15.49 8.09 31.31
C ASN C 111 16.83 8.37 32.01
N THR C 112 16.93 9.48 32.75
CA THR C 112 18.18 9.94 33.42
C THR C 112 18.15 9.64 34.92
N TYR C 113 17.15 10.14 35.65
CA TYR C 113 17.05 10.06 37.13
C TYR C 113 15.79 9.30 37.56
N GLY C 114 15.16 8.55 36.64
CA GLY C 114 13.95 7.76 36.95
C GLY C 114 14.28 6.48 37.71
N PRO C 115 13.26 5.71 38.15
CA PRO C 115 13.49 4.43 38.81
C PRO C 115 13.96 3.35 37.81
N ILE C 116 14.80 2.43 38.27
CA ILE C 116 15.47 1.37 37.44
C ILE C 116 14.59 0.12 37.46
N GLY C 117 13.77 -0.08 36.43
CA GLY C 117 12.84 -1.22 36.29
C GLY C 117 13.56 -2.52 35.99
N ASP C 118 12.86 -3.65 36.13
CA ASP C 118 13.39 -5.02 35.91
C ASP C 118 13.20 -5.41 34.45
N THR C 119 14.30 -5.51 33.69
CA THR C 119 14.31 -5.83 32.23
C THR C 119 14.60 -7.32 32.02
N GLU C 120 13.99 -8.19 32.84
CA GLU C 120 14.19 -9.66 32.79
C GLU C 120 13.26 -10.23 31.71
N GLY C 121 13.77 -11.16 30.90
CA GLY C 121 13.02 -11.83 29.82
C GLY C 121 13.05 -11.06 28.52
N PHE C 122 13.30 -9.74 28.58
CA PHE C 122 13.32 -8.81 27.41
C PHE C 122 13.90 -9.51 26.18
N GLU C 123 15.12 -10.03 26.29
CA GLU C 123 15.88 -10.68 25.19
C GLU C 123 15.08 -11.86 24.63
N ARG C 124 14.52 -12.71 25.50
CA ARG C 124 13.67 -13.88 25.10
C ARG C 124 12.39 -13.37 24.42
N VAL C 125 11.78 -12.32 24.96
CA VAL C 125 10.55 -11.68 24.41
C VAL C 125 10.84 -11.20 22.97
N TYR C 126 11.93 -10.45 22.80
CA TYR C 126 12.29 -9.77 21.52
C TYR C 126 13.38 -10.55 20.76
N GLU C 127 13.51 -11.86 21.01
CA GLU C 127 14.48 -12.77 20.36
C GLU C 127 14.44 -12.56 18.84
N SER C 128 13.25 -12.66 18.25
CA SER C 128 12.94 -12.43 16.82
C SER C 128 13.88 -11.37 16.24
N PHE C 129 13.99 -10.21 16.90
CA PHE C 129 14.81 -9.05 16.46
C PHE C 129 16.29 -9.32 16.70
N PHE C 130 16.64 -9.75 17.92
CA PHE C 130 18.04 -10.04 18.35
C PHE C 130 18.68 -11.02 17.36
N LEU C 131 17.92 -11.98 16.84
CA LEU C 131 18.38 -12.90 15.76
C LEU C 131 18.62 -12.08 14.48
N ARG C 132 17.61 -11.28 14.08
CA ARG C 132 17.70 -10.35 12.93
C ARG C 132 19.02 -9.59 12.97
N LYS C 133 19.41 -9.10 14.15
CA LYS C 133 20.69 -8.40 14.40
C LYS C 133 21.85 -9.39 14.29
N MET C 134 21.76 -10.51 15.02
CA MET C 134 22.80 -11.58 15.11
C MET C 134 23.22 -12.03 13.70
N ARG C 135 22.27 -12.11 12.76
CA ARG C 135 22.53 -12.51 11.35
C ARG C 135 23.44 -11.48 10.69
N LEU C 136 23.15 -10.18 10.82
CA LEU C 136 24.03 -9.10 10.29
C LEU C 136 25.37 -9.14 11.02
N ASP C 137 25.35 -9.27 12.35
CA ASP C 137 26.55 -9.28 13.22
C ASP C 137 27.50 -10.39 12.75
N ASN C 138 27.01 -11.63 12.65
CA ASN C 138 27.82 -12.83 12.28
C ASN C 138 27.68 -13.09 10.78
N ALA C 139 27.75 -12.05 9.95
CA ALA C 139 27.71 -12.12 8.47
C ALA C 139 29.13 -11.96 7.92
N THR C 140 29.30 -12.21 6.62
CA THR C 140 30.57 -11.93 5.88
C THR C 140 30.23 -11.26 4.54
N TRP C 141 30.82 -10.09 4.31
CA TRP C 141 30.62 -9.25 3.09
C TRP C 141 31.72 -9.56 2.08
N GLY C 142 31.32 -9.85 0.83
CA GLY C 142 32.23 -10.11 -0.30
C GLY C 142 32.56 -8.84 -1.06
N ARG C 143 32.59 -8.92 -2.39
CA ARG C 143 32.97 -7.79 -3.29
C ARG C 143 31.70 -7.15 -3.88
N ILE C 144 31.75 -5.85 -4.16
CA ILE C 144 30.74 -5.14 -5.00
C ILE C 144 31.15 -5.32 -6.46
N THR C 145 30.18 -5.58 -7.34
CA THR C 145 30.35 -5.71 -8.81
C THR C 145 29.51 -4.64 -9.49
N PHE C 146 30.06 -3.98 -10.52
CA PHE C 146 29.37 -2.95 -11.33
C PHE C 146 29.07 -3.54 -12.72
N GLY C 147 27.77 -3.67 -13.04
CA GLY C 147 27.29 -4.29 -14.28
C GLY C 147 25.76 -4.45 -14.27
N PRO C 148 25.12 -4.77 -15.41
CA PRO C 148 23.66 -4.88 -15.46
C PRO C 148 23.12 -6.01 -14.58
N VAL C 149 22.02 -5.73 -13.86
CA VAL C 149 21.25 -6.73 -13.05
C VAL C 149 19.79 -6.66 -13.49
N GLU C 150 19.28 -7.77 -14.03
CA GLU C 150 17.85 -7.94 -14.38
C GLU C 150 17.10 -8.37 -13.12
N ARG C 151 16.51 -7.40 -12.41
CA ARG C 151 15.68 -7.63 -11.20
C ARG C 151 14.30 -8.13 -11.63
N VAL C 152 13.85 -9.26 -11.09
CA VAL C 152 12.51 -9.85 -11.37
C VAL C 152 11.62 -9.59 -10.16
N ARG C 153 10.37 -9.17 -10.41
CA ARG C 153 9.41 -8.76 -9.34
C ARG C 153 8.64 -10.01 -8.89
N LYS C 154 8.92 -10.50 -7.67
CA LYS C 154 8.36 -11.79 -7.17
C LYS C 154 7.94 -11.66 -5.70
N ARG C 155 6.93 -12.45 -5.31
CA ARG C 155 6.34 -12.48 -3.94
C ARG C 155 7.23 -13.32 -3.03
N VAL C 156 7.82 -12.70 -2.01
CA VAL C 156 8.86 -13.32 -1.13
C VAL C 156 8.50 -13.09 0.34
N LEU C 157 9.07 -13.94 1.21
CA LEU C 157 8.99 -13.85 2.69
C LEU C 157 9.94 -12.76 3.16
N LEU C 158 9.45 -11.81 3.96
CA LEU C 158 10.23 -10.61 4.39
C LEU C 158 11.06 -10.92 5.64
N ASN C 159 10.54 -11.73 6.56
CA ASN C 159 11.18 -12.00 7.87
C ASN C 159 11.19 -13.50 8.17
N PRO C 160 12.37 -14.09 8.45
CA PRO C 160 12.48 -15.48 8.87
C PRO C 160 11.53 -15.82 10.03
N LEU C 161 10.84 -16.97 9.94
CA LEU C 161 9.83 -17.43 10.94
C LEU C 161 10.44 -18.54 11.81
N THR C 162 9.96 -18.68 13.05
CA THR C 162 10.31 -19.81 13.96
C THR C 162 9.68 -21.08 13.40
N LYS C 163 8.40 -21.00 12.99
CA LYS C 163 7.61 -22.10 12.38
C LYS C 163 6.43 -21.47 11.62
N GLU C 164 6.27 -21.79 10.34
CA GLU C 164 5.25 -21.17 9.45
C GLU C 164 3.90 -21.88 9.62
N MET C 165 2.85 -21.10 9.84
CA MET C 165 1.43 -21.56 9.96
C MET C 165 0.52 -20.55 9.26
N PRO C 166 -0.68 -20.96 8.79
CA PRO C 166 -1.71 -19.99 8.40
C PRO C 166 -2.07 -19.08 9.56
N PRO C 167 -2.45 -17.81 9.29
CA PRO C 167 -2.80 -16.85 10.36
C PRO C 167 -3.72 -17.44 11.44
N ASP C 168 -4.75 -18.19 11.00
CA ASP C 168 -5.77 -18.84 11.87
C ASP C 168 -5.07 -19.81 12.84
N GLU C 169 -4.32 -20.76 12.29
CA GLU C 169 -3.55 -21.77 13.08
C GLU C 169 -2.56 -21.05 14.00
N ALA C 170 -1.84 -20.05 13.46
CA ALA C 170 -0.85 -19.23 14.21
C ALA C 170 -1.53 -18.59 15.43
N SER C 171 -2.64 -17.87 15.21
CA SER C 171 -3.41 -17.15 16.26
C SER C 171 -3.83 -18.13 17.37
N ASN C 172 -4.37 -19.29 16.98
CA ASN C 172 -4.86 -20.36 17.89
C ASN C 172 -3.71 -20.85 18.80
N VAL C 173 -2.50 -20.96 18.25
CA VAL C 173 -1.26 -21.36 19.00
C VAL C 173 -0.94 -20.27 20.04
N ILE C 174 -0.94 -19.01 19.61
CA ILE C 174 -0.64 -17.82 20.48
C ILE C 174 -1.64 -17.82 21.65
N MET C 175 -2.93 -18.05 21.37
CA MET C 175 -3.99 -18.16 22.41
C MET C 175 -3.58 -19.23 23.43
N GLU C 176 -3.18 -20.42 22.96
CA GLU C 176 -2.78 -21.57 23.81
C GLU C 176 -1.59 -21.15 24.69
N ILE C 177 -0.65 -20.37 24.15
CA ILE C 177 0.54 -19.87 24.90
C ILE C 177 0.07 -18.85 25.97
N LEU C 178 -0.51 -17.73 25.53
CA LEU C 178 -0.68 -16.51 26.35
C LEU C 178 -2.01 -16.53 27.12
N PHE C 179 -3.12 -16.89 26.48
CA PHE C 179 -4.50 -16.81 27.03
C PHE C 179 -5.15 -18.20 27.03
N PRO C 180 -4.70 -19.13 27.90
CA PRO C 180 -5.21 -20.51 27.87
C PRO C 180 -6.73 -20.61 27.98
N LYS C 181 -7.33 -19.90 28.94
CA LYS C 181 -8.76 -20.02 29.31
C LYS C 181 -9.64 -19.63 28.11
N GLU C 182 -9.34 -18.49 27.47
CA GLU C 182 -10.17 -17.91 26.38
C GLU C 182 -9.70 -18.44 25.02
N ALA C 183 -9.45 -19.75 24.92
CA ALA C 183 -8.92 -20.41 23.71
C ALA C 183 -10.06 -20.87 22.80
N GLY C 184 -11.16 -21.35 23.38
CA GLY C 184 -12.34 -21.86 22.65
C GLY C 184 -12.23 -23.35 22.42
N ILE C 185 -12.61 -23.83 21.23
CA ILE C 185 -12.59 -25.27 20.85
C ILE C 185 -11.13 -25.68 20.58
N PRO C 186 -10.61 -26.73 21.27
CA PRO C 186 -9.30 -27.27 20.93
C PRO C 186 -9.26 -27.87 19.52
N ARG C 187 -8.26 -27.46 18.73
CA ARG C 187 -8.07 -27.85 17.31
C ARG C 187 -6.93 -28.87 17.23
N GLU C 188 -6.79 -29.58 16.10
CA GLU C 188 -5.64 -30.49 15.82
C GLU C 188 -4.34 -29.71 16.05
N SER C 189 -4.25 -28.52 15.45
CA SER C 189 -3.10 -27.58 15.55
C SER C 189 -2.49 -27.59 16.95
N THR C 190 -3.33 -27.46 17.99
CA THR C 190 -2.93 -27.44 19.43
C THR C 190 -1.90 -28.55 19.69
N TRP C 191 -2.18 -29.77 19.24
CA TRP C 191 -1.29 -30.96 19.47
C TRP C 191 -0.06 -30.88 18.55
N ILE C 192 -0.23 -30.33 17.33
CA ILE C 192 0.81 -30.31 16.25
C ILE C 192 1.99 -29.44 16.69
N HIS C 193 1.76 -28.40 17.50
CA HIS C 193 2.80 -27.43 17.96
C HIS C 193 2.98 -27.52 19.48
N ARG C 194 2.55 -28.64 20.08
CA ARG C 194 2.61 -28.89 21.56
C ARG C 194 4.01 -28.54 22.09
N GLU C 195 5.06 -28.90 21.33
CA GLU C 195 6.48 -28.63 21.67
C GLU C 195 6.70 -27.11 21.72
N LEU C 196 6.28 -26.41 20.66
CA LEU C 196 6.48 -24.95 20.48
C LEU C 196 5.70 -24.17 21.54
N ILE C 197 4.45 -24.59 21.82
CA ILE C 197 3.57 -23.96 22.85
C ILE C 197 4.28 -24.01 24.21
N LYS C 198 4.64 -25.21 24.67
CA LYS C 198 5.35 -25.45 25.95
C LYS C 198 6.69 -24.68 25.95
N GLU C 199 7.47 -24.83 24.87
CA GLU C 199 8.81 -24.20 24.71
C GLU C 199 8.68 -22.67 24.89
N LYS C 200 7.79 -22.03 24.13
CA LYS C 200 7.54 -20.56 24.19
C LYS C 200 7.01 -20.20 25.58
N ARG C 201 6.01 -20.94 26.08
CA ARG C 201 5.38 -20.71 27.41
C ARG C 201 6.45 -20.73 28.51
N GLU C 202 7.42 -21.65 28.43
CA GLU C 202 8.52 -21.80 29.43
C GLU C 202 9.52 -20.66 29.30
N LYS C 203 9.70 -20.10 28.09
CA LYS C 203 10.66 -19.00 27.81
C LYS C 203 10.04 -17.65 28.23
N LEU C 204 8.75 -17.43 27.96
CA LEU C 204 8.04 -16.16 28.25
C LEU C 204 7.46 -16.18 29.69
N LYS C 205 7.72 -17.23 30.47
CA LYS C 205 7.09 -17.47 31.79
C LYS C 205 7.40 -16.28 32.72
N GLY C 206 8.68 -16.08 33.05
CA GLY C 206 9.15 -14.95 33.87
C GLY C 206 9.37 -13.71 33.01
N THR C 207 8.34 -12.89 32.82
CA THR C 207 8.41 -11.58 32.13
C THR C 207 7.35 -10.63 32.69
N MET C 208 7.68 -9.33 32.75
CA MET C 208 6.78 -8.24 33.20
C MET C 208 6.29 -7.42 32.00
N ILE C 209 6.64 -7.84 30.78
CA ILE C 209 6.19 -7.17 29.52
C ILE C 209 4.73 -7.56 29.26
N THR C 210 3.94 -6.61 28.73
CA THR C 210 2.45 -6.72 28.58
C THR C 210 2.11 -7.83 27.59
N PRO C 211 1.24 -8.80 27.99
CA PRO C 211 0.87 -9.92 27.13
C PRO C 211 0.55 -9.56 25.66
N ILE C 212 -0.11 -8.43 25.45
CA ILE C 212 -0.53 -7.92 24.10
C ILE C 212 0.71 -7.73 23.22
N VAL C 213 1.85 -7.39 23.81
CA VAL C 213 3.15 -7.21 23.09
C VAL C 213 3.69 -8.60 22.72
N LEU C 214 3.77 -9.49 23.72
CA LEU C 214 4.19 -10.91 23.56
C LEU C 214 3.36 -11.56 22.46
N ALA C 215 2.06 -11.21 22.37
CA ALA C 215 1.14 -11.69 21.30
C ALA C 215 1.71 -11.33 19.93
N TYR C 216 1.95 -10.03 19.70
CA TYR C 216 2.40 -9.48 18.40
C TYR C 216 3.84 -9.94 18.10
N MET C 217 4.66 -10.13 19.13
CA MET C 217 6.06 -10.61 18.99
C MET C 217 6.06 -12.05 18.47
N LEU C 218 5.21 -12.92 19.02
CA LEU C 218 4.99 -14.30 18.54
C LEU C 218 4.38 -14.24 17.13
N GLU C 219 3.31 -13.45 16.97
CA GLU C 219 2.64 -13.24 15.66
C GLU C 219 3.69 -12.90 14.59
N ARG C 220 4.66 -12.04 14.95
CA ARG C 220 5.76 -11.58 14.05
C ARG C 220 6.58 -12.77 13.56
N GLU C 221 6.76 -13.81 14.40
CA GLU C 221 7.66 -14.96 14.15
C GLU C 221 6.87 -16.27 13.98
N LEU C 222 5.55 -16.18 13.80
CA LEU C 222 4.70 -17.33 13.37
C LEU C 222 3.91 -17.00 12.11
N VAL C 223 3.26 -15.84 12.05
CA VAL C 223 2.52 -15.35 10.84
C VAL C 223 3.54 -14.94 9.79
N ALA C 224 3.35 -15.39 8.55
CA ALA C 224 4.24 -15.12 7.39
C ALA C 224 3.93 -13.75 6.82
N ARG C 225 4.91 -12.83 6.86
CA ARG C 225 4.90 -11.55 6.12
C ARG C 225 5.49 -11.80 4.72
N ARG C 226 4.63 -11.97 3.72
CA ARG C 226 4.99 -12.40 2.35
C ARG C 226 4.47 -11.36 1.34
N ARG C 227 5.37 -10.64 0.67
CA ARG C 227 5.02 -9.49 -0.21
C ARG C 227 5.91 -9.50 -1.45
N PHE C 228 5.42 -8.89 -2.54
CA PHE C 228 6.14 -8.75 -3.83
C PHE C 228 7.32 -7.80 -3.65
N LEU C 229 8.48 -8.16 -4.21
CA LEU C 229 9.71 -7.31 -4.26
C LEU C 229 10.48 -7.59 -5.55
N PRO C 230 11.27 -6.60 -6.03
CA PRO C 230 12.22 -6.84 -7.11
C PRO C 230 13.45 -7.56 -6.54
N VAL C 231 13.63 -8.83 -6.89
CA VAL C 231 14.73 -9.70 -6.38
C VAL C 231 15.58 -10.17 -7.55
N ALA C 232 16.78 -10.67 -7.24
CA ALA C 232 17.78 -11.19 -8.19
C ALA C 232 18.64 -12.25 -7.49
N GLY C 233 18.38 -13.53 -7.77
CA GLY C 233 19.16 -14.70 -7.32
C GLY C 233 19.27 -14.78 -5.80
N ALA C 234 18.24 -14.31 -5.08
CA ALA C 234 18.18 -14.31 -3.60
C ALA C 234 16.72 -14.23 -3.16
N THR C 235 16.13 -15.37 -2.78
CA THR C 235 14.72 -15.52 -2.33
C THR C 235 14.67 -15.74 -0.82
N SER C 236 15.67 -16.44 -0.27
CA SER C 236 15.79 -16.81 1.18
C SER C 236 15.52 -15.57 2.04
N ALA C 237 14.63 -15.70 3.04
CA ALA C 237 14.20 -14.60 3.93
C ALA C 237 15.41 -13.87 4.50
N GLU C 238 16.41 -14.62 5.00
CA GLU C 238 17.62 -14.08 5.66
C GLU C 238 18.47 -13.30 4.65
N PHE C 239 18.19 -13.46 3.35
CA PHE C 239 18.73 -12.60 2.26
C PHE C 239 17.77 -11.44 2.00
N ILE C 240 16.48 -11.74 1.80
CA ILE C 240 15.42 -10.74 1.49
C ILE C 240 15.48 -9.60 2.51
N GLU C 241 15.63 -9.90 3.81
CA GLU C 241 15.66 -8.89 4.90
C GLU C 241 16.72 -7.82 4.57
N MET C 242 17.79 -8.22 3.87
CA MET C 242 18.98 -7.39 3.53
C MET C 242 18.91 -6.92 2.06
N LEU C 243 17.79 -7.13 1.37
CA LEU C 243 17.66 -6.97 -0.12
C LEU C 243 18.22 -5.62 -0.58
N HIS C 244 18.02 -4.56 0.21
CA HIS C 244 18.47 -3.17 -0.10
C HIS C 244 19.99 -3.14 -0.34
N CYS C 245 20.76 -3.96 0.38
CA CYS C 245 22.25 -4.03 0.33
C CYS C 245 22.72 -5.12 -0.65
N LEU C 246 21.84 -6.03 -1.08
CA LEU C 246 22.20 -7.21 -1.90
C LEU C 246 22.54 -6.78 -3.33
N GLN C 247 21.72 -5.92 -3.94
CA GLN C 247 21.89 -5.50 -5.36
C GLN C 247 21.15 -4.17 -5.61
N GLY C 248 21.57 -3.46 -6.66
CA GLY C 248 20.78 -2.40 -7.33
C GLY C 248 20.42 -2.85 -8.74
N GLU C 249 20.09 -1.91 -9.62
CA GLU C 249 19.84 -2.16 -11.07
C GLU C 249 21.18 -2.45 -11.78
N ASN C 250 22.23 -1.75 -11.38
CA ASN C 250 23.51 -1.62 -12.12
C ASN C 250 24.70 -2.00 -11.23
N TRP C 251 24.47 -2.75 -10.16
CA TRP C 251 25.53 -3.20 -9.22
C TRP C 251 25.01 -4.35 -8.36
N ARG C 252 25.91 -5.26 -7.96
CA ARG C 252 25.61 -6.43 -7.09
C ARG C 252 26.59 -6.44 -5.91
N GLN C 253 26.17 -7.00 -4.78
CA GLN C 253 26.97 -7.10 -3.53
C GLN C 253 26.82 -8.51 -2.95
N ILE C 254 27.94 -9.21 -2.74
CA ILE C 254 27.96 -10.57 -2.12
C ILE C 254 27.87 -10.39 -0.60
N TYR C 255 26.90 -11.06 0.04
CA TYR C 255 26.63 -10.98 1.49
C TYR C 255 26.22 -12.37 1.99
N HIS C 256 27.04 -12.97 2.86
CA HIS C 256 26.74 -14.25 3.56
C HIS C 256 26.18 -13.93 4.94
N PRO C 257 24.88 -14.20 5.20
CA PRO C 257 24.29 -14.07 6.53
C PRO C 257 24.88 -15.07 7.54
N GLY C 258 24.38 -15.04 8.77
CA GLY C 258 24.83 -15.90 9.89
C GLY C 258 23.77 -16.87 10.35
N GLY C 259 23.94 -17.44 11.54
CA GLY C 259 23.01 -18.40 12.16
C GLY C 259 23.07 -19.76 11.48
N ASN C 260 22.04 -20.08 10.70
CA ASN C 260 21.91 -21.38 9.96
C ASN C 260 21.27 -21.12 8.60
N LYS C 261 21.41 -22.08 7.68
CA LYS C 261 20.77 -22.09 6.34
C LYS C 261 20.20 -23.49 6.08
N LEU C 262 18.96 -23.56 5.57
CA LEU C 262 18.18 -24.81 5.46
C LEU C 262 18.75 -25.69 4.34
N THR C 263 18.73 -27.02 4.55
CA THR C 263 19.23 -28.04 3.60
C THR C 263 18.35 -28.01 2.33
N GLU C 264 17.04 -27.71 2.50
CA GLU C 264 16.04 -27.59 1.40
C GLU C 264 16.39 -26.38 0.52
N SER C 265 16.63 -25.22 1.14
CA SER C 265 17.04 -23.97 0.45
C SER C 265 18.43 -24.17 -0.18
N ARG C 266 19.33 -24.87 0.51
CA ARG C 266 20.65 -25.30 -0.04
C ARG C 266 20.42 -26.13 -1.31
N SER C 267 19.49 -27.07 -1.26
CA SER C 267 19.14 -27.98 -2.39
C SER C 267 18.55 -27.16 -3.56
N GLN C 268 17.41 -26.51 -3.34
CA GLN C 268 16.58 -25.89 -4.41
C GLN C 268 17.43 -24.91 -5.22
N SER C 269 18.35 -24.19 -4.57
CA SER C 269 19.30 -23.25 -5.25
C SER C 269 20.35 -24.07 -6.03
N MET C 270 20.91 -25.09 -5.38
CA MET C 270 21.94 -26.01 -5.95
C MET C 270 21.49 -26.51 -7.33
N ILE C 271 20.19 -26.75 -7.51
CA ILE C 271 19.58 -27.17 -8.81
C ILE C 271 19.81 -26.06 -9.84
N VAL C 272 19.41 -24.83 -9.51
CA VAL C 272 19.43 -23.66 -10.43
C VAL C 272 20.87 -23.46 -10.93
N ALA C 273 21.87 -23.59 -10.05
CA ALA C 273 23.31 -23.52 -10.37
C ALA C 273 23.62 -24.49 -11.51
N CYS C 274 23.37 -25.79 -11.29
CA CYS C 274 23.58 -26.88 -12.26
C CYS C 274 22.85 -26.57 -13.57
N ARG C 275 21.55 -26.29 -13.48
CA ARG C 275 20.70 -25.95 -14.66
C ARG C 275 21.36 -24.82 -15.47
N LYS C 276 21.82 -23.77 -14.77
CA LYS C 276 22.45 -22.56 -15.37
C LYS C 276 23.80 -22.93 -15.99
N ILE C 277 24.60 -23.76 -15.32
CA ILE C 277 25.90 -24.27 -15.87
C ILE C 277 25.60 -25.03 -17.17
N ILE C 278 24.76 -26.06 -17.10
CA ILE C 278 24.39 -26.93 -18.25
C ILE C 278 23.87 -26.04 -19.39
N ARG C 279 22.83 -25.25 -19.12
CA ARG C 279 22.19 -24.33 -20.12
C ARG C 279 23.26 -23.64 -20.96
N ARG C 280 24.37 -23.21 -20.35
CA ARG C 280 25.44 -22.41 -20.99
C ARG C 280 26.50 -23.35 -21.61
N SER C 281 26.81 -24.46 -20.95
CA SER C 281 27.83 -25.45 -21.38
C SER C 281 27.43 -26.09 -22.72
N ILE C 282 26.13 -26.28 -22.95
CA ILE C 282 25.54 -26.95 -24.15
C ILE C 282 26.04 -26.32 -25.45
N VAL C 283 26.35 -25.02 -25.44
CA VAL C 283 26.67 -24.22 -26.68
C VAL C 283 28.11 -24.49 -27.14
N ALA C 284 29.06 -24.60 -26.21
CA ALA C 284 30.50 -24.81 -26.50
C ALA C 284 30.71 -26.22 -27.01
N SER C 285 31.79 -26.46 -27.78
CA SER C 285 32.30 -27.81 -28.10
C SER C 285 33.01 -28.36 -26.85
N ASN C 286 32.77 -29.64 -26.53
CA ASN C 286 33.20 -30.29 -25.26
C ASN C 286 32.47 -29.64 -24.07
N PRO C 287 31.12 -29.59 -24.07
CA PRO C 287 30.37 -29.04 -22.95
C PRO C 287 30.88 -29.50 -21.58
N LEU C 288 31.22 -30.78 -21.44
CA LEU C 288 31.77 -31.37 -20.19
C LEU C 288 32.93 -30.50 -19.68
N GLU C 289 33.83 -30.07 -20.57
CA GLU C 289 35.00 -29.21 -20.23
C GLU C 289 34.52 -28.00 -19.42
N LEU C 290 33.62 -27.21 -20.01
CA LEU C 290 33.10 -25.94 -19.45
C LEU C 290 32.25 -26.24 -18.21
N ALA C 291 31.35 -27.22 -18.32
CA ALA C 291 30.54 -27.74 -17.20
C ALA C 291 31.43 -27.97 -15.98
N VAL C 292 32.53 -28.71 -16.14
CA VAL C 292 33.54 -28.97 -15.07
C VAL C 292 34.19 -27.65 -14.66
N GLU C 293 34.69 -26.89 -15.64
CA GLU C 293 35.41 -25.61 -15.42
C GLU C 293 34.62 -24.73 -14.44
N ILE C 294 33.33 -24.53 -14.71
CA ILE C 294 32.45 -23.60 -13.93
C ILE C 294 32.11 -24.25 -12.58
N ALA C 295 31.61 -25.49 -12.61
CA ALA C 295 31.12 -26.25 -11.44
C ALA C 295 32.14 -26.22 -10.29
N ASN C 296 33.43 -26.39 -10.61
CA ASN C 296 34.52 -26.41 -9.61
C ASN C 296 34.60 -25.08 -8.86
N LYS C 297 34.24 -23.96 -9.52
CA LYS C 297 34.35 -22.60 -8.97
C LYS C 297 32.95 -22.01 -8.69
N THR C 298 31.88 -22.79 -8.88
CA THR C 298 30.50 -22.41 -8.49
C THR C 298 30.33 -22.56 -6.97
N VAL C 299 30.12 -21.44 -6.28
CA VAL C 299 29.89 -21.36 -4.80
C VAL C 299 28.40 -21.02 -4.56
N ILE C 300 27.73 -21.87 -3.77
CA ILE C 300 26.35 -21.63 -3.24
C ILE C 300 26.49 -20.99 -1.86
N ASP C 301 26.25 -19.67 -1.80
CA ASP C 301 26.48 -18.81 -0.60
C ASP C 301 27.97 -18.89 -0.24
N THR C 302 28.36 -19.80 0.64
CA THR C 302 29.78 -20.03 1.05
C THR C 302 30.22 -21.45 0.72
N GLU C 303 29.30 -22.32 0.27
CA GLU C 303 29.51 -23.78 0.13
C GLU C 303 29.75 -24.12 -1.34
N PRO C 304 30.92 -24.71 -1.70
CA PRO C 304 31.17 -25.17 -3.06
C PRO C 304 30.09 -26.11 -3.61
N LEU C 305 29.74 -25.94 -4.90
CA LEU C 305 28.71 -26.75 -5.59
C LEU C 305 29.03 -28.24 -5.43
N LYS C 306 30.29 -28.64 -5.66
CA LYS C 306 30.76 -30.05 -5.55
C LYS C 306 30.49 -30.57 -4.13
N SER C 307 30.87 -29.80 -3.10
CA SER C 307 30.67 -30.12 -1.67
C SER C 307 29.18 -30.26 -1.40
N CYS C 308 28.38 -29.32 -1.93
CA CYS C 308 26.91 -29.27 -1.74
C CYS C 308 26.26 -30.52 -2.34
N LEU C 309 26.61 -30.84 -3.60
CA LEU C 309 26.08 -32.01 -4.36
C LEU C 309 26.46 -33.31 -3.64
N ALA C 310 27.68 -33.37 -3.08
CA ALA C 310 28.19 -34.52 -2.29
C ALA C 310 27.40 -34.65 -0.99
N ALA C 311 27.26 -33.54 -0.25
CA ALA C 311 26.62 -33.48 1.09
C ALA C 311 25.12 -33.80 0.98
N ILE C 312 24.41 -33.16 0.05
CA ILE C 312 22.93 -33.33 -0.15
C ILE C 312 22.67 -34.64 -0.89
N ASP C 313 21.73 -35.45 -0.40
CA ASP C 313 21.21 -36.67 -1.07
C ASP C 313 19.85 -36.31 -1.67
N GLY C 314 19.82 -35.90 -2.94
CA GLY C 314 18.61 -35.47 -3.66
C GLY C 314 18.94 -34.46 -4.74
N GLY C 315 17.93 -34.01 -5.48
CA GLY C 315 18.08 -33.04 -6.59
C GLY C 315 17.62 -33.63 -7.92
N ASP C 316 17.74 -32.86 -9.00
CA ASP C 316 17.18 -33.18 -10.34
C ASP C 316 18.29 -33.65 -11.28
N VAL C 317 17.88 -34.09 -12.48
CA VAL C 317 18.77 -34.57 -13.59
C VAL C 317 20.07 -33.76 -13.59
N ALA C 318 19.98 -32.43 -13.74
CA ALA C 318 21.12 -31.48 -13.82
C ALA C 318 22.14 -31.78 -12.71
N CYS C 319 21.65 -31.88 -11.46
CA CYS C 319 22.48 -32.20 -10.26
C CYS C 319 23.28 -33.48 -10.51
N ASP C 320 22.63 -34.51 -11.07
CA ASP C 320 23.26 -35.82 -11.37
C ASP C 320 24.26 -35.66 -12.51
N ILE C 321 23.89 -34.98 -13.60
CA ILE C 321 24.79 -34.70 -14.75
C ILE C 321 26.07 -34.04 -14.19
N ILE C 322 25.92 -32.94 -13.44
CA ILE C 322 27.08 -32.19 -12.86
C ILE C 322 27.83 -33.10 -11.88
N ARG C 323 27.11 -33.89 -11.07
CA ARG C 323 27.71 -34.86 -10.12
C ARG C 323 28.65 -35.80 -10.89
N ALA C 324 28.14 -36.43 -11.96
CA ALA C 324 28.91 -37.30 -12.88
C ALA C 324 30.10 -36.52 -13.44
N ALA C 325 29.83 -35.35 -14.05
CA ALA C 325 30.85 -34.45 -14.63
C ALA C 325 31.99 -34.22 -13.63
N LEU C 326 31.66 -34.01 -12.34
CA LEU C 326 32.65 -33.80 -11.25
C LEU C 326 33.20 -35.14 -10.78
N GLY C 327 32.38 -36.20 -10.82
CA GLY C 327 32.75 -37.57 -10.40
C GLY C 327 32.21 -37.89 -9.01
N LEU C 328 30.88 -37.92 -8.88
CA LEU C 328 30.14 -38.23 -7.62
C LEU C 328 29.02 -39.21 -7.92
N LYS C 329 28.73 -40.14 -6.98
CA LYS C 329 27.62 -41.11 -7.11
C LYS C 329 26.33 -40.34 -7.43
N ILE C 330 25.87 -40.42 -8.68
CA ILE C 330 24.60 -39.78 -9.14
C ILE C 330 23.45 -40.43 -8.37
N ARG C 331 22.66 -39.63 -7.65
CA ARG C 331 21.42 -40.09 -6.95
C ARG C 331 20.22 -39.81 -7.85
N GLN C 332 19.65 -40.86 -8.46
CA GLN C 332 18.41 -40.76 -9.27
C GLN C 332 17.22 -40.52 -8.31
N ARG C 333 17.51 -40.32 -7.02
CA ARG C 333 16.55 -39.81 -6.00
C ARG C 333 15.87 -38.55 -6.53
N GLN C 334 14.56 -38.43 -6.32
CA GLN C 334 13.68 -37.39 -6.91
C GLN C 334 12.71 -36.90 -5.83
N ARG C 335 12.19 -35.69 -6.00
CA ARG C 335 11.18 -35.07 -5.09
C ARG C 335 10.02 -34.52 -5.93
N PHE C 336 8.84 -34.43 -5.32
CA PHE C 336 7.62 -33.76 -5.86
C PHE C 336 6.93 -33.06 -4.68
N GLY C 337 7.69 -32.19 -3.99
CA GLY C 337 7.27 -31.51 -2.74
C GLY C 337 7.29 -32.46 -1.56
N ARG C 338 6.11 -32.99 -1.20
CA ARG C 338 5.92 -33.93 -0.06
C ARG C 338 6.37 -35.33 -0.47
N LEU C 339 5.96 -35.80 -1.65
CA LEU C 339 6.37 -37.10 -2.25
C LEU C 339 7.86 -37.05 -2.60
N GLU C 340 8.58 -38.15 -2.41
CA GLU C 340 10.02 -38.29 -2.77
C GLU C 340 10.24 -39.71 -3.32
N LEU C 341 10.70 -39.79 -4.58
CA LEU C 341 10.76 -41.04 -5.39
C LEU C 341 12.22 -41.41 -5.65
N LYS C 342 12.43 -42.60 -6.23
CA LYS C 342 13.74 -43.06 -6.78
C LYS C 342 13.47 -44.12 -7.85
N ARG C 343 13.95 -43.89 -9.06
CA ARG C 343 13.63 -44.71 -10.26
C ARG C 343 14.30 -46.09 -10.15
N ILE C 344 13.53 -47.15 -10.41
CA ILE C 344 14.00 -48.56 -10.48
C ILE C 344 14.21 -48.91 -11.97
N SER C 345 13.19 -48.66 -12.79
CA SER C 345 13.17 -48.87 -14.26
C SER C 345 12.31 -47.80 -14.93
N GLY C 346 12.62 -47.47 -16.19
CA GLY C 346 11.81 -46.56 -17.03
C GLY C 346 12.64 -45.44 -17.62
N ARG C 347 12.07 -44.76 -18.63
CA ARG C 347 12.66 -43.58 -19.31
C ARG C 347 11.54 -42.58 -19.63
N GLY C 348 11.60 -41.38 -19.04
CA GLY C 348 10.53 -40.36 -19.12
C GLY C 348 10.74 -39.38 -20.26
N PHE C 349 9.70 -39.15 -21.07
CA PHE C 349 9.69 -38.23 -22.23
C PHE C 349 8.66 -37.11 -21.97
N LYS C 350 9.12 -35.95 -21.49
CA LYS C 350 8.25 -34.80 -21.10
C LYS C 350 7.76 -34.08 -22.36
N ASN C 351 6.47 -34.27 -22.71
CA ASN C 351 5.80 -33.62 -23.86
C ASN C 351 4.74 -32.63 -23.34
N ASP C 352 4.85 -31.35 -23.72
CA ASP C 352 3.88 -30.28 -23.35
C ASP C 352 2.58 -30.48 -24.14
N GLU C 353 1.47 -30.71 -23.43
CA GLU C 353 0.15 -31.04 -24.00
C GLU C 353 -0.95 -30.22 -23.31
N GLU C 354 -2.09 -30.06 -23.99
CA GLU C 354 -3.26 -29.25 -23.56
C GLU C 354 -4.28 -30.15 -22.86
N ILE C 355 -4.23 -30.19 -21.53
CA ILE C 355 -5.10 -31.05 -20.66
C ILE C 355 -6.38 -30.28 -20.33
N LEU C 356 -7.55 -30.89 -20.60
CA LEU C 356 -8.88 -30.45 -20.09
C LEU C 356 -9.01 -30.93 -18.64
N ILE C 357 -9.55 -30.10 -17.75
CA ILE C 357 -9.71 -30.42 -16.29
C ILE C 357 -11.19 -30.33 -15.91
N GLY C 358 -11.54 -30.94 -14.78
CA GLY C 358 -12.93 -31.21 -14.32
C GLY C 358 -13.83 -29.99 -14.35
N ASN C 359 -13.30 -28.81 -14.00
CA ASN C 359 -14.08 -27.53 -13.95
C ASN C 359 -14.45 -27.09 -15.37
N GLY C 360 -13.64 -27.48 -16.37
CA GLY C 360 -13.94 -27.30 -17.81
C GLY C 360 -13.13 -26.18 -18.43
N THR C 361 -11.81 -26.23 -18.30
CA THR C 361 -10.83 -25.31 -18.95
C THR C 361 -9.62 -26.12 -19.42
N ILE C 362 -8.81 -25.53 -20.31
CA ILE C 362 -7.65 -26.20 -20.98
C ILE C 362 -6.36 -25.61 -20.40
N GLN C 363 -5.56 -26.44 -19.71
CA GLN C 363 -4.26 -26.04 -19.10
C GLN C 363 -3.13 -26.80 -19.81
N LYS C 364 -2.05 -26.10 -20.16
CA LYS C 364 -0.84 -26.67 -20.80
C LYS C 364 0.05 -27.31 -19.71
N ILE C 365 0.30 -28.62 -19.80
CA ILE C 365 1.09 -29.39 -18.80
C ILE C 365 2.12 -30.26 -19.55
N GLY C 366 3.31 -30.45 -18.96
CA GLY C 366 4.33 -31.39 -19.45
C GLY C 366 4.04 -32.80 -18.98
N ILE C 367 3.50 -33.65 -19.88
CA ILE C 367 3.10 -35.06 -19.58
C ILE C 367 4.27 -36.00 -19.91
N TRP C 368 4.48 -37.01 -19.06
CA TRP C 368 5.60 -37.98 -19.14
C TRP C 368 5.12 -39.30 -19.76
N ASP C 369 5.84 -39.79 -20.78
CA ASP C 369 5.55 -41.05 -21.52
C ASP C 369 6.35 -42.20 -20.89
N GLY C 370 6.09 -43.43 -21.35
CA GLY C 370 6.82 -44.64 -20.94
C GLY C 370 6.33 -45.17 -19.60
N GLU C 371 6.43 -46.50 -19.40
CA GLU C 371 6.13 -47.18 -18.12
C GLU C 371 7.37 -47.12 -17.23
N GLU C 372 7.25 -46.52 -16.05
CA GLU C 372 8.36 -46.33 -15.08
C GLU C 372 7.94 -46.88 -13.71
N GLU C 373 8.92 -47.36 -12.93
CA GLU C 373 8.73 -47.81 -11.52
C GLU C 373 9.61 -46.97 -10.60
N PHE C 374 9.05 -46.46 -9.50
CA PHE C 374 9.72 -45.60 -8.50
C PHE C 374 9.50 -46.15 -7.08
N HIS C 375 10.47 -45.91 -6.18
CA HIS C 375 10.37 -46.20 -4.72
C HIS C 375 9.78 -44.96 -4.02
N VAL C 376 8.45 -44.86 -4.02
CA VAL C 376 7.71 -43.69 -3.45
C VAL C 376 7.81 -43.75 -1.92
N ARG C 377 7.98 -42.59 -1.27
CA ARG C 377 8.04 -42.45 0.21
C ARG C 377 7.28 -41.20 0.63
N CYS C 378 6.63 -41.24 1.80
CA CYS C 378 5.88 -40.10 2.40
C CYS C 378 5.84 -40.25 3.92
N GLY C 379 6.75 -39.56 4.63
CA GLY C 379 6.90 -39.64 6.09
C GLY C 379 7.45 -40.98 6.53
N GLU C 380 6.67 -41.73 7.33
CA GLU C 380 7.02 -43.09 7.83
C GLU C 380 6.46 -44.16 6.88
N CYS C 381 5.62 -43.77 5.91
CA CYS C 381 5.00 -44.67 4.90
C CYS C 381 5.88 -44.74 3.65
N ARG C 382 6.10 -45.95 3.15
CA ARG C 382 6.91 -46.26 1.94
C ARG C 382 6.06 -47.09 0.97
N GLY C 383 6.45 -47.13 -0.31
CA GLY C 383 5.73 -47.86 -1.37
C GLY C 383 6.51 -47.95 -2.68
N ILE C 384 6.04 -48.84 -3.57
CA ILE C 384 6.53 -49.00 -4.97
C ILE C 384 5.39 -48.62 -5.92
N LEU C 385 5.66 -47.69 -6.85
CA LEU C 385 4.66 -47.12 -7.81
C LEU C 385 4.99 -47.61 -9.23
N LYS C 386 3.96 -47.77 -10.06
CA LYS C 386 4.07 -48.13 -11.50
C LYS C 386 3.05 -47.30 -12.29
N LYS C 387 3.52 -46.51 -13.26
CA LYS C 387 2.67 -45.55 -14.03
C LYS C 387 3.04 -45.62 -15.52
N SER C 388 2.05 -45.30 -16.38
CA SER C 388 2.20 -45.07 -17.84
C SER C 388 1.63 -43.70 -18.18
N LYS C 389 1.85 -43.22 -19.42
CA LYS C 389 1.48 -41.86 -19.88
C LYS C 389 0.03 -41.55 -19.44
N MET C 390 -0.11 -40.71 -18.42
CA MET C 390 -1.41 -40.20 -17.88
C MET C 390 -2.27 -41.37 -17.39
N LYS C 391 -1.67 -42.35 -16.72
CA LYS C 391 -2.42 -43.46 -16.06
C LYS C 391 -1.54 -44.15 -15.01
N LEU C 392 -1.94 -44.08 -13.74
CA LEU C 392 -1.37 -44.92 -12.65
C LEU C 392 -1.78 -46.37 -12.90
N GLU C 393 -0.83 -47.32 -12.80
CA GLU C 393 -1.09 -48.76 -13.08
C GLU C 393 -1.23 -49.52 -11.75
N LYS C 394 -0.17 -49.56 -10.93
CA LYS C 394 -0.14 -50.30 -9.64
C LYS C 394 0.63 -49.50 -8.58
N LEU C 395 0.12 -49.49 -7.35
CA LEU C 395 0.73 -48.80 -6.18
C LEU C 395 0.75 -49.76 -4.98
N LEU C 396 1.93 -50.29 -4.66
CA LEU C 396 2.21 -51.05 -3.41
C LEU C 396 2.64 -50.05 -2.34
N ILE C 397 2.16 -50.22 -1.10
CA ILE C 397 2.48 -49.30 0.04
C ILE C 397 2.56 -50.12 1.34
N ASN C 398 3.19 -49.55 2.37
CA ASN C 398 3.24 -50.07 3.76
C ASN C 398 2.09 -49.45 4.56
N SER C 399 1.72 -50.08 5.68
CA SER C 399 0.68 -49.60 6.63
C SER C 399 1.35 -48.88 7.81
N ALA C 400 1.97 -47.72 7.54
CA ALA C 400 2.63 -46.85 8.55
C ALA C 400 1.56 -45.98 9.24
N LYS C 401 1.70 -44.64 9.22
CA LYS C 401 0.73 -43.69 9.82
C LYS C 401 -0.46 -43.52 8.87
N LYS C 402 -1.66 -43.36 9.44
CA LYS C 402 -2.97 -43.34 8.72
C LYS C 402 -3.00 -42.17 7.73
N GLU C 403 -2.53 -40.99 8.14
CA GLU C 403 -2.48 -39.75 7.30
C GLU C 403 -1.31 -39.84 6.32
N ASP C 404 -0.18 -40.43 6.73
CA ASP C 404 1.04 -40.60 5.90
C ASP C 404 0.73 -41.56 4.74
N MET C 405 -0.07 -42.61 5.00
CA MET C 405 -0.59 -43.54 3.95
C MET C 405 -1.56 -42.78 3.04
N ARG C 406 -2.47 -42.01 3.64
CA ARG C 406 -3.54 -41.22 2.95
C ARG C 406 -2.91 -40.20 2.00
N ASP C 407 -1.80 -39.57 2.40
CA ASP C 407 -1.10 -38.52 1.62
C ASP C 407 -0.37 -39.16 0.43
N LEU C 408 0.41 -40.22 0.68
CA LEU C 408 1.23 -40.95 -0.34
C LEU C 408 0.35 -41.34 -1.54
N ILE C 409 -0.85 -41.86 -1.28
CA ILE C 409 -1.82 -42.33 -2.31
C ILE C 409 -2.25 -41.12 -3.18
N ILE C 410 -2.58 -40.00 -2.53
CA ILE C 410 -3.03 -38.74 -3.21
C ILE C 410 -1.86 -38.17 -4.03
N LEU C 411 -0.65 -38.14 -3.45
CA LEU C 411 0.60 -37.66 -4.11
C LEU C 411 0.90 -38.54 -5.34
N CYS C 412 0.83 -39.86 -5.18
CA CYS C 412 1.07 -40.87 -6.26
C CYS C 412 -0.01 -40.75 -7.35
N MET C 413 -1.28 -40.58 -6.94
CA MET C 413 -2.44 -40.37 -7.85
C MET C 413 -2.19 -39.15 -8.75
N VAL C 414 -1.78 -38.02 -8.15
CA VAL C 414 -1.48 -36.74 -8.86
C VAL C 414 -0.23 -36.93 -9.74
N PHE C 415 0.87 -37.40 -9.14
CA PHE C 415 2.19 -37.60 -9.80
C PHE C 415 2.03 -38.41 -11.10
N SER C 416 1.15 -39.42 -11.08
CA SER C 416 0.87 -40.32 -12.24
C SER C 416 0.23 -39.55 -13.40
N GLN C 417 -0.46 -38.44 -13.11
CA GLN C 417 -1.11 -37.54 -14.10
C GLN C 417 -2.30 -38.27 -14.76
N ASP C 418 -2.93 -39.20 -14.03
CA ASP C 418 -4.06 -40.04 -14.53
C ASP C 418 -5.19 -39.12 -14.99
N THR C 419 -5.79 -39.40 -16.16
CA THR C 419 -6.92 -38.63 -16.74
C THR C 419 -8.11 -38.60 -15.76
N ARG C 420 -8.17 -39.57 -14.84
CA ARG C 420 -9.15 -39.62 -13.72
C ARG C 420 -8.88 -38.51 -12.71
N MET C 421 -7.60 -38.24 -12.40
CA MET C 421 -7.15 -37.20 -11.45
C MET C 421 -7.59 -35.81 -11.98
N PHE C 422 -7.41 -35.56 -13.28
CA PHE C 422 -7.78 -34.30 -13.96
C PHE C 422 -9.32 -34.13 -13.98
N GLN C 423 -10.06 -35.25 -13.98
CA GLN C 423 -11.55 -35.27 -13.99
C GLN C 423 -12.09 -34.79 -12.63
N GLY C 424 -11.37 -35.05 -11.54
CA GLY C 424 -11.80 -34.76 -10.15
C GLY C 424 -11.44 -33.35 -9.70
N VAL C 425 -11.03 -32.48 -10.64
CA VAL C 425 -10.70 -31.04 -10.37
C VAL C 425 -12.00 -30.23 -10.46
N ARG C 426 -12.73 -30.13 -9.34
CA ARG C 426 -14.01 -29.38 -9.24
C ARG C 426 -13.83 -28.22 -8.26
N GLY C 427 -14.22 -27.01 -8.69
CA GLY C 427 -14.02 -25.75 -7.95
C GLY C 427 -12.96 -24.88 -8.61
N GLU C 428 -12.50 -23.83 -7.90
CA GLU C 428 -11.52 -22.84 -8.40
C GLU C 428 -10.10 -23.36 -8.12
N ILE C 429 -9.30 -23.54 -9.18
CA ILE C 429 -7.85 -23.94 -9.11
C ILE C 429 -7.05 -22.93 -9.93
N ASN C 430 -6.20 -22.13 -9.27
CA ASN C 430 -5.40 -21.05 -9.90
C ASN C 430 -4.05 -21.60 -10.35
N PHE C 431 -3.84 -21.70 -11.67
CA PHE C 431 -2.55 -22.00 -12.33
C PHE C 431 -1.83 -20.68 -12.64
N LEU C 432 -2.60 -19.61 -12.85
CA LEU C 432 -2.09 -18.23 -13.08
C LEU C 432 -2.26 -17.41 -11.79
N ASN C 433 -1.21 -16.67 -11.43
CA ASN C 433 -1.09 -15.83 -10.20
C ASN C 433 -1.85 -14.52 -10.41
N ARG C 434 -2.22 -13.85 -9.32
CA ARG C 434 -2.92 -12.54 -9.29
C ARG C 434 -2.18 -11.52 -10.18
N ALA C 435 -0.85 -11.64 -10.28
CA ALA C 435 0.04 -10.77 -11.10
C ALA C 435 0.37 -11.43 -12.44
N GLY C 436 -0.51 -12.30 -12.95
CA GLY C 436 -0.37 -12.96 -14.27
C GLY C 436 0.94 -13.69 -14.44
N GLN C 437 1.43 -14.34 -13.37
CA GLN C 437 2.66 -15.18 -13.36
C GLN C 437 2.26 -16.66 -13.38
N LEU C 438 3.09 -17.52 -13.95
CA LEU C 438 2.82 -18.97 -14.09
C LEU C 438 3.13 -19.68 -12.78
N LEU C 439 2.18 -20.48 -12.26
CA LEU C 439 2.41 -21.44 -11.13
C LEU C 439 2.41 -22.87 -11.70
N SER C 440 3.24 -23.76 -11.13
CA SER C 440 3.50 -25.13 -11.65
C SER C 440 2.25 -26.00 -11.53
N PRO C 441 1.57 -26.31 -12.66
CA PRO C 441 0.26 -26.95 -12.64
C PRO C 441 0.22 -28.24 -11.79
N MET C 442 1.26 -29.08 -11.91
CA MET C 442 1.39 -30.35 -11.16
C MET C 442 1.55 -30.05 -9.66
N TYR C 443 2.33 -29.03 -9.32
CA TYR C 443 2.64 -28.61 -7.92
C TYR C 443 1.44 -27.86 -7.31
N GLN C 444 0.54 -27.34 -8.15
CA GLN C 444 -0.74 -26.73 -7.68
C GLN C 444 -1.83 -27.81 -7.58
N LEU C 445 -1.89 -28.75 -8.53
CA LEU C 445 -2.83 -29.91 -8.50
C LEU C 445 -2.48 -30.80 -7.29
N GLN C 446 -1.20 -31.02 -7.03
CA GLN C 446 -0.68 -31.70 -5.80
C GLN C 446 -1.23 -30.98 -4.57
N ARG C 447 -1.08 -29.64 -4.54
CA ARG C 447 -1.43 -28.75 -3.40
C ARG C 447 -2.95 -28.70 -3.19
N TYR C 448 -3.73 -28.84 -4.26
CA TYR C 448 -5.22 -28.76 -4.24
C TYR C 448 -5.82 -30.05 -3.66
N PHE C 449 -5.35 -31.21 -4.11
CA PHE C 449 -5.93 -32.55 -3.78
C PHE C 449 -5.48 -33.02 -2.39
N LEU C 450 -4.49 -32.35 -1.79
CA LEU C 450 -4.08 -32.58 -0.38
C LEU C 450 -5.11 -31.94 0.57
N ASN C 451 -5.84 -30.91 0.11
CA ASN C 451 -6.89 -30.20 0.87
C ASN C 451 -8.26 -30.89 0.64
N ARG C 452 -8.60 -31.16 -0.63
CA ARG C 452 -9.87 -31.85 -1.02
C ARG C 452 -9.53 -33.23 -1.61
N SER C 453 -9.60 -34.27 -0.77
CA SER C 453 -9.20 -35.67 -1.10
C SER C 453 -10.44 -36.51 -1.48
N ASN C 454 -11.56 -36.32 -0.79
CA ASN C 454 -12.81 -37.13 -0.94
C ASN C 454 -13.30 -37.07 -2.39
N ASP C 455 -13.07 -35.93 -3.07
CA ASP C 455 -13.39 -35.71 -4.51
C ASP C 455 -12.57 -36.69 -5.36
N LEU C 456 -11.25 -36.68 -5.17
CA LEU C 456 -10.26 -37.51 -5.94
C LEU C 456 -10.63 -39.00 -5.80
N PHE C 457 -10.82 -39.48 -4.57
CA PHE C 457 -11.14 -40.89 -4.24
C PHE C 457 -12.42 -41.33 -4.98
N ASP C 458 -13.49 -40.54 -4.88
CA ASP C 458 -14.81 -40.83 -5.49
C ASP C 458 -14.72 -40.70 -7.02
N GLN C 459 -13.91 -39.76 -7.53
CA GLN C 459 -13.75 -39.50 -8.98
C GLN C 459 -12.74 -40.47 -9.60
N TRP C 460 -12.11 -41.34 -8.79
CA TRP C 460 -11.14 -42.36 -9.26
C TRP C 460 -11.85 -43.68 -9.57
N GLY C 461 -12.54 -44.26 -8.58
CA GLY C 461 -13.24 -45.56 -8.69
C GLY C 461 -12.57 -46.63 -7.85
N TYR C 462 -13.36 -47.57 -7.33
CA TYR C 462 -12.92 -48.68 -6.44
C TYR C 462 -13.01 -50.02 -7.18
N GLU C 463 -12.51 -51.08 -6.54
CA GLU C 463 -12.58 -52.48 -7.05
C GLU C 463 -12.33 -53.45 -5.88
N GLU C 464 -12.41 -54.75 -6.15
CA GLU C 464 -12.16 -55.84 -5.15
C GLU C 464 -10.70 -55.78 -4.69
N SER C 465 -10.46 -55.96 -3.39
CA SER C 465 -9.12 -55.98 -2.74
C SER C 465 -8.36 -57.23 -3.18
N PRO C 466 -7.00 -57.21 -3.15
CA PRO C 466 -6.20 -58.39 -3.47
C PRO C 466 -6.37 -59.50 -2.42
N LYS C 467 -6.30 -60.76 -2.86
CA LYS C 467 -6.48 -61.96 -2.00
C LYS C 467 -5.18 -62.78 -2.02
N ALA C 468 -4.03 -62.11 -1.89
CA ALA C 468 -2.67 -62.69 -1.89
C ALA C 468 -2.24 -62.97 -0.45
N SER C 469 -0.95 -63.29 -0.25
CA SER C 469 -0.34 -63.64 1.06
C SER C 469 -0.47 -62.46 2.04
N GLU C 470 0.36 -61.43 1.88
CA GLU C 470 0.45 -60.27 2.82
C GLU C 470 -0.16 -59.01 2.19
N LEU C 471 -0.96 -59.16 1.13
CA LEU C 471 -1.64 -58.04 0.41
C LEU C 471 -3.11 -57.96 0.88
N HIS C 472 -3.49 -56.84 1.51
CA HIS C 472 -4.86 -56.54 2.00
C HIS C 472 -5.17 -55.05 1.78
N GLY C 473 -6.02 -54.74 0.79
CA GLY C 473 -6.30 -53.38 0.31
C GLY C 473 -7.07 -52.53 1.33
N ILE C 474 -6.98 -51.20 1.18
CA ILE C 474 -7.61 -50.19 2.08
C ILE C 474 -8.54 -49.30 1.24
N ASN C 475 -9.68 -48.89 1.83
CA ASN C 475 -10.73 -48.05 1.18
C ASN C 475 -10.43 -46.57 1.43
N GLU C 476 -11.44 -45.70 1.30
CA GLU C 476 -11.32 -44.23 1.46
C GLU C 476 -10.76 -43.87 2.83
N SER C 477 -11.24 -44.54 3.89
CA SER C 477 -10.93 -44.22 5.32
C SER C 477 -9.59 -44.80 5.76
N MET C 478 -8.88 -45.51 4.86
CA MET C 478 -7.50 -46.05 5.08
C MET C 478 -7.55 -47.16 6.14
N ASN C 479 -8.52 -48.08 6.02
CA ASN C 479 -8.69 -49.29 6.88
C ASN C 479 -8.75 -50.52 5.97
N ALA C 480 -8.13 -51.63 6.39
CA ALA C 480 -8.05 -52.92 5.66
C ALA C 480 -9.47 -53.34 5.24
N SER C 481 -9.87 -52.97 4.01
CA SER C 481 -11.28 -53.04 3.52
C SER C 481 -11.41 -54.05 2.38
N ASP C 482 -12.65 -54.37 2.01
CA ASP C 482 -13.01 -55.32 0.91
C ASP C 482 -12.85 -54.61 -0.44
N TYR C 483 -13.36 -53.38 -0.55
CA TYR C 483 -13.22 -52.49 -1.73
C TYR C 483 -12.00 -51.60 -1.55
N THR C 484 -11.07 -51.62 -2.52
CA THR C 484 -9.83 -50.79 -2.53
C THR C 484 -9.80 -49.94 -3.80
N LEU C 485 -9.02 -48.85 -3.78
CA LEU C 485 -8.88 -47.87 -4.88
C LEU C 485 -8.23 -48.55 -6.10
N LYS C 486 -8.78 -48.29 -7.29
CA LYS C 486 -8.50 -49.05 -8.54
C LYS C 486 -6.99 -49.06 -8.82
N GLY C 487 -6.30 -50.12 -8.41
CA GLY C 487 -4.84 -50.32 -8.59
C GLY C 487 -4.04 -49.86 -7.39
N VAL C 488 -4.56 -50.08 -6.18
CA VAL C 488 -3.86 -49.78 -4.89
C VAL C 488 -3.82 -51.06 -4.04
N VAL C 489 -2.66 -51.36 -3.45
CA VAL C 489 -2.44 -52.57 -2.60
C VAL C 489 -1.53 -52.20 -1.42
N VAL C 490 -1.82 -52.73 -0.22
CA VAL C 490 -1.03 -52.51 1.03
C VAL C 490 -0.37 -53.84 1.42
N THR C 491 0.94 -53.82 1.70
CA THR C 491 1.77 -55.02 2.00
C THR C 491 2.50 -54.83 3.34
N ARG C 492 3.09 -55.91 3.87
CA ARG C 492 3.80 -55.95 5.18
C ARG C 492 5.32 -55.90 4.96
N ASN C 493 5.78 -55.78 3.70
CA ASN C 493 7.21 -55.82 3.29
C ASN C 493 7.59 -54.48 2.65
N VAL C 494 8.70 -53.87 3.09
CA VAL C 494 9.12 -52.49 2.70
C VAL C 494 9.76 -52.56 1.30
N THR C 503 25.40 -48.07 -6.32
CA THR C 503 24.31 -48.72 -7.10
C THR C 503 24.93 -49.38 -8.35
N GLU C 504 25.17 -48.58 -9.40
CA GLU C 504 25.76 -49.02 -10.69
C GLU C 504 26.67 -47.90 -11.23
N LYS C 505 27.84 -48.26 -11.78
CA LYS C 505 28.90 -47.32 -12.19
C LYS C 505 28.58 -46.72 -13.56
N VAL C 506 28.45 -45.39 -13.61
CA VAL C 506 28.06 -44.57 -14.79
C VAL C 506 29.31 -43.88 -15.34
N SER C 507 29.23 -43.39 -16.59
CA SER C 507 30.19 -42.40 -17.17
C SER C 507 29.41 -41.39 -18.02
N ILE C 508 29.98 -40.20 -18.19
CA ILE C 508 29.32 -39.03 -18.85
C ILE C 508 30.09 -38.70 -20.13
N THR C 509 29.37 -38.55 -21.25
CA THR C 509 29.94 -38.14 -22.57
C THR C 509 30.34 -36.66 -22.48
N LYS C 510 31.30 -36.23 -23.30
CA LYS C 510 31.76 -34.82 -23.40
C LYS C 510 30.56 -33.94 -23.77
N ASN C 511 29.61 -34.50 -24.54
CA ASN C 511 28.37 -33.84 -25.01
C ASN C 511 27.29 -33.88 -23.90
N LEU C 512 27.65 -34.37 -22.70
CA LEU C 512 26.79 -34.42 -21.47
C LEU C 512 25.63 -35.40 -21.68
N SER C 513 25.95 -36.70 -21.63
CA SER C 513 24.98 -37.83 -21.57
C SER C 513 25.52 -38.89 -20.62
N LEU C 514 24.71 -39.32 -19.65
CA LEU C 514 25.07 -40.36 -18.65
C LEU C 514 24.80 -41.74 -19.27
N ILE C 515 25.87 -42.42 -19.69
CA ILE C 515 25.80 -43.77 -20.34
C ILE C 515 26.06 -44.83 -19.27
N LYS C 516 25.32 -45.94 -19.32
CA LYS C 516 25.58 -47.14 -18.48
C LYS C 516 26.85 -47.82 -18.99
N ARG C 517 27.38 -48.77 -18.21
CA ARG C 517 28.56 -49.59 -18.58
C ARG C 517 28.21 -50.47 -19.79
N THR C 518 26.93 -50.80 -19.97
CA THR C 518 26.42 -51.57 -21.14
C THR C 518 26.44 -50.66 -22.38
N GLY C 519 25.73 -49.53 -22.33
CA GLY C 519 25.62 -48.59 -23.45
C GLY C 519 24.39 -47.70 -23.35
N GLU C 520 23.27 -48.24 -22.85
CA GLU C 520 21.99 -47.48 -22.70
C GLU C 520 22.25 -46.24 -21.83
N VAL C 521 21.65 -45.11 -22.21
CA VAL C 521 21.78 -43.81 -21.49
C VAL C 521 20.68 -43.75 -20.43
N ILE C 522 20.96 -43.08 -19.30
CA ILE C 522 20.00 -42.92 -18.16
C ILE C 522 19.55 -41.45 -18.09
N MET C 523 20.44 -40.51 -18.41
CA MET C 523 20.13 -39.06 -18.49
C MET C 523 20.96 -38.39 -19.59
N GLY C 524 20.57 -37.18 -19.97
CA GLY C 524 21.30 -36.30 -20.91
C GLY C 524 20.92 -34.86 -20.67
N ALA C 525 21.76 -33.92 -21.10
CA ALA C 525 21.55 -32.46 -20.94
C ALA C 525 20.27 -32.03 -21.65
N ASN C 526 19.73 -32.89 -22.53
CA ASN C 526 18.48 -32.65 -23.28
C ASN C 526 17.26 -32.99 -22.39
N ASP C 527 17.50 -33.54 -21.19
CA ASP C 527 16.45 -34.03 -20.27
C ASP C 527 16.25 -33.07 -19.08
N VAL C 528 17.13 -32.07 -18.90
CA VAL C 528 17.07 -31.10 -17.78
C VAL C 528 15.96 -30.08 -18.04
N SER C 529 15.46 -29.46 -16.98
CA SER C 529 14.32 -28.49 -17.00
C SER C 529 14.78 -27.18 -17.64
N GLU C 530 13.98 -26.66 -18.57
CA GLU C 530 14.26 -25.39 -19.31
C GLU C 530 13.97 -24.18 -18.43
N LEU C 531 13.16 -24.34 -17.37
CA LEU C 531 12.70 -23.22 -16.51
C LEU C 531 13.85 -22.73 -15.62
N GLU C 532 14.36 -21.53 -15.91
CA GLU C 532 15.20 -20.71 -15.00
C GLU C 532 14.29 -20.17 -13.90
N SER C 533 14.80 -20.03 -12.68
CA SER C 533 14.04 -19.49 -11.51
C SER C 533 15.01 -18.92 -10.46
N GLN C 534 14.50 -18.03 -9.61
CA GLN C 534 15.29 -17.28 -8.60
C GLN C 534 15.83 -18.27 -7.55
N ALA C 535 17.15 -18.49 -7.55
CA ALA C 535 17.87 -19.31 -6.56
C ALA C 535 17.57 -18.80 -5.15
N GLN C 536 17.29 -19.72 -4.21
CA GLN C 536 16.95 -19.39 -2.80
C GLN C 536 18.12 -18.63 -2.15
N LEU C 537 19.32 -19.20 -2.24
CA LEU C 537 20.59 -18.61 -1.72
C LEU C 537 21.36 -17.99 -2.89
N MET C 538 22.37 -17.16 -2.57
CA MET C 538 23.16 -16.39 -3.56
C MET C 538 24.12 -17.34 -4.28
N ILE C 539 23.98 -17.45 -5.61
CA ILE C 539 24.85 -18.28 -6.48
C ILE C 539 26.01 -17.39 -6.96
N THR C 540 27.26 -17.79 -6.70
CA THR C 540 28.48 -17.06 -7.15
C THR C 540 29.31 -17.98 -8.05
N TYR C 541 29.94 -17.42 -9.08
CA TYR C 541 30.86 -18.12 -10.02
C TYR C 541 32.25 -17.50 -9.90
N ASP C 542 33.17 -18.22 -9.27
CA ASP C 542 34.48 -17.69 -8.81
C ASP C 542 35.48 -17.61 -9.97
N THR C 543 35.07 -17.98 -11.19
CA THR C 543 35.83 -17.74 -12.44
C THR C 543 35.52 -16.35 -12.96
N PRO C 544 36.52 -15.64 -13.56
CA PRO C 544 36.22 -14.44 -14.34
C PRO C 544 35.18 -14.81 -15.41
N LYS C 545 34.51 -13.79 -15.95
CA LYS C 545 33.36 -13.95 -16.89
C LYS C 545 32.34 -14.90 -16.24
N MET C 546 31.75 -14.45 -15.13
CA MET C 546 30.61 -15.11 -14.44
C MET C 546 29.31 -14.67 -15.11
N TRP C 547 29.31 -13.53 -15.81
CA TRP C 547 28.15 -12.95 -16.53
C TRP C 547 27.56 -13.96 -17.51
N GLU C 548 28.34 -14.97 -17.92
CA GLU C 548 27.97 -15.96 -18.96
C GLU C 548 26.77 -16.80 -18.49
N MET C 549 26.59 -16.99 -17.17
CA MET C 549 25.42 -17.70 -16.58
C MET C 549 24.27 -16.70 -16.30
N GLY C 550 24.42 -15.43 -16.69
CA GLY C 550 23.47 -14.35 -16.38
C GLY C 550 22.16 -14.51 -17.12
N THR C 551 21.29 -13.49 -17.07
CA THR C 551 19.98 -13.47 -17.76
C THR C 551 20.18 -13.03 -19.21
N THR C 552 19.10 -13.15 -20.01
CA THR C 552 19.03 -12.73 -21.42
C THR C 552 19.57 -11.29 -21.55
N LYS C 553 18.94 -10.35 -20.84
CA LYS C 553 19.24 -8.89 -20.95
C LYS C 553 20.67 -8.62 -20.46
N GLU C 554 21.10 -9.29 -19.38
CA GLU C 554 22.48 -9.18 -18.82
C GLU C 554 23.49 -9.62 -19.89
N LEU C 555 23.34 -10.85 -20.40
CA LEU C 555 24.22 -11.41 -21.47
C LEU C 555 24.21 -10.48 -22.68
N VAL C 556 23.03 -10.14 -23.18
CA VAL C 556 22.80 -9.22 -24.35
C VAL C 556 23.64 -7.95 -24.17
N GLN C 557 23.49 -7.28 -23.02
CA GLN C 557 24.18 -6.00 -22.70
C GLN C 557 25.69 -6.24 -22.60
N ASN C 558 26.10 -7.17 -21.72
CA ASN C 558 27.53 -7.48 -21.46
C ASN C 558 28.24 -7.85 -22.77
N THR C 559 27.54 -8.49 -23.71
CA THR C 559 28.07 -8.89 -25.05
C THR C 559 28.32 -7.63 -25.89
N TYR C 560 27.25 -6.91 -26.26
CA TYR C 560 27.31 -5.66 -27.07
C TYR C 560 28.32 -4.68 -26.45
N GLN C 561 28.39 -4.61 -25.11
CA GLN C 561 29.38 -3.77 -24.38
C GLN C 561 30.79 -4.22 -24.77
N TRP C 562 31.06 -5.52 -24.74
CA TRP C 562 32.36 -6.13 -25.10
C TRP C 562 32.63 -5.93 -26.60
N VAL C 563 31.58 -5.93 -27.44
CA VAL C 563 31.68 -5.62 -28.90
C VAL C 563 32.13 -4.17 -29.06
N LEU C 564 31.43 -3.22 -28.40
CA LEU C 564 31.78 -1.78 -28.41
C LEU C 564 33.23 -1.60 -27.93
N LYS C 565 33.58 -2.22 -26.80
CA LYS C 565 34.93 -2.13 -26.18
C LYS C 565 36.00 -2.41 -27.26
N ASN C 566 35.90 -3.56 -27.93
CA ASN C 566 36.93 -4.08 -28.88
C ASN C 566 36.51 -3.83 -30.33
N LEU C 567 35.60 -2.88 -30.57
CA LEU C 567 35.13 -2.49 -31.92
C LEU C 567 36.32 -2.04 -32.77
N VAL C 568 37.27 -1.32 -32.16
CA VAL C 568 38.53 -0.84 -32.80
C VAL C 568 39.17 -2.00 -33.59
N THR C 569 39.48 -3.10 -32.91
CA THR C 569 40.15 -4.30 -33.46
C THR C 569 39.14 -5.12 -34.28
N LEU C 570 38.05 -5.56 -33.64
CA LEU C 570 37.06 -6.51 -34.21
C LEU C 570 36.61 -6.05 -35.61
N LYS C 571 36.36 -4.74 -35.80
CA LYS C 571 35.92 -4.16 -37.11
C LYS C 571 37.06 -4.26 -38.12
N ALA C 572 38.30 -3.97 -37.70
CA ALA C 572 39.51 -3.99 -38.57
C ALA C 572 39.79 -5.44 -39.01
N GLN C 573 39.88 -6.36 -38.05
CA GLN C 573 40.13 -7.81 -38.28
C GLN C 573 39.10 -8.37 -39.27
N PHE C 574 37.87 -7.85 -39.26
CA PHE C 574 36.77 -8.25 -40.18
C PHE C 574 37.11 -7.82 -41.61
N LEU C 575 37.77 -6.67 -41.78
CA LEU C 575 38.11 -6.09 -43.10
C LEU C 575 39.36 -6.77 -43.69
N LEU C 576 40.07 -7.56 -42.88
CA LEU C 576 41.24 -8.39 -43.31
C LEU C 576 40.79 -9.86 -43.43
N GLY C 577 40.55 -10.53 -42.30
CA GLY C 577 40.04 -11.91 -42.23
C GLY C 577 38.52 -11.93 -42.20
N LYS C 578 37.91 -12.89 -42.91
CA LYS C 578 36.43 -12.95 -43.12
C LYS C 578 35.74 -13.53 -41.87
N GLU C 579 36.13 -14.74 -41.46
CA GLU C 579 35.46 -15.53 -40.38
C GLU C 579 36.42 -15.76 -39.20
N ASP C 580 37.56 -15.05 -39.17
CA ASP C 580 38.61 -15.19 -38.13
C ASP C 580 38.03 -14.81 -36.76
N MET C 581 37.21 -13.75 -36.71
CA MET C 581 36.77 -13.07 -35.46
C MET C 581 35.26 -13.28 -35.24
N PHE C 582 34.65 -14.28 -35.87
CA PHE C 582 33.25 -14.70 -35.61
C PHE C 582 33.22 -15.57 -34.35
N GLN C 583 34.28 -16.37 -34.15
CA GLN C 583 34.43 -17.28 -32.98
C GLN C 583 35.07 -16.52 -31.82
N TRP C 584 34.24 -16.00 -30.90
CA TRP C 584 34.66 -15.28 -29.68
C TRP C 584 33.80 -15.72 -28.48
N ASP C 585 34.46 -15.93 -27.34
CA ASP C 585 33.89 -16.57 -26.11
C ASP C 585 32.64 -15.80 -25.65
N ALA C 586 32.59 -14.49 -25.92
CA ALA C 586 31.44 -13.60 -25.62
C ALA C 586 30.23 -14.00 -26.47
N PHE C 587 30.44 -14.21 -27.77
CA PHE C 587 29.39 -14.57 -28.76
C PHE C 587 28.91 -16.01 -28.49
N GLU C 588 29.76 -16.83 -27.86
CA GLU C 588 29.40 -18.22 -27.43
C GLU C 588 28.31 -18.11 -26.35
N ALA C 589 28.64 -17.49 -25.22
CA ALA C 589 27.66 -17.17 -24.14
C ALA C 589 26.37 -16.66 -24.79
N PHE C 590 26.49 -15.63 -25.63
CA PHE C 590 25.35 -14.95 -26.31
C PHE C 590 24.47 -15.98 -27.04
N GLU C 591 25.05 -17.05 -27.59
CA GLU C 591 24.29 -18.09 -28.33
C GLU C 591 23.32 -18.81 -27.38
N SER C 592 23.70 -18.98 -26.10
CA SER C 592 22.95 -19.81 -25.11
C SER C 592 21.60 -19.17 -24.76
N ILE C 593 21.38 -17.91 -25.16
CA ILE C 593 20.09 -17.17 -24.99
C ILE C 593 19.42 -16.99 -26.35
N ILE C 594 19.92 -17.63 -27.41
CA ILE C 594 19.24 -17.69 -28.74
C ILE C 594 18.49 -19.02 -28.83
N PRO C 595 17.21 -19.01 -29.28
CA PRO C 595 16.49 -20.25 -29.53
C PRO C 595 17.28 -21.14 -30.51
N GLN C 596 17.68 -22.33 -30.04
CA GLN C 596 18.60 -23.27 -30.74
C GLN C 596 18.04 -23.59 -32.14
N LYS C 597 16.72 -23.55 -32.31
CA LYS C 597 16.00 -23.92 -33.55
C LYS C 597 15.94 -22.72 -34.51
N MET C 598 16.53 -21.57 -34.15
CA MET C 598 16.70 -20.39 -35.05
C MET C 598 18.14 -19.84 -35.00
N ALA C 599 18.95 -20.30 -34.03
CA ALA C 599 20.36 -19.88 -33.82
C ALA C 599 21.14 -19.88 -35.15
N GLY C 600 21.22 -21.04 -35.81
CA GLY C 600 21.94 -21.24 -37.08
C GLY C 600 21.36 -20.38 -38.19
N GLN C 601 20.04 -20.33 -38.31
CA GLN C 601 19.31 -19.52 -39.32
C GLN C 601 19.68 -18.04 -39.15
N TYR C 602 19.71 -17.53 -37.91
CA TYR C 602 20.06 -16.12 -37.61
C TYR C 602 21.51 -15.83 -38.06
N SER C 603 22.46 -16.70 -37.70
CA SER C 603 23.88 -16.63 -38.12
C SER C 603 23.99 -16.64 -39.65
N GLY C 604 23.29 -17.58 -40.30
CA GLY C 604 23.16 -17.66 -41.77
C GLY C 604 22.80 -16.32 -42.37
N PHE C 605 21.80 -15.65 -41.80
CA PHE C 605 21.29 -14.32 -42.22
C PHE C 605 22.36 -13.25 -41.97
N ALA C 606 22.80 -13.12 -40.71
CA ALA C 606 23.66 -12.02 -40.20
C ALA C 606 24.97 -11.94 -41.00
N ARG C 607 25.69 -13.07 -41.11
CA ARG C 607 27.03 -13.15 -41.77
C ARG C 607 26.94 -12.62 -43.21
N ALA C 608 25.88 -13.00 -43.92
CA ALA C 608 25.59 -12.57 -45.31
C ALA C 608 25.41 -11.04 -45.35
N VAL C 609 24.63 -10.48 -44.43
CA VAL C 609 24.36 -9.03 -44.32
C VAL C 609 25.67 -8.29 -43.97
N LEU C 610 26.48 -8.86 -43.07
CA LEU C 610 27.82 -8.30 -42.71
C LEU C 610 28.72 -8.31 -43.95
N LYS C 611 29.01 -9.49 -44.50
CA LYS C 611 29.85 -9.66 -45.72
C LYS C 611 29.34 -8.75 -46.83
N GLN C 612 28.02 -8.56 -46.93
CA GLN C 612 27.35 -7.70 -47.93
C GLN C 612 27.78 -6.24 -47.74
N MET C 613 27.99 -5.81 -46.49
CA MET C 613 28.44 -4.43 -46.16
C MET C 613 29.92 -4.27 -46.52
N ARG C 614 30.75 -5.23 -46.11
CA ARG C 614 32.24 -5.21 -46.30
C ARG C 614 32.57 -5.08 -47.80
N ASP C 615 31.97 -5.94 -48.62
CA ASP C 615 32.37 -6.19 -50.04
C ASP C 615 31.78 -5.11 -50.96
N GLN C 616 30.51 -4.72 -50.76
CA GLN C 616 29.77 -3.78 -51.64
C GLN C 616 29.88 -2.35 -51.11
N GLU C 617 30.88 -2.06 -50.27
CA GLU C 617 31.29 -0.69 -49.84
C GLU C 617 30.29 -0.10 -48.82
N VAL C 618 29.03 -0.55 -48.80
CA VAL C 618 27.91 0.04 -48.01
C VAL C 618 28.01 -0.47 -46.56
N MET C 619 28.68 0.28 -45.69
CA MET C 619 28.92 -0.08 -44.26
C MET C 619 27.84 0.56 -43.38
N LYS C 620 27.76 0.13 -42.12
CA LYS C 620 26.81 0.63 -41.08
C LYS C 620 27.21 0.03 -39.72
N THR C 621 28.01 0.79 -38.96
CA THR C 621 28.69 0.34 -37.71
C THR C 621 27.63 -0.09 -36.68
N ASP C 622 26.55 0.70 -36.54
CA ASP C 622 25.44 0.42 -35.59
C ASP C 622 24.85 -0.96 -35.91
N GLN C 623 24.70 -1.29 -37.20
CA GLN C 623 24.19 -2.61 -37.68
C GLN C 623 25.25 -3.68 -37.42
N PHE C 624 26.50 -3.45 -37.89
CA PHE C 624 27.65 -4.35 -37.65
C PHE C 624 27.63 -4.79 -36.18
N ILE C 625 27.66 -3.82 -35.27
CA ILE C 625 27.62 -4.03 -33.79
C ILE C 625 26.42 -4.91 -33.44
N LYS C 626 25.24 -4.59 -34.00
CA LYS C 626 23.95 -5.27 -33.69
C LYS C 626 24.01 -6.75 -34.08
N LEU C 627 24.48 -7.05 -35.30
CA LEU C 627 24.37 -8.41 -35.91
C LEU C 627 25.59 -9.26 -35.53
N LEU C 628 26.80 -8.68 -35.44
CA LEU C 628 28.06 -9.43 -35.25
C LEU C 628 27.88 -10.59 -34.25
N PRO C 629 27.30 -10.39 -33.05
CA PRO C 629 27.16 -11.47 -32.07
C PRO C 629 26.44 -12.73 -32.60
N PHE C 630 25.39 -12.56 -33.41
CA PHE C 630 24.55 -13.66 -33.96
C PHE C 630 25.42 -14.59 -34.80
N CYS C 631 26.47 -14.05 -35.42
CA CYS C 631 27.44 -14.75 -36.31
C CYS C 631 28.44 -15.59 -35.49
N PHE C 632 27.94 -16.62 -34.80
CA PHE C 632 28.75 -17.64 -34.07
C PHE C 632 28.22 -19.03 -34.39
N SER C 633 26.92 -19.26 -34.18
CA SER C 633 26.20 -20.52 -34.52
C SER C 633 26.50 -20.91 -35.96
N PRO C 634 27.02 -22.12 -36.23
CA PRO C 634 27.27 -22.56 -37.62
C PRO C 634 26.10 -22.21 -38.53
N PRO C 635 26.35 -21.52 -39.67
CA PRO C 635 25.27 -21.01 -40.53
C PRO C 635 24.27 -22.09 -40.99
N LYS C 636 22.99 -21.71 -41.10
CA LYS C 636 21.88 -22.57 -41.58
C LYS C 636 21.14 -21.81 -42.68
N LEU C 637 21.46 -22.09 -43.94
CA LEU C 637 20.87 -21.43 -45.15
C LEU C 637 19.63 -22.22 -45.58
N ARG C 638 18.83 -21.66 -46.49
CA ARG C 638 17.71 -22.38 -47.16
C ARG C 638 18.32 -23.40 -48.13
N SER C 639 17.49 -24.30 -48.67
CA SER C 639 17.92 -25.39 -49.58
C SER C 639 18.36 -24.84 -50.93
N ASN C 640 17.95 -23.61 -51.28
CA ASN C 640 18.26 -22.97 -52.59
C ASN C 640 19.50 -22.08 -52.49
N GLY C 641 20.33 -22.25 -51.44
CA GLY C 641 21.65 -21.62 -51.33
C GLY C 641 21.63 -20.28 -50.61
N GLU C 642 20.54 -19.51 -50.75
CA GLU C 642 20.40 -18.15 -50.18
C GLU C 642 20.06 -18.25 -48.69
N PRO C 643 20.47 -17.27 -47.85
CA PRO C 643 20.17 -17.29 -46.41
C PRO C 643 18.71 -16.95 -46.10
N TYR C 644 18.27 -17.28 -44.87
CA TYR C 644 16.94 -16.92 -44.34
C TYR C 644 16.90 -15.41 -44.07
N GLN C 645 15.76 -14.76 -44.32
CA GLN C 645 15.55 -13.29 -44.14
C GLN C 645 14.65 -13.06 -42.93
N PHE C 646 14.98 -12.07 -42.09
CA PHE C 646 14.30 -11.81 -40.80
C PHE C 646 13.99 -10.31 -40.63
N LEU C 647 12.91 -10.02 -39.90
CA LEU C 647 12.48 -8.66 -39.48
C LEU C 647 12.94 -8.43 -38.03
N LYS C 648 12.67 -9.40 -37.15
CA LYS C 648 13.13 -9.40 -35.73
C LYS C 648 13.73 -10.77 -35.39
N LEU C 649 14.69 -10.78 -34.46
CA LEU C 649 15.41 -11.98 -33.97
C LEU C 649 15.02 -12.21 -32.51
N VAL C 650 14.08 -13.12 -32.26
CA VAL C 650 13.53 -13.42 -30.91
C VAL C 650 14.61 -14.15 -30.11
N LEU C 651 14.75 -13.80 -28.83
CA LEU C 651 15.72 -14.44 -27.89
C LEU C 651 14.95 -15.11 -26.74
N LYS C 652 15.66 -15.89 -25.91
CA LYS C 652 15.09 -16.62 -24.75
C LYS C 652 14.62 -15.63 -23.70
N GLY C 653 13.43 -15.86 -23.13
CA GLY C 653 12.81 -15.01 -22.09
C GLY C 653 11.50 -14.40 -22.57
N GLY C 654 11.17 -13.21 -22.05
CA GLY C 654 9.90 -12.52 -22.33
C GLY C 654 9.82 -12.00 -23.75
N GLY C 655 8.61 -11.68 -24.22
CA GLY C 655 8.31 -11.25 -25.59
C GLY C 655 8.94 -9.92 -25.95
N GLU C 656 9.65 -9.29 -25.00
CA GLU C 656 10.42 -8.03 -25.21
C GLU C 656 11.89 -8.36 -25.53
N ASN C 657 12.32 -9.60 -25.26
CA ASN C 657 13.71 -10.05 -25.53
C ASN C 657 13.84 -10.40 -27.02
N PHE C 658 13.98 -9.38 -27.87
CA PHE C 658 14.16 -9.53 -29.35
C PHE C 658 14.95 -8.33 -29.90
N ILE C 659 15.68 -8.57 -31.00
CA ILE C 659 16.50 -7.56 -31.73
C ILE C 659 15.86 -7.31 -33.10
N GLU C 660 15.44 -6.07 -33.39
CA GLU C 660 14.84 -5.68 -34.70
C GLU C 660 15.97 -5.43 -35.71
N VAL C 661 15.79 -5.96 -36.93
CA VAL C 661 16.80 -5.88 -38.04
C VAL C 661 16.77 -4.47 -38.64
N ARG C 662 15.57 -3.93 -38.88
CA ARG C 662 15.33 -2.66 -39.63
C ARG C 662 15.30 -1.49 -38.64
N LYS C 663 14.57 -1.65 -37.52
CA LYS C 663 14.32 -0.58 -36.52
C LYS C 663 15.15 -0.84 -35.26
N GLY C 664 14.87 -0.08 -34.19
CA GLY C 664 15.31 -0.35 -32.82
C GLY C 664 14.34 -1.27 -32.11
N SER C 665 14.70 -1.72 -30.90
CA SER C 665 13.94 -2.72 -30.09
C SER C 665 14.28 -2.53 -28.61
N PRO C 666 13.40 -3.01 -27.70
CA PRO C 666 13.62 -2.88 -26.25
C PRO C 666 15.01 -3.32 -25.74
N LEU C 667 15.78 -4.07 -26.54
CA LEU C 667 17.15 -4.51 -26.19
C LEU C 667 18.21 -3.61 -26.84
N PHE C 668 17.92 -3.06 -28.04
CA PHE C 668 18.95 -2.42 -28.92
C PHE C 668 18.30 -1.42 -29.87
N SER C 669 18.70 -0.15 -29.79
CA SER C 669 18.36 0.92 -30.76
C SER C 669 19.47 1.97 -30.80
N TYR C 670 19.74 2.53 -31.98
CA TYR C 670 20.77 3.57 -32.23
C TYR C 670 20.08 4.89 -32.56
N ASN C 671 20.53 5.98 -31.92
CA ASN C 671 20.09 7.37 -32.19
C ASN C 671 21.20 8.06 -33.00
N PRO C 672 21.00 8.28 -34.32
CA PRO C 672 21.98 8.95 -35.16
C PRO C 672 22.18 10.44 -34.81
N GLN C 673 21.11 11.14 -34.43
CA GLN C 673 21.13 12.60 -34.10
C GLN C 673 22.17 12.86 -33.01
N THR C 674 22.16 12.03 -31.96
CA THR C 674 23.07 12.12 -30.78
C THR C 674 24.28 11.20 -30.98
N GLU C 675 24.22 10.31 -31.98
CA GLU C 675 25.18 9.19 -32.21
C GLU C 675 25.25 8.34 -30.93
N VAL C 676 24.09 8.01 -30.36
CA VAL C 676 23.97 7.31 -29.04
C VAL C 676 23.28 5.96 -29.23
N LEU C 677 24.00 4.88 -28.96
CA LEU C 677 23.47 3.49 -28.91
C LEU C 677 22.85 3.26 -27.51
N THR C 678 21.64 2.69 -27.46
CA THR C 678 20.90 2.41 -26.20
C THR C 678 20.72 0.89 -26.07
N ILE C 679 21.31 0.29 -25.02
CA ILE C 679 21.32 -1.18 -24.76
C ILE C 679 20.67 -1.45 -23.39
N CYS C 680 19.51 -2.11 -23.39
CA CYS C 680 18.71 -2.46 -22.18
C CYS C 680 18.51 -1.24 -21.29
N GLY C 681 18.45 -0.04 -21.88
CA GLY C 681 18.28 1.25 -21.17
C GLY C 681 19.58 2.03 -21.04
N ARG C 682 20.73 1.34 -21.00
CA ARG C 682 22.06 1.96 -20.76
C ARG C 682 22.53 2.63 -22.06
N MET C 683 22.95 3.89 -21.98
CA MET C 683 23.28 4.75 -23.15
C MET C 683 24.80 4.82 -23.34
N MET C 684 25.28 4.54 -24.55
CA MET C 684 26.71 4.53 -24.95
C MET C 684 26.88 5.41 -26.19
N SER C 685 27.94 6.22 -26.23
CA SER C 685 28.23 7.19 -27.33
C SER C 685 29.07 6.48 -28.41
N LEU C 686 28.61 6.54 -29.66
CA LEU C 686 29.36 6.02 -30.84
C LEU C 686 30.10 7.17 -31.54
N LYS C 687 30.20 8.34 -30.89
CA LYS C 687 31.00 9.48 -31.39
C LYS C 687 32.46 9.06 -31.46
N GLY C 688 33.13 9.36 -32.58
CA GLY C 688 34.53 8.98 -32.84
C GLY C 688 34.64 7.64 -33.54
N LYS C 689 33.86 6.65 -33.09
CA LYS C 689 33.79 5.28 -33.67
C LYS C 689 32.63 5.23 -34.67
N ILE C 690 32.68 6.07 -35.71
CA ILE C 690 31.65 6.21 -36.77
C ILE C 690 32.31 6.83 -38.01
N GLU C 691 32.02 6.29 -39.21
CA GLU C 691 32.58 6.76 -40.50
C GLU C 691 31.76 7.96 -40.99
N ASP C 692 32.37 8.81 -41.83
CA ASP C 692 31.80 10.11 -42.28
C ASP C 692 30.66 9.86 -43.29
N GLU C 693 30.81 8.83 -44.13
CA GLU C 693 29.85 8.48 -45.23
C GLU C 693 28.57 7.87 -44.65
N GLU C 694 28.65 7.19 -43.49
CA GLU C 694 27.54 6.42 -42.87
C GLU C 694 26.29 7.31 -42.72
N ARG C 695 26.44 8.51 -42.16
CA ARG C 695 25.32 9.43 -41.86
C ARG C 695 24.33 9.44 -43.03
N ASN C 696 24.79 9.83 -44.22
CA ASN C 696 23.97 9.95 -45.46
C ASN C 696 23.68 8.55 -46.03
N ARG C 697 24.55 7.58 -45.77
CA ARG C 697 24.43 6.17 -46.26
C ARG C 697 23.20 5.51 -45.64
N SER C 698 22.23 5.10 -46.46
CA SER C 698 20.95 4.46 -46.04
C SER C 698 21.22 3.15 -45.29
N MET C 699 20.21 2.67 -44.56
CA MET C 699 20.23 1.37 -43.86
C MET C 699 19.69 0.28 -44.79
N GLY C 700 18.78 0.64 -45.71
CA GLY C 700 18.09 -0.28 -46.64
C GLY C 700 18.95 -1.44 -47.10
N ASN C 701 20.27 -1.22 -47.24
CA ASN C 701 21.24 -2.21 -47.79
C ASN C 701 21.53 -3.32 -46.76
N ALA C 702 21.81 -2.96 -45.50
CA ALA C 702 22.18 -3.90 -44.42
C ALA C 702 20.94 -4.33 -43.63
N VAL C 703 19.88 -4.75 -44.34
CA VAL C 703 18.56 -5.17 -43.76
C VAL C 703 18.19 -6.56 -44.27
N LEU C 704 18.49 -6.85 -45.55
CA LEU C 704 18.26 -8.17 -46.20
C LEU C 704 19.56 -8.64 -46.86
N ALA C 705 19.85 -9.95 -46.76
CA ALA C 705 21.04 -10.59 -47.34
C ALA C 705 20.88 -10.70 -48.86
N GLY C 706 21.90 -10.28 -49.62
CA GLY C 706 21.91 -10.28 -51.10
C GLY C 706 20.92 -9.30 -51.69
N PHE C 707 20.50 -8.30 -50.92
CA PHE C 707 19.53 -7.24 -51.32
C PHE C 707 20.17 -5.86 -51.07
N LEU C 708 20.09 -4.97 -52.05
CA LEU C 708 20.66 -3.58 -51.96
C LEU C 708 19.66 -2.58 -52.56
N VAL C 709 19.72 -1.32 -52.12
CA VAL C 709 18.79 -0.23 -52.54
C VAL C 709 19.13 0.16 -53.98
N SER C 710 18.11 0.47 -54.80
CA SER C 710 18.27 0.98 -56.19
C SER C 710 17.79 2.44 -56.28
N GLY C 711 16.60 2.74 -55.74
CA GLY C 711 16.02 4.09 -55.67
C GLY C 711 15.02 4.21 -54.52
N LYS C 712 13.96 5.00 -54.72
CA LYS C 712 12.88 5.26 -53.71
C LYS C 712 11.60 4.55 -54.16
N TYR C 713 10.63 4.42 -53.24
CA TYR C 713 9.34 3.71 -53.41
C TYR C 713 8.76 3.98 -54.81
N ASP C 714 8.46 2.92 -55.56
CA ASP C 714 7.91 2.96 -56.93
C ASP C 714 6.47 2.43 -56.90
N PRO C 715 5.43 3.31 -56.90
CA PRO C 715 4.04 2.87 -56.88
C PRO C 715 3.68 1.76 -57.87
N ASP C 716 4.42 1.66 -58.99
CA ASP C 716 4.26 0.62 -60.04
C ASP C 716 4.49 -0.77 -59.44
N LEU C 717 5.44 -0.90 -58.51
CA LEU C 717 5.82 -2.21 -57.87
C LEU C 717 4.74 -2.66 -56.88
N GLY C 718 3.86 -1.76 -56.46
CA GLY C 718 2.73 -2.05 -55.57
C GLY C 718 3.10 -1.92 -54.11
N ASP C 719 2.53 -2.75 -53.24
CA ASP C 719 2.70 -2.66 -51.76
C ASP C 719 4.09 -3.18 -51.38
N PHE C 720 4.40 -3.17 -50.08
CA PHE C 720 5.70 -3.61 -49.51
C PHE C 720 5.71 -5.14 -49.40
N LYS C 721 6.76 -5.79 -49.90
CA LYS C 721 6.87 -7.29 -49.92
C LYS C 721 7.27 -7.80 -48.53
N THR C 722 6.64 -8.90 -48.09
CA THR C 722 6.93 -9.58 -46.80
C THR C 722 8.26 -10.35 -46.91
N ILE C 723 8.78 -10.84 -45.78
CA ILE C 723 9.97 -11.74 -45.71
C ILE C 723 9.82 -12.83 -46.78
N GLU C 724 8.65 -13.48 -46.83
CA GLU C 724 8.33 -14.62 -47.73
C GLU C 724 8.45 -14.14 -49.19
N GLU C 725 7.65 -13.14 -49.55
CA GLU C 725 7.59 -12.56 -50.92
C GLU C 725 8.99 -12.10 -51.35
N LEU C 726 9.79 -11.59 -50.41
CA LEU C 726 11.20 -11.15 -50.64
C LEU C 726 12.09 -12.37 -50.90
N GLU C 727 12.06 -13.37 -50.00
CA GLU C 727 12.83 -14.63 -50.12
C GLU C 727 12.50 -15.31 -51.46
N LYS C 728 11.23 -15.24 -51.90
CA LYS C 728 10.76 -15.85 -53.17
C LYS C 728 10.82 -14.81 -54.30
N LEU C 729 12.04 -14.33 -54.61
CA LEU C 729 12.34 -13.43 -55.76
C LEU C 729 13.61 -13.92 -56.47
N LYS C 730 13.67 -13.77 -57.79
CA LYS C 730 14.84 -14.14 -58.63
C LYS C 730 15.80 -12.96 -58.69
N PRO C 731 17.13 -13.18 -58.58
CA PRO C 731 18.12 -12.10 -58.57
C PRO C 731 17.89 -11.02 -59.65
N GLY C 732 18.09 -9.74 -59.27
CA GLY C 732 17.85 -8.57 -60.14
C GLY C 732 16.37 -8.25 -60.28
N GLU C 733 15.58 -8.50 -59.23
CA GLU C 733 14.14 -8.15 -59.16
C GLU C 733 13.94 -7.05 -58.10
N LYS C 734 13.31 -5.94 -58.51
CA LYS C 734 13.02 -4.76 -57.65
C LYS C 734 11.89 -5.13 -56.68
N ALA C 735 11.78 -4.39 -55.57
CA ALA C 735 10.77 -4.57 -54.51
C ALA C 735 10.71 -3.33 -53.61
N ASN C 736 9.55 -3.08 -53.00
CA ASN C 736 9.30 -1.98 -52.05
C ASN C 736 9.45 -2.50 -50.61
N ILE C 737 10.33 -1.87 -49.83
CA ILE C 737 10.62 -2.22 -48.40
C ILE C 737 10.28 -1.00 -47.53
N LEU C 738 9.84 -1.25 -46.29
CA LEU C 738 9.64 -0.23 -45.23
C LEU C 738 10.59 -0.53 -44.07
N LEU C 739 11.57 0.35 -43.83
CA LEU C 739 12.58 0.19 -42.75
C LEU C 739 11.91 0.49 -41.40
N TYR C 740 11.23 1.63 -41.30
CA TYR C 740 10.38 2.03 -40.15
C TYR C 740 9.44 3.17 -40.60
N GLN C 741 8.32 3.31 -39.88
CA GLN C 741 7.21 4.25 -40.21
C GLN C 741 7.76 5.49 -40.91
N GLY C 742 7.43 5.67 -42.19
CA GLY C 742 7.77 6.84 -43.00
C GLY C 742 9.18 6.79 -43.56
N LYS C 743 9.73 5.59 -43.79
CA LYS C 743 11.00 5.40 -44.57
C LYS C 743 10.81 4.31 -45.61
N PRO C 744 9.98 4.53 -46.67
CA PRO C 744 9.91 3.62 -47.82
C PRO C 744 11.23 3.59 -48.60
N VAL C 745 11.63 2.41 -49.08
CA VAL C 745 12.89 2.20 -49.86
C VAL C 745 12.60 1.21 -51.00
N LYS C 746 13.29 1.38 -52.13
CA LYS C 746 13.20 0.48 -53.31
C LYS C 746 14.46 -0.40 -53.37
N VAL C 747 14.31 -1.68 -53.00
CA VAL C 747 15.44 -2.64 -52.81
C VAL C 747 15.35 -3.71 -53.91
N VAL C 748 16.52 -4.11 -54.43
CA VAL C 748 16.70 -5.09 -55.53
C VAL C 748 17.64 -6.20 -55.04
N LYS C 749 17.53 -7.39 -55.64
CA LYS C 749 18.35 -8.59 -55.31
C LYS C 749 19.65 -8.54 -56.12
PA M7G D 1 7.60 -31.63 -12.57
O1A M7G D 1 6.39 -30.98 -12.02
O2A M7G D 1 7.67 -31.96 -14.02
O3A M7G D 1 8.86 -30.72 -12.20
O5' M7G D 1 7.88 -32.96 -11.74
PB M7G D 1 10.09 -30.10 -13.08
O1B M7G D 1 11.24 -29.90 -12.12
O2B M7G D 1 10.40 -31.10 -14.17
O3B M7G D 1 9.51 -28.71 -13.66
C5' M7G D 1 8.61 -32.89 -10.50
C4' M7G D 1 9.82 -33.80 -10.57
O4' M7G D 1 9.36 -35.15 -10.82
C3' M7G D 1 10.84 -33.51 -11.68
O3' M7G D 1 12.15 -33.83 -11.25
C2' M7G D 1 10.34 -34.39 -12.82
O2' M7G D 1 11.38 -34.81 -13.68
C1' M7G D 1 9.84 -35.60 -12.09
N9 M7G D 1 8.76 -36.30 -12.78
C8 M7G D 1 7.48 -35.95 -12.84
N7 M7G D 1 6.74 -36.94 -13.32
CM7 M7G D 1 5.28 -37.00 -13.31
C5 M7G D 1 7.60 -37.91 -13.79
C6 M7G D 1 7.39 -39.12 -14.50
O6 M7G D 1 6.32 -39.60 -14.86
N1 M7G D 1 8.57 -39.76 -14.77
C2 M7G D 1 9.81 -39.32 -14.42
N2 M7G D 1 10.85 -40.09 -14.76
N3 M7G D 1 10.01 -38.19 -13.75
C4 M7G D 1 8.89 -37.51 -13.47
P PO4 G . 30.66 27.51 -12.11
O1 PO4 G . 29.43 27.10 -11.31
O2 PO4 G . 31.51 28.47 -11.26
O3 PO4 G . 31.48 26.28 -12.46
O4 PO4 G . 30.22 28.23 -13.38
N1 CTP H . -10.51 9.69 -7.51
C2 CTP H . -10.94 9.76 -6.18
N3 CTP H . -10.30 10.58 -5.31
C4 CTP H . -9.26 11.32 -5.72
C5 CTP H . -8.80 11.26 -7.08
C6 CTP H . -9.46 10.45 -7.92
O2 CTP H . -11.90 9.06 -5.82
N4 CTP H . -8.66 12.12 -4.84
C1' CTP H . -11.24 8.77 -8.43
C2' CTP H . -12.64 9.28 -8.80
O2' CTP H . -13.45 8.16 -9.11
C3' CTP H . -12.31 10.12 -10.03
C4' CTP H . -11.28 9.22 -10.73
O4' CTP H . -10.52 8.66 -9.64
O3' CTP H . -13.44 10.37 -10.86
C5' CTP H . -10.36 9.89 -11.73
O5' CTP H . -9.85 11.13 -11.19
PA CTP H . -9.07 12.13 -12.18
O1A CTP H . -8.09 12.94 -11.40
O2A CTP H . -8.54 11.37 -13.35
O3A CTP H . -10.26 13.08 -12.67
PB CTP H . -11.57 12.89 -13.57
O1B CTP H . -12.66 12.27 -12.75
O2B CTP H . -11.18 12.25 -14.86
O3B CTP H . -11.97 14.42 -13.87
PG CTP H . -11.57 15.45 -15.05
O1G CTP H . -12.72 15.43 -16.02
O2G CTP H . -10.29 14.92 -15.64
O3G CTP H . -11.39 16.80 -14.39
MG MG I . -9.62 12.41 -16.05
#